data_2F5C
# 
_entry.id   2F5C 
# 
_audit_conform.dict_name       mmcif_pdbx.dic 
_audit_conform.dict_version    5.376 
_audit_conform.dict_location   http://mmcif.pdb.org/dictionaries/ascii/mmcif_pdbx.dic 
# 
loop_
_database_2.database_id 
_database_2.database_code 
_database_2.pdbx_database_accession 
_database_2.pdbx_DOI 
PDB   2F5C         pdb_00002f5c 10.2210/pdb2f5c/pdb 
RCSB  RCSB035469   ?            ?                   
WWPDB D_1000035469 ?            ?                   
# 
loop_
_pdbx_database_related.db_name 
_pdbx_database_related.db_id 
_pdbx_database_related.details 
_pdbx_database_related.content_type 
PDB 1ON1 'MNTR BOUND TO MANGANESE, AB CONFORMATION'         unspecified 
PDB 2F5D 'MNTR bound to manganese, AC conformation, pH 6.5' unspecified 
PDB 2F5E 'MNTR bound to manganese, AB conformation, pH 6.5' unspecified 
PDB 2F5F 'MNTR bound to manganese, AC conformation, pH 8.5' unspecified 
# 
_pdbx_database_status.status_code                     REL 
_pdbx_database_status.entry_id                        2F5C 
_pdbx_database_status.recvd_initial_deposition_date   2005-11-25 
_pdbx_database_status.deposit_site                    RCSB 
_pdbx_database_status.process_site                    RCSB 
_pdbx_database_status.status_code_sf                  REL 
_pdbx_database_status.status_code_mr                  ? 
_pdbx_database_status.SG_entry                        ? 
_pdbx_database_status.pdb_format_compatible           Y 
_pdbx_database_status.status_code_cs                  ? 
_pdbx_database_status.status_code_nmr_data            ? 
_pdbx_database_status.methods_development_category    ? 
# 
loop_
_audit_author.name 
_audit_author.pdbx_ordinal 
'Kliegman, J.I.' 1 
'Griner, S.L.'   2 
'Helmann, J.D.'  3 
'Brennan, R.G.'  4 
'Glasfeld, A.'   5 
# 
_citation.id                        primary 
_citation.title                     
'Structural Basis for the Metal-Selective Activation of the Manganese Transport Regulator of Bacillus subtilis.' 
_citation.journal_abbrev            Biochemistry 
_citation.journal_volume            45 
_citation.page_first                3493 
_citation.page_last                 3505 
_citation.year                      2006 
_citation.journal_id_ASTM           BICHAW 
_citation.country                   US 
_citation.journal_id_ISSN           0006-2960 
_citation.journal_id_CSD            0033 
_citation.book_publisher            ? 
_citation.pdbx_database_id_PubMed   16533030 
_citation.pdbx_database_id_DOI      10.1021/bi0524215 
# 
loop_
_citation_author.citation_id 
_citation_author.name 
_citation_author.ordinal 
_citation_author.identifier_ORCID 
primary 'Kliegman, J.I.' 1 ? 
primary 'Griner, S.L.'   2 ? 
primary 'Helmann, J.D.'  3 ? 
primary 'Brennan, R.G.'  4 ? 
primary 'Glasfeld, A.'   5 ? 
# 
_cell.entry_id           2F5C 
_cell.length_a           41.320 
_cell.length_b           41.320 
_cell.length_c           301.430 
_cell.angle_alpha        90.00 
_cell.angle_beta         90.00 
_cell.angle_gamma        120.00 
_cell.Z_PDB              12 
_cell.pdbx_unique_axis   ? 
_cell.length_a_esd       ? 
_cell.length_b_esd       ? 
_cell.length_c_esd       ? 
_cell.angle_alpha_esd    ? 
_cell.angle_beta_esd     ? 
_cell.angle_gamma_esd    ? 
# 
_symmetry.entry_id                         2F5C 
_symmetry.space_group_name_H-M             'P 65 2 2' 
_symmetry.pdbx_full_space_group_name_H-M   ? 
_symmetry.cell_setting                     ? 
_symmetry.Int_Tables_number                179 
_symmetry.space_group_name_Hall            ? 
# 
loop_
_entity.id 
_entity.type 
_entity.src_method 
_entity.pdbx_description 
_entity.formula_weight 
_entity.pdbx_number_of_molecules 
_entity.pdbx_ec 
_entity.pdbx_mutation 
_entity.pdbx_fragment 
_entity.details 
1 polymer     man 'Transcriptional regulator mntR' 16787.133 1 ? ? ? ? 
2 non-polymer syn 'MANGANESE (II) ION'             54.938    2 ? ? ? ? 
3 non-polymer syn 'SULFATE ION'                    96.063    2 ? ? ? ? 
4 water       nat water                            18.015    8 ? ? ? ? 
# 
_entity_name_com.entity_id   1 
_entity_name_com.name        'Manganese transport regulator' 
# 
_entity_poly.entity_id                      1 
_entity_poly.type                           'polypeptide(L)' 
_entity_poly.nstd_linkage                   no 
_entity_poly.nstd_monomer                   no 
_entity_poly.pdbx_seq_one_letter_code       
;MTTPSMEDYIEQIYMLIEEKGYARVSDIAEALAVHPSSVTKMVQKLDKDEYLIYEKYRGLVLTSKGKKIGKRLVYRHELL
EQFLRIIGVDEEKIYNDVEGIEHHLSWNSIDRIGDLVQYFEEDDARKKDLKSIQKKTEHHNQ
;
_entity_poly.pdbx_seq_one_letter_code_can   
;MTTPSMEDYIEQIYMLIEEKGYARVSDIAEALAVHPSSVTKMVQKLDKDEYLIYEKYRGLVLTSKGKKIGKRLVYRHELL
EQFLRIIGVDEEKIYNDVEGIEHHLSWNSIDRIGDLVQYFEEDDARKKDLKSIQKKTEHHNQ
;
_entity_poly.pdbx_strand_id                 A 
_entity_poly.pdbx_target_identifier         ? 
# 
loop_
_entity_poly_seq.entity_id 
_entity_poly_seq.num 
_entity_poly_seq.mon_id 
_entity_poly_seq.hetero 
1 1   MET n 
1 2   THR n 
1 3   THR n 
1 4   PRO n 
1 5   SER n 
1 6   MET n 
1 7   GLU n 
1 8   ASP n 
1 9   TYR n 
1 10  ILE n 
1 11  GLU n 
1 12  GLN n 
1 13  ILE n 
1 14  TYR n 
1 15  MET n 
1 16  LEU n 
1 17  ILE n 
1 18  GLU n 
1 19  GLU n 
1 20  LYS n 
1 21  GLY n 
1 22  TYR n 
1 23  ALA n 
1 24  ARG n 
1 25  VAL n 
1 26  SER n 
1 27  ASP n 
1 28  ILE n 
1 29  ALA n 
1 30  GLU n 
1 31  ALA n 
1 32  LEU n 
1 33  ALA n 
1 34  VAL n 
1 35  HIS n 
1 36  PRO n 
1 37  SER n 
1 38  SER n 
1 39  VAL n 
1 40  THR n 
1 41  LYS n 
1 42  MET n 
1 43  VAL n 
1 44  GLN n 
1 45  LYS n 
1 46  LEU n 
1 47  ASP n 
1 48  LYS n 
1 49  ASP n 
1 50  GLU n 
1 51  TYR n 
1 52  LEU n 
1 53  ILE n 
1 54  TYR n 
1 55  GLU n 
1 56  LYS n 
1 57  TYR n 
1 58  ARG n 
1 59  GLY n 
1 60  LEU n 
1 61  VAL n 
1 62  LEU n 
1 63  THR n 
1 64  SER n 
1 65  LYS n 
1 66  GLY n 
1 67  LYS n 
1 68  LYS n 
1 69  ILE n 
1 70  GLY n 
1 71  LYS n 
1 72  ARG n 
1 73  LEU n 
1 74  VAL n 
1 75  TYR n 
1 76  ARG n 
1 77  HIS n 
1 78  GLU n 
1 79  LEU n 
1 80  LEU n 
1 81  GLU n 
1 82  GLN n 
1 83  PHE n 
1 84  LEU n 
1 85  ARG n 
1 86  ILE n 
1 87  ILE n 
1 88  GLY n 
1 89  VAL n 
1 90  ASP n 
1 91  GLU n 
1 92  GLU n 
1 93  LYS n 
1 94  ILE n 
1 95  TYR n 
1 96  ASN n 
1 97  ASP n 
1 98  VAL n 
1 99  GLU n 
1 100 GLY n 
1 101 ILE n 
1 102 GLU n 
1 103 HIS n 
1 104 HIS n 
1 105 LEU n 
1 106 SER n 
1 107 TRP n 
1 108 ASN n 
1 109 SER n 
1 110 ILE n 
1 111 ASP n 
1 112 ARG n 
1 113 ILE n 
1 114 GLY n 
1 115 ASP n 
1 116 LEU n 
1 117 VAL n 
1 118 GLN n 
1 119 TYR n 
1 120 PHE n 
1 121 GLU n 
1 122 GLU n 
1 123 ASP n 
1 124 ASP n 
1 125 ALA n 
1 126 ARG n 
1 127 LYS n 
1 128 LYS n 
1 129 ASP n 
1 130 LEU n 
1 131 LYS n 
1 132 SER n 
1 133 ILE n 
1 134 GLN n 
1 135 LYS n 
1 136 LYS n 
1 137 THR n 
1 138 GLU n 
1 139 HIS n 
1 140 HIS n 
1 141 ASN n 
1 142 GLN n 
# 
_entity_src_gen.entity_id                          1 
_entity_src_gen.pdbx_src_id                        1 
_entity_src_gen.pdbx_alt_source_flag               sample 
_entity_src_gen.pdbx_seq_type                      ? 
_entity_src_gen.pdbx_beg_seq_num                   ? 
_entity_src_gen.pdbx_end_seq_num                   ? 
_entity_src_gen.gene_src_common_name               ? 
_entity_src_gen.gene_src_genus                     Bacillus 
_entity_src_gen.pdbx_gene_src_gene                 mntR 
_entity_src_gen.gene_src_species                   ? 
_entity_src_gen.gene_src_strain                    ? 
_entity_src_gen.gene_src_tissue                    ? 
_entity_src_gen.gene_src_tissue_fraction           ? 
_entity_src_gen.gene_src_details                   ? 
_entity_src_gen.pdbx_gene_src_fragment             ? 
_entity_src_gen.pdbx_gene_src_scientific_name      'Bacillus subtilis' 
_entity_src_gen.pdbx_gene_src_ncbi_taxonomy_id     1423 
_entity_src_gen.pdbx_gene_src_variant              ? 
_entity_src_gen.pdbx_gene_src_cell_line            ? 
_entity_src_gen.pdbx_gene_src_atcc                 ? 
_entity_src_gen.pdbx_gene_src_organ                ? 
_entity_src_gen.pdbx_gene_src_organelle            ? 
_entity_src_gen.pdbx_gene_src_cell                 ? 
_entity_src_gen.pdbx_gene_src_cellular_location    ? 
_entity_src_gen.host_org_common_name               ? 
_entity_src_gen.pdbx_host_org_scientific_name      'Escherichia coli' 
_entity_src_gen.pdbx_host_org_ncbi_taxonomy_id     562 
_entity_src_gen.host_org_genus                     Escherichia 
_entity_src_gen.pdbx_host_org_gene                 ? 
_entity_src_gen.pdbx_host_org_organ                ? 
_entity_src_gen.host_org_species                   ? 
_entity_src_gen.pdbx_host_org_tissue               ? 
_entity_src_gen.pdbx_host_org_tissue_fraction      ? 
_entity_src_gen.pdbx_host_org_strain               'BL21(DE3)-RIL' 
_entity_src_gen.pdbx_host_org_variant              ? 
_entity_src_gen.pdbx_host_org_cell_line            ? 
_entity_src_gen.pdbx_host_org_atcc                 ? 
_entity_src_gen.pdbx_host_org_culture_collection   ? 
_entity_src_gen.pdbx_host_org_cell                 ? 
_entity_src_gen.pdbx_host_org_organelle            ? 
_entity_src_gen.pdbx_host_org_cellular_location    ? 
_entity_src_gen.pdbx_host_org_vector_type          PLASMID 
_entity_src_gen.pdbx_host_org_vector               ? 
_entity_src_gen.host_org_details                   ? 
_entity_src_gen.expression_system_id               ? 
_entity_src_gen.plasmid_name                       PHB7506 
_entity_src_gen.plasmid_details                    ? 
_entity_src_gen.pdbx_description                   ? 
# 
_struct_ref.id                         1 
_struct_ref.db_name                    UNP 
_struct_ref.db_code                    MNTR_BACSU 
_struct_ref.pdbx_db_accession          P54512 
_struct_ref.entity_id                  1 
_struct_ref.pdbx_seq_one_letter_code   
;MTTPSMEDYIEQIYMLIEEKGYARVSDIAEALAVHPSSVTKMVQKLDKDEYLIYEKYRGLVLTSKGKKIGKRLVYRHELL
DQFLRIIGVDEEKIYNDVEGIEHHLSWNSIDRIGDLVQYFEEDDARKKDLKSIQKKTEHHNQ
;
_struct_ref.pdbx_align_begin           1 
_struct_ref.pdbx_db_isoform            ? 
# 
_struct_ref_seq.align_id                      1 
_struct_ref_seq.ref_id                        1 
_struct_ref_seq.pdbx_PDB_id_code              2F5C 
_struct_ref_seq.pdbx_strand_id                A 
_struct_ref_seq.seq_align_beg                 1 
_struct_ref_seq.pdbx_seq_align_beg_ins_code   ? 
_struct_ref_seq.seq_align_end                 142 
_struct_ref_seq.pdbx_seq_align_end_ins_code   ? 
_struct_ref_seq.pdbx_db_accession             P54512 
_struct_ref_seq.db_align_beg                  1 
_struct_ref_seq.pdbx_db_align_beg_ins_code    ? 
_struct_ref_seq.db_align_end                  142 
_struct_ref_seq.pdbx_db_align_end_ins_code    ? 
_struct_ref_seq.pdbx_auth_seq_align_beg       1 
_struct_ref_seq.pdbx_auth_seq_align_end       142 
# 
_struct_ref_seq_dif.align_id                     1 
_struct_ref_seq_dif.pdbx_pdb_id_code             2F5C 
_struct_ref_seq_dif.mon_id                       GLU 
_struct_ref_seq_dif.pdbx_pdb_strand_id           A 
_struct_ref_seq_dif.seq_num                      81 
_struct_ref_seq_dif.pdbx_pdb_ins_code            ? 
_struct_ref_seq_dif.pdbx_seq_db_name             UNP 
_struct_ref_seq_dif.pdbx_seq_db_accession_code   P54512 
_struct_ref_seq_dif.db_mon_id                    ASP 
_struct_ref_seq_dif.pdbx_seq_db_seq_num          81 
_struct_ref_seq_dif.details                      'SEE REMARK 999' 
_struct_ref_seq_dif.pdbx_auth_seq_num            81 
_struct_ref_seq_dif.pdbx_ordinal                 1 
# 
loop_
_chem_comp.id 
_chem_comp.type 
_chem_comp.mon_nstd_flag 
_chem_comp.name 
_chem_comp.pdbx_synonyms 
_chem_comp.formula 
_chem_comp.formula_weight 
ALA 'L-peptide linking' y ALANINE              ? 'C3 H7 N O2'     89.093  
ARG 'L-peptide linking' y ARGININE             ? 'C6 H15 N4 O2 1' 175.209 
ASN 'L-peptide linking' y ASPARAGINE           ? 'C4 H8 N2 O3'    132.118 
ASP 'L-peptide linking' y 'ASPARTIC ACID'      ? 'C4 H7 N O4'     133.103 
GLN 'L-peptide linking' y GLUTAMINE            ? 'C5 H10 N2 O3'   146.144 
GLU 'L-peptide linking' y 'GLUTAMIC ACID'      ? 'C5 H9 N O4'     147.129 
GLY 'peptide linking'   y GLYCINE              ? 'C2 H5 N O2'     75.067  
HIS 'L-peptide linking' y HISTIDINE            ? 'C6 H10 N3 O2 1' 156.162 
HOH non-polymer         . WATER                ? 'H2 O'           18.015  
ILE 'L-peptide linking' y ISOLEUCINE           ? 'C6 H13 N O2'    131.173 
LEU 'L-peptide linking' y LEUCINE              ? 'C6 H13 N O2'    131.173 
LYS 'L-peptide linking' y LYSINE               ? 'C6 H15 N2 O2 1' 147.195 
MET 'L-peptide linking' y METHIONINE           ? 'C5 H11 N O2 S'  149.211 
MN  non-polymer         . 'MANGANESE (II) ION' ? 'Mn 2'           54.938  
PHE 'L-peptide linking' y PHENYLALANINE        ? 'C9 H11 N O2'    165.189 
PRO 'L-peptide linking' y PROLINE              ? 'C5 H9 N O2'     115.130 
SER 'L-peptide linking' y SERINE               ? 'C3 H7 N O3'     105.093 
SO4 non-polymer         . 'SULFATE ION'        ? 'O4 S -2'        96.063  
THR 'L-peptide linking' y THREONINE            ? 'C4 H9 N O3'     119.119 
TRP 'L-peptide linking' y TRYPTOPHAN           ? 'C11 H12 N2 O2'  204.225 
TYR 'L-peptide linking' y TYROSINE             ? 'C9 H11 N O3'    181.189 
VAL 'L-peptide linking' y VALINE               ? 'C5 H11 N O2'    117.146 
# 
_exptl.entry_id          2F5C 
_exptl.method            'X-RAY DIFFRACTION' 
_exptl.crystals_number   1 
# 
_exptl_crystal.id                    1 
_exptl_crystal.density_meas          ? 
_exptl_crystal.density_Matthews      2.21 
_exptl_crystal.density_percent_sol   44.40 
_exptl_crystal.description           ? 
_exptl_crystal.F_000                 ? 
_exptl_crystal.preparation           ? 
# 
_exptl_crystal_grow.crystal_id      1 
_exptl_crystal_grow.method          'VAPOR DIFFUSION, HANGING DROP' 
_exptl_crystal_grow.temp            293 
_exptl_crystal_grow.temp_details    ? 
_exptl_crystal_grow.pH              8.50 
_exptl_crystal_grow.pdbx_details    
'25% PEG 400, 0.12 M LITHIUM  SULFATE, PH 8.50, 23 BP DUPLEX DNA PRESENT, VAPOR DIFFUSION, HANGING DROP, temperature 293K' 
_exptl_crystal_grow.pdbx_pH_range   . 
# 
_diffrn.id                     1 
_diffrn.ambient_temp           100.0 
_diffrn.ambient_temp_details   ? 
_diffrn.crystal_id             1 
# 
_diffrn_detector.diffrn_id              1 
_diffrn_detector.detector               CCD 
_diffrn_detector.type                   NOIR-1 
_diffrn_detector.pdbx_collection_date   2005-04-09 
_diffrn_detector.details                ? 
# 
_diffrn_radiation.diffrn_id                        1 
_diffrn_radiation.wavelength_id                    1 
_diffrn_radiation.pdbx_monochromatic_or_laue_m_l   M 
_diffrn_radiation.monochromator                    ? 
_diffrn_radiation.pdbx_diffrn_protocol             'SINGLE WAVELENGTH' 
_diffrn_radiation.pdbx_scattering_type             x-ray 
# 
_diffrn_radiation_wavelength.id           1 
_diffrn_radiation_wavelength.wavelength   1.1271 
_diffrn_radiation_wavelength.wt           1.0 
# 
_diffrn_source.diffrn_id                   1 
_diffrn_source.source                      SYNCHROTRON 
_diffrn_source.type                        'ALS BEAMLINE 4.2.2' 
_diffrn_source.pdbx_synchrotron_site       ALS 
_diffrn_source.pdbx_synchrotron_beamline   4.2.2 
_diffrn_source.pdbx_wavelength             1.1271 
_diffrn_source.pdbx_wavelength_list        ? 
# 
_reflns.entry_id                     2F5C 
_reflns.observed_criterion_sigma_I   0.000 
_reflns.observed_criterion_sigma_F   ? 
_reflns.d_resolution_low             40.000 
_reflns.d_resolution_high            2.4 
_reflns.number_obs                   5959 
_reflns.number_all                   ? 
_reflns.percent_possible_obs         92.6 
_reflns.pdbx_Rmerge_I_obs            0.048 
_reflns.pdbx_Rsym_value              ? 
_reflns.pdbx_netI_over_sigmaI        6.6 
_reflns.B_iso_Wilson_estimate        29.1 
_reflns.pdbx_redundancy              ? 
_reflns.R_free_details               ? 
_reflns.limit_h_max                  ? 
_reflns.limit_h_min                  ? 
_reflns.limit_k_max                  ? 
_reflns.limit_k_min                  ? 
_reflns.limit_l_max                  ? 
_reflns.limit_l_min                  ? 
_reflns.observed_criterion_F_max     ? 
_reflns.observed_criterion_F_min     ? 
_reflns.pdbx_chi_squared             ? 
_reflns.pdbx_scaling_rejects         ? 
_reflns.pdbx_ordinal                 1 
_reflns.pdbx_diffrn_id               1 
# 
_reflns_shell.d_res_high             2.40 
_reflns_shell.d_res_low              2.49 
_reflns_shell.percent_possible_all   48.9 
_reflns_shell.Rmerge_I_obs           0.323 
_reflns_shell.pdbx_Rsym_value        ? 
_reflns_shell.meanI_over_sigI_obs    19.8 
_reflns_shell.pdbx_redundancy        ? 
_reflns_shell.percent_possible_obs   ? 
_reflns_shell.number_unique_all      ? 
_reflns_shell.number_measured_all    ? 
_reflns_shell.number_measured_obs    ? 
_reflns_shell.number_unique_obs      ? 
_reflns_shell.pdbx_chi_squared       ? 
_reflns_shell.pdbx_ordinal           1 
_reflns_shell.pdbx_diffrn_id         1 
# 
_refine.entry_id                                 2F5C 
_refine.ls_number_reflns_obs                     5943 
_refine.ls_number_reflns_all                     ? 
_refine.pdbx_ls_sigma_I                          ? 
_refine.pdbx_ls_sigma_F                          0.0 
_refine.pdbx_data_cutoff_high_absF               1586606.53 
_refine.pdbx_data_cutoff_low_absF                0.000000 
_refine.pdbx_data_cutoff_high_rms_absF           1586606.53 
_refine.ls_d_res_low                             19.93 
_refine.ls_d_res_high                            2.40 
_refine.ls_percent_reflns_obs                    88.0 
_refine.ls_R_factor_obs                          0.248 
_refine.ls_R_factor_all                          ? 
_refine.ls_R_factor_R_work                       0.248 
_refine.ls_R_factor_R_free                       0.303 
_refine.ls_R_factor_R_free_error                 0.012 
_refine.ls_R_factor_R_free_error_details         ? 
_refine.ls_percent_reflns_R_free                 10.9 
_refine.ls_number_reflns_R_free                  648 
_refine.ls_number_parameters                     ? 
_refine.ls_number_restraints                     ? 
_refine.occupancy_min                            ? 
_refine.occupancy_max                            ? 
_refine.correlation_coeff_Fo_to_Fc               ? 
_refine.correlation_coeff_Fo_to_Fc_free          ? 
_refine.B_iso_mean                               44.8 
_refine.aniso_B[1][1]                            4.07 
_refine.aniso_B[2][2]                            4.07 
_refine.aniso_B[3][3]                            -8.14 
_refine.aniso_B[1][2]                            6.46 
_refine.aniso_B[1][3]                            0.00 
_refine.aniso_B[2][3]                            0.00 
_refine.solvent_model_details                    'FLAT MODEL' 
_refine.solvent_model_param_ksol                 0.334406 
_refine.solvent_model_param_bsol                 21.6918 
_refine.pdbx_solvent_vdw_probe_radii             ? 
_refine.pdbx_solvent_ion_probe_radii             ? 
_refine.pdbx_solvent_shrinkage_radii             ? 
_refine.pdbx_ls_cross_valid_method               THROUGHOUT 
_refine.details                                  ? 
_refine.pdbx_starting_model                      'PDB ENTRY 1ON1' 
_refine.pdbx_method_to_determine_struct          'MOLECULAR REPLACEMENT' 
_refine.pdbx_isotropic_thermal_model             RESTRAINED 
_refine.pdbx_stereochemistry_target_values       ? 
_refine.pdbx_stereochem_target_val_spec_case     ? 
_refine.pdbx_R_Free_selection_details            RANDOM 
_refine.pdbx_overall_ESU_R                       ? 
_refine.pdbx_overall_ESU_R_Free                  ? 
_refine.overall_SU_ML                            ? 
_refine.overall_SU_B                             ? 
_refine.ls_redundancy_reflns_obs                 ? 
_refine.B_iso_min                                ? 
_refine.B_iso_max                                ? 
_refine.overall_SU_R_Cruickshank_DPI             ? 
_refine.overall_SU_R_free                        ? 
_refine.ls_wR_factor_R_free                      ? 
_refine.ls_wR_factor_R_work                      ? 
_refine.overall_FOM_free_R_set                   ? 
_refine.overall_FOM_work_R_set                   ? 
_refine.pdbx_refine_id                           'X-RAY DIFFRACTION' 
_refine.pdbx_diffrn_id                           1 
_refine.pdbx_TLS_residual_ADP_flag               ? 
_refine.pdbx_overall_phase_error                 ? 
_refine.pdbx_overall_SU_R_free_Cruickshank_DPI   ? 
_refine.pdbx_overall_SU_R_Blow_DPI               ? 
_refine.pdbx_overall_SU_R_free_Blow_DPI          ? 
# 
_refine_analyze.entry_id                        2F5C 
_refine_analyze.Luzzati_coordinate_error_obs    0.34 
_refine_analyze.Luzzati_sigma_a_obs             0.26 
_refine_analyze.Luzzati_d_res_low_obs           5.00 
_refine_analyze.Luzzati_coordinate_error_free   0.45 
_refine_analyze.Luzzati_sigma_a_free            0.32 
_refine_analyze.Luzzati_d_res_low_free          ? 
_refine_analyze.number_disordered_residues      ? 
_refine_analyze.occupancy_sum_hydrogen          ? 
_refine_analyze.occupancy_sum_non_hydrogen      ? 
_refine_analyze.pdbx_Luzzati_d_res_high_obs     ? 
_refine_analyze.pdbx_refine_id                  'X-RAY DIFFRACTION' 
# 
_refine_hist.pdbx_refine_id                   'X-RAY DIFFRACTION' 
_refine_hist.cycle_id                         LAST 
_refine_hist.pdbx_number_atoms_protein        1164 
_refine_hist.pdbx_number_atoms_nucleic_acid   0 
_refine_hist.pdbx_number_atoms_ligand         12 
_refine_hist.number_atoms_solvent             8 
_refine_hist.number_atoms_total               1184 
_refine_hist.d_res_high                       2.40 
_refine_hist.d_res_low                        19.93 
# 
loop_
_refine_ls_restr.type 
_refine_ls_restr.dev_ideal 
_refine_ls_restr.dev_ideal_target 
_refine_ls_restr.weight 
_refine_ls_restr.number 
_refine_ls_restr.pdbx_refine_id 
_refine_ls_restr.pdbx_restraint_function 
c_bond_d                0.009 ? ? ? 'X-RAY DIFFRACTION' ? 
c_bond_d_na             ?     ? ? ? 'X-RAY DIFFRACTION' ? 
c_bond_d_prot           ?     ? ? ? 'X-RAY DIFFRACTION' ? 
c_angle_d               ?     ? ? ? 'X-RAY DIFFRACTION' ? 
c_angle_d_na            ?     ? ? ? 'X-RAY DIFFRACTION' ? 
c_angle_d_prot          ?     ? ? ? 'X-RAY DIFFRACTION' ? 
c_angle_deg             1.3   ? ? ? 'X-RAY DIFFRACTION' ? 
c_angle_deg_na          ?     ? ? ? 'X-RAY DIFFRACTION' ? 
c_angle_deg_prot        ?     ? ? ? 'X-RAY DIFFRACTION' ? 
c_dihedral_angle_d      18.8  ? ? ? 'X-RAY DIFFRACTION' ? 
c_dihedral_angle_d_na   ?     ? ? ? 'X-RAY DIFFRACTION' ? 
c_dihedral_angle_d_prot ?     ? ? ? 'X-RAY DIFFRACTION' ? 
c_improper_angle_d      0.73  ? ? ? 'X-RAY DIFFRACTION' ? 
c_improper_angle_d_na   ?     ? ? ? 'X-RAY DIFFRACTION' ? 
c_improper_angle_d_prot ?     ? ? ? 'X-RAY DIFFRACTION' ? 
c_mcbond_it             ?     ? ? ? 'X-RAY DIFFRACTION' ? 
c_mcangle_it            ?     ? ? ? 'X-RAY DIFFRACTION' ? 
c_scbond_it             ?     ? ? ? 'X-RAY DIFFRACTION' ? 
c_scangle_it            ?     ? ? ? 'X-RAY DIFFRACTION' ? 
# 
_refine_ls_shell.pdbx_total_number_of_bins_used   6 
_refine_ls_shell.d_res_high                       2.40 
_refine_ls_shell.d_res_low                        2.55 
_refine_ls_shell.number_reflns_R_work             486 
_refine_ls_shell.R_factor_R_work                  0.28 
_refine_ls_shell.percent_reflns_obs               52.0 
_refine_ls_shell.R_factor_R_free                  0.377 
_refine_ls_shell.R_factor_R_free_error            0.046 
_refine_ls_shell.percent_reflns_R_free            12.1 
_refine_ls_shell.number_reflns_R_free             67 
_refine_ls_shell.number_reflns_all                ? 
_refine_ls_shell.R_factor_all                     ? 
_refine_ls_shell.number_reflns_obs                ? 
_refine_ls_shell.redundancy_reflns_obs            ? 
_refine_ls_shell.pdbx_refine_id                   'X-RAY DIFFRACTION' 
# 
loop_
_pdbx_xplor_file.serial_no 
_pdbx_xplor_file.param_file 
_pdbx_xplor_file.topol_file 
_pdbx_xplor_file.pdbx_refine_id 
1 protein_rep.param protein.top 'X-RAY DIFFRACTION' 
2 water_rep.param   ion.top     'X-RAY DIFFRACTION' 
3 ion.param         water.top   'X-RAY DIFFRACTION' 
# 
_struct.entry_id                  2F5C 
_struct.title                     
'Bacillus subtilis Manganese transport regulator (MNTR) bound to manganese, hexagonal crystal form' 
_struct.pdbx_model_details        ? 
_struct.pdbx_CASP_flag            ? 
_struct.pdbx_model_type_details   ? 
# 
_struct_keywords.entry_id        2F5C 
_struct_keywords.pdbx_keywords   TRANSCRIPTION 
_struct_keywords.text            'HELIX-TURN-HELIX, DNA-BINDING PROTEIN, METALLOREGULATORY PROTEIN, TRANSCRIPTION' 
# 
loop_
_struct_asym.id 
_struct_asym.pdbx_blank_PDB_chainid_flag 
_struct_asym.pdbx_modified 
_struct_asym.entity_id 
_struct_asym.details 
A N N 1 ? 
B N N 2 ? 
C N N 2 ? 
D N N 3 ? 
E N N 3 ? 
F N N 4 ? 
# 
_struct_biol.id   1 
# 
loop_
_struct_conf.conf_type_id 
_struct_conf.id 
_struct_conf.pdbx_PDB_helix_id 
_struct_conf.beg_label_comp_id 
_struct_conf.beg_label_asym_id 
_struct_conf.beg_label_seq_id 
_struct_conf.pdbx_beg_PDB_ins_code 
_struct_conf.end_label_comp_id 
_struct_conf.end_label_asym_id 
_struct_conf.end_label_seq_id 
_struct_conf.pdbx_end_PDB_ins_code 
_struct_conf.beg_auth_comp_id 
_struct_conf.beg_auth_asym_id 
_struct_conf.beg_auth_seq_id 
_struct_conf.end_auth_comp_id 
_struct_conf.end_auth_asym_id 
_struct_conf.end_auth_seq_id 
_struct_conf.pdbx_PDB_helix_class 
_struct_conf.details 
_struct_conf.pdbx_PDB_helix_length 
HELX_P HELX_P1 1 THR A 3   ? GLY A 21  ? THR A 3   GLY A 21  1 ? 19 
HELX_P HELX_P2 2 ARG A 24  ? ALA A 33  ? ARG A 24  ALA A 33  1 ? 10 
HELX_P HELX_P3 3 HIS A 35  ? ASP A 49  ? HIS A 35  ASP A 49  1 ? 15 
HELX_P HELX_P4 4 THR A 63  ? ILE A 87  ? THR A 63  ILE A 87  1 ? 25 
HELX_P HELX_P5 5 LYS A 93  ? GLU A 102 ? LYS A 93  GLU A 102 1 ? 10 
HELX_P HELX_P6 6 SER A 106 ? GLU A 122 ? SER A 106 GLU A 122 1 ? 17 
HELX_P HELX_P7 7 ASP A 123 ? HIS A 139 ? ASP A 123 HIS A 139 1 ? 17 
HELX_P HELX_P8 8 HIS A 140 ? GLN A 142 ? HIS A 140 GLN A 142 5 ? 3  
# 
_struct_conf_type.id          HELX_P 
_struct_conf_type.criteria    ? 
_struct_conf_type.reference   ? 
# 
loop_
_struct_conn.id 
_struct_conn.conn_type_id 
_struct_conn.pdbx_leaving_atom_flag 
_struct_conn.pdbx_PDB_id 
_struct_conn.ptnr1_label_asym_id 
_struct_conn.ptnr1_label_comp_id 
_struct_conn.ptnr1_label_seq_id 
_struct_conn.ptnr1_label_atom_id 
_struct_conn.pdbx_ptnr1_label_alt_id 
_struct_conn.pdbx_ptnr1_PDB_ins_code 
_struct_conn.pdbx_ptnr1_standard_comp_id 
_struct_conn.ptnr1_symmetry 
_struct_conn.ptnr2_label_asym_id 
_struct_conn.ptnr2_label_comp_id 
_struct_conn.ptnr2_label_seq_id 
_struct_conn.ptnr2_label_atom_id 
_struct_conn.pdbx_ptnr2_label_alt_id 
_struct_conn.pdbx_ptnr2_PDB_ins_code 
_struct_conn.ptnr1_auth_asym_id 
_struct_conn.ptnr1_auth_comp_id 
_struct_conn.ptnr1_auth_seq_id 
_struct_conn.ptnr2_auth_asym_id 
_struct_conn.ptnr2_auth_comp_id 
_struct_conn.ptnr2_auth_seq_id 
_struct_conn.ptnr2_symmetry 
_struct_conn.pdbx_ptnr3_label_atom_id 
_struct_conn.pdbx_ptnr3_label_seq_id 
_struct_conn.pdbx_ptnr3_label_comp_id 
_struct_conn.pdbx_ptnr3_label_asym_id 
_struct_conn.pdbx_ptnr3_label_alt_id 
_struct_conn.pdbx_ptnr3_PDB_ins_code 
_struct_conn.details 
_struct_conn.pdbx_dist_value 
_struct_conn.pdbx_value_order 
_struct_conn.pdbx_role 
metalc1 metalc ? ? A ASP 8   OD2 ? ? ? 1_555 C MN . MN ? ? A ASP 8   A MN 151 1_555 ? ? ? ? ? ? ? 2.370 ? ? 
metalc2 metalc ? ? A GLU 11  OE1 ? ? ? 1_555 B MN . MN ? ? A GLU 11  A MN 150 1_555 ? ? ? ? ? ? ? 2.459 ? ? 
metalc3 metalc ? ? A GLU 11  OE2 ? ? ? 1_555 B MN . MN ? ? A GLU 11  A MN 150 1_555 ? ? ? ? ? ? ? 2.227 ? ? 
metalc4 metalc ? ? A HIS 77  ND1 ? ? ? 1_555 B MN . MN ? ? A HIS 77  A MN 150 1_555 ? ? ? ? ? ? ? 1.949 ? ? 
metalc5 metalc ? ? A GLU 99  O   ? ? ? 1_555 C MN . MN ? ? A GLU 99  A MN 151 1_555 ? ? ? ? ? ? ? 2.450 ? ? 
metalc6 metalc ? ? A GLU 99  OE1 ? ? ? 1_555 C MN . MN ? ? A GLU 99  A MN 151 1_555 ? ? ? ? ? ? ? 1.633 ? ? 
metalc7 metalc ? ? A GLU 102 OE1 ? ? ? 1_555 B MN . MN ? ? A GLU 102 A MN 150 1_555 ? ? ? ? ? ? ? 2.183 ? ? 
metalc8 metalc ? ? A GLU 102 OE2 ? ? ? 1_555 C MN . MN ? ? A GLU 102 A MN 151 1_555 ? ? ? ? ? ? ? 2.140 ? ? 
metalc9 metalc ? ? A HIS 103 NE2 ? ? ? 1_555 C MN . MN ? ? A HIS 103 A MN 151 1_555 ? ? ? ? ? ? ? 2.253 ? ? 
# 
_struct_conn_type.id          metalc 
_struct_conn_type.criteria    ? 
_struct_conn_type.reference   ? 
# 
_struct_sheet.id               A 
_struct_sheet.type             ? 
_struct_sheet.number_strands   2 
_struct_sheet.details          ? 
# 
_struct_sheet_order.sheet_id     A 
_struct_sheet_order.range_id_1   1 
_struct_sheet_order.range_id_2   2 
_struct_sheet_order.offset       ? 
_struct_sheet_order.sense        anti-parallel 
# 
loop_
_struct_sheet_range.sheet_id 
_struct_sheet_range.id 
_struct_sheet_range.beg_label_comp_id 
_struct_sheet_range.beg_label_asym_id 
_struct_sheet_range.beg_label_seq_id 
_struct_sheet_range.pdbx_beg_PDB_ins_code 
_struct_sheet_range.end_label_comp_id 
_struct_sheet_range.end_label_asym_id 
_struct_sheet_range.end_label_seq_id 
_struct_sheet_range.pdbx_end_PDB_ins_code 
_struct_sheet_range.beg_auth_comp_id 
_struct_sheet_range.beg_auth_asym_id 
_struct_sheet_range.beg_auth_seq_id 
_struct_sheet_range.end_auth_comp_id 
_struct_sheet_range.end_auth_asym_id 
_struct_sheet_range.end_auth_seq_id 
A 1 LEU A 52 ? GLU A 55 ? LEU A 52 GLU A 55 
A 2 GLY A 59 ? LEU A 62 ? GLY A 59 LEU A 62 
# 
_pdbx_struct_sheet_hbond.sheet_id                A 
_pdbx_struct_sheet_hbond.range_id_1              1 
_pdbx_struct_sheet_hbond.range_id_2              2 
_pdbx_struct_sheet_hbond.range_1_label_atom_id   N 
_pdbx_struct_sheet_hbond.range_1_label_comp_id   ILE 
_pdbx_struct_sheet_hbond.range_1_label_asym_id   A 
_pdbx_struct_sheet_hbond.range_1_label_seq_id    53 
_pdbx_struct_sheet_hbond.range_1_PDB_ins_code    ? 
_pdbx_struct_sheet_hbond.range_1_auth_atom_id    N 
_pdbx_struct_sheet_hbond.range_1_auth_comp_id    ILE 
_pdbx_struct_sheet_hbond.range_1_auth_asym_id    A 
_pdbx_struct_sheet_hbond.range_1_auth_seq_id     53 
_pdbx_struct_sheet_hbond.range_2_label_atom_id   O 
_pdbx_struct_sheet_hbond.range_2_label_comp_id   VAL 
_pdbx_struct_sheet_hbond.range_2_label_asym_id   A 
_pdbx_struct_sheet_hbond.range_2_label_seq_id    61 
_pdbx_struct_sheet_hbond.range_2_PDB_ins_code    ? 
_pdbx_struct_sheet_hbond.range_2_auth_atom_id    O 
_pdbx_struct_sheet_hbond.range_2_auth_comp_id    VAL 
_pdbx_struct_sheet_hbond.range_2_auth_asym_id    A 
_pdbx_struct_sheet_hbond.range_2_auth_seq_id     61 
# 
loop_
_struct_site.id 
_struct_site.pdbx_evidence_code 
_struct_site.pdbx_auth_asym_id 
_struct_site.pdbx_auth_comp_id 
_struct_site.pdbx_auth_seq_id 
_struct_site.pdbx_auth_ins_code 
_struct_site.pdbx_num_residues 
_struct_site.details 
AC1 Software A MN  150 ? 4 'BINDING SITE FOR RESIDUE MN A 150'  
AC2 Software A MN  151 ? 4 'BINDING SITE FOR RESIDUE MN A 151'  
AC3 Software A SO4 201 ? 4 'BINDING SITE FOR RESIDUE SO4 A 201' 
AC4 Software A SO4 202 ? 3 'BINDING SITE FOR RESIDUE SO4 A 202' 
# 
loop_
_struct_site_gen.id 
_struct_site_gen.site_id 
_struct_site_gen.pdbx_num_res 
_struct_site_gen.label_comp_id 
_struct_site_gen.label_asym_id 
_struct_site_gen.label_seq_id 
_struct_site_gen.pdbx_auth_ins_code 
_struct_site_gen.auth_comp_id 
_struct_site_gen.auth_asym_id 
_struct_site_gen.auth_seq_id 
_struct_site_gen.label_atom_id 
_struct_site_gen.label_alt_id 
_struct_site_gen.symmetry 
_struct_site_gen.details 
1  AC1 4 GLU A 11  ? GLU A 11  . ? 1_555  ? 
2  AC1 4 HIS A 77  ? HIS A 77  . ? 1_555  ? 
3  AC1 4 GLU A 99  ? GLU A 99  . ? 1_555  ? 
4  AC1 4 GLU A 102 ? GLU A 102 . ? 1_555  ? 
5  AC2 4 ASP A 8   ? ASP A 8   . ? 1_555  ? 
6  AC2 4 GLU A 99  ? GLU A 99  . ? 1_555  ? 
7  AC2 4 GLU A 102 ? GLU A 102 . ? 1_555  ? 
8  AC2 4 HIS A 103 ? HIS A 103 . ? 1_555  ? 
9  AC3 4 LYS A 93  ? LYS A 93  . ? 10_666 ? 
10 AC3 4 SER A 106 ? SER A 106 . ? 1_555  ? 
11 AC3 4 TRP A 107 ? TRP A 107 . ? 1_555  ? 
12 AC3 4 ASN A 108 ? ASN A 108 . ? 1_555  ? 
13 AC4 3 LYS A 20  ? LYS A 20  . ? 9_656  ? 
14 AC4 3 LYS A 71  ? LYS A 71  . ? 1_555  ? 
15 AC4 3 HOH F .   ? HOH A 216 . ? 1_555  ? 
# 
_atom_sites.entry_id                    2F5C 
_atom_sites.fract_transf_matrix[1][1]   0.01644629 
_atom_sites.fract_transf_matrix[1][2]   -0.00002979 
_atom_sites.fract_transf_matrix[1][3]   -0.02259318 
_atom_sites.fract_transf_matrix[2][1]   -0.00226839 
_atom_sites.fract_transf_matrix[2][2]   0.02040237 
_atom_sites.fract_transf_matrix[2][3]   -0.01896103 
_atom_sites.fract_transf_matrix[3][1]   0.00226427 
_atom_sites.fract_transf_matrix[3][2]   0.00178136 
_atom_sites.fract_transf_matrix[3][3]   0.00164589 
_atom_sites.fract_transf_vector[1]      0.587295 
_atom_sites.fract_transf_vector[2]      0.437592 
_atom_sites.fract_transf_vector[3]      0.624234 
# 
loop_
_atom_type.symbol 
C  
MN 
N  
O  
S  
# 
loop_
_atom_site.group_PDB 
_atom_site.id 
_atom_site.type_symbol 
_atom_site.label_atom_id 
_atom_site.label_alt_id 
_atom_site.label_comp_id 
_atom_site.label_asym_id 
_atom_site.label_entity_id 
_atom_site.label_seq_id 
_atom_site.pdbx_PDB_ins_code 
_atom_site.Cartn_x 
_atom_site.Cartn_y 
_atom_site.Cartn_z 
_atom_site.occupancy 
_atom_site.B_iso_or_equiv 
_atom_site.pdbx_formal_charge 
_atom_site.auth_seq_id 
_atom_site.auth_comp_id 
_atom_site.auth_asym_id 
_atom_site.auth_atom_id 
_atom_site.pdbx_PDB_model_num 
ATOM   1    N  N   . THR A 1 3   ? -13.076 1.763   6.692   1.00 53.77 ? 3   THR A N   1 
ATOM   2    C  CA  . THR A 1 3   ? -13.290 2.463   5.388   1.00 54.86 ? 3   THR A CA  1 
ATOM   3    C  C   . THR A 1 3   ? -12.094 2.310   4.452   1.00 55.62 ? 3   THR A C   1 
ATOM   4    O  O   . THR A 1 3   ? -10.938 2.324   4.894   1.00 54.10 ? 3   THR A O   1 
ATOM   5    C  CB  . THR A 1 3   ? -13.580 3.983   5.612   1.00 55.32 ? 3   THR A CB  1 
ATOM   6    O  OG1 . THR A 1 3   ? -14.943 4.143   6.023   1.00 57.34 ? 3   THR A OG1 1 
ATOM   7    C  CG2 . THR A 1 3   ? -13.329 4.808   4.338   1.00 51.15 ? 3   THR A CG2 1 
ATOM   8    N  N   . PRO A 1 4   ? -12.360 2.149   3.137   1.00 56.70 ? 4   PRO A N   1 
ATOM   9    C  CA  . PRO A 1 4   ? -11.298 1.996   2.130   1.00 55.15 ? 4   PRO A CA  1 
ATOM   10   C  C   . PRO A 1 4   ? -10.421 3.251   2.020   1.00 53.21 ? 4   PRO A C   1 
ATOM   11   O  O   . PRO A 1 4   ? -9.190  3.159   2.027   1.00 54.09 ? 4   PRO A O   1 
ATOM   12   C  CB  . PRO A 1 4   ? -12.075 1.707   0.843   1.00 56.55 ? 4   PRO A CB  1 
ATOM   13   C  CG  . PRO A 1 4   ? -13.349 1.053   1.349   1.00 56.96 ? 4   PRO A CG  1 
ATOM   14   C  CD  . PRO A 1 4   ? -13.689 1.916   2.534   1.00 56.47 ? 4   PRO A CD  1 
ATOM   15   N  N   . SER A 1 5   ? -11.035 4.427   1.917   1.00 49.99 ? 5   SER A N   1 
ATOM   16   C  CA  . SER A 1 5   ? -10.222 5.632   1.845   1.00 48.03 ? 5   SER A CA  1 
ATOM   17   C  C   . SER A 1 5   ? -9.586  5.915   3.202   1.00 46.04 ? 5   SER A C   1 
ATOM   18   O  O   . SER A 1 5   ? -8.623  6.663   3.303   1.00 45.58 ? 5   SER A O   1 
ATOM   19   C  CB  . SER A 1 5   ? -11.032 6.826   1.349   1.00 46.44 ? 5   SER A CB  1 
ATOM   20   O  OG  . SER A 1 5   ? -10.586 7.182   0.046   1.00 45.64 ? 5   SER A OG  1 
ATOM   21   N  N   . MET A 1 6   ? -10.110 5.310   4.254   1.00 44.84 ? 6   MET A N   1 
ATOM   22   C  CA  . MET A 1 6   ? -9.500  5.499   5.560   1.00 45.67 ? 6   MET A CA  1 
ATOM   23   C  C   . MET A 1 6   ? -8.109  4.852   5.460   1.00 42.73 ? 6   MET A C   1 
ATOM   24   O  O   . MET A 1 6   ? -7.094  5.490   5.705   1.00 42.20 ? 6   MET A O   1 
ATOM   25   C  CB  . MET A 1 6   ? -10.307 4.791   6.634   1.00 49.92 ? 6   MET A CB  1 
ATOM   26   C  CG  . MET A 1 6   ? -10.186 5.419   8.006   1.00 57.37 ? 6   MET A CG  1 
ATOM   27   S  SD  . MET A 1 6   ? -11.376 6.770   8.215   1.00 65.95 ? 6   MET A SD  1 
ATOM   28   C  CE  . MET A 1 6   ? -12.825 5.823   8.836   1.00 63.82 ? 6   MET A CE  1 
ATOM   29   N  N   . GLU A 1 7   ? -8.089  3.582   5.067   1.00 40.51 ? 7   GLU A N   1 
ATOM   30   C  CA  . GLU A 1 7   ? -6.867  2.808   4.902   1.00 36.77 ? 7   GLU A CA  1 
ATOM   31   C  C   . GLU A 1 7   ? -5.854  3.510   3.999   1.00 35.87 ? 7   GLU A C   1 
ATOM   32   O  O   . GLU A 1 7   ? -4.646  3.383   4.195   1.00 34.98 ? 7   GLU A O   1 
ATOM   33   C  CB  . GLU A 1 7   ? -7.206  1.437   4.332   1.00 36.95 ? 7   GLU A CB  1 
ATOM   34   C  CG  . GLU A 1 7   ? -8.163  0.643   5.195   1.00 36.00 ? 7   GLU A CG  1 
ATOM   35   C  CD  . GLU A 1 7   ? -8.429  -0.762  4.659   1.00 38.80 ? 7   GLU A CD  1 
ATOM   36   O  OE1 . GLU A 1 7   ? -9.167  -1.515  5.331   1.00 42.78 ? 7   GLU A OE1 1 
ATOM   37   O  OE2 . GLU A 1 7   ? -7.911  -1.120  3.581   1.00 35.29 ? 7   GLU A OE2 1 
ATOM   38   N  N   . ASP A 1 8   ? -6.339  4.235   3.001   1.00 34.81 ? 8   ASP A N   1 
ATOM   39   C  CA  . ASP A 1 8   ? -5.453  4.982   2.119   1.00 34.51 ? 8   ASP A CA  1 
ATOM   40   C  C   . ASP A 1 8   ? -4.783  6.104   2.898   1.00 35.17 ? 8   ASP A C   1 
ATOM   41   O  O   . ASP A 1 8   ? -3.578  6.327   2.766   1.00 35.36 ? 8   ASP A O   1 
ATOM   42   C  CB  . ASP A 1 8   ? -6.235  5.585   0.956   1.00 34.56 ? 8   ASP A CB  1 
ATOM   43   C  CG  . ASP A 1 8   ? -6.742  4.526   -0.017  1.00 36.81 ? 8   ASP A CG  1 
ATOM   44   O  OD1 . ASP A 1 8   ? -7.897  4.667   -0.516  1.00 35.53 ? 8   ASP A OD1 1 
ATOM   45   O  OD2 . ASP A 1 8   ? -5.980  3.564   -0.272  1.00 30.92 ? 8   ASP A OD2 1 
ATOM   46   N  N   . TYR A 1 9   ? -5.576  6.814   3.702   1.00 35.68 ? 9   TYR A N   1 
ATOM   47   C  CA  . TYR A 1 9   ? -5.071  7.922   4.506   1.00 37.27 ? 9   TYR A CA  1 
ATOM   48   C  C   . TYR A 1 9   ? -4.049  7.437   5.519   1.00 37.68 ? 9   TYR A C   1 
ATOM   49   O  O   . TYR A 1 9   ? -2.949  7.967   5.603   1.00 38.27 ? 9   TYR A O   1 
ATOM   50   C  CB  . TYR A 1 9   ? -6.210  8.632   5.253   1.00 38.62 ? 9   TYR A CB  1 
ATOM   51   C  CG  . TYR A 1 9   ? -6.891  9.745   4.473   1.00 40.65 ? 9   TYR A CG  1 
ATOM   52   C  CD1 . TYR A 1 9   ? -7.804  9.464   3.457   1.00 41.14 ? 9   TYR A CD1 1 
ATOM   53   C  CD2 . TYR A 1 9   ? -6.590  11.084  4.730   1.00 40.25 ? 9   TYR A CD2 1 
ATOM   54   C  CE1 . TYR A 1 9   ? -8.396  10.488  2.716   1.00 41.26 ? 9   TYR A CE1 1 
ATOM   55   C  CE2 . TYR A 1 9   ? -7.178  12.118  3.988   1.00 40.66 ? 9   TYR A CE2 1 
ATOM   56   C  CZ  . TYR A 1 9   ? -8.078  11.810  2.983   1.00 40.35 ? 9   TYR A CZ  1 
ATOM   57   O  OH  . TYR A 1 9   ? -8.633  12.828  2.238   1.00 39.77 ? 9   TYR A OH  1 
ATOM   58   N  N   . ILE A 1 10  ? -4.420  6.423   6.286   1.00 38.51 ? 10  ILE A N   1 
ATOM   59   C  CA  . ILE A 1 10  ? -3.533  5.886   7.304   1.00 38.29 ? 10  ILE A CA  1 
ATOM   60   C  C   . ILE A 1 10  ? -2.233  5.402   6.685   1.00 37.49 ? 10  ILE A C   1 
ATOM   61   O  O   . ILE A 1 10  ? -1.152  5.713   7.180   1.00 37.02 ? 10  ILE A O   1 
ATOM   62   C  CB  . ILE A 1 10  ? -4.189  4.712   8.050   1.00 39.42 ? 10  ILE A CB  1 
ATOM   63   C  CG1 . ILE A 1 10  ? -5.546  5.134   8.606   1.00 40.41 ? 10  ILE A CG1 1 
ATOM   64   C  CG2 . ILE A 1 10  ? -3.289  4.263   9.195   1.00 39.98 ? 10  ILE A CG2 1 
ATOM   65   C  CD1 . ILE A 1 10  ? -6.359  3.981   9.169   1.00 42.18 ? 10  ILE A CD1 1 
ATOM   66   N  N   . GLU A 1 11  ? -2.348  4.640   5.602   1.00 36.64 ? 11  GLU A N   1 
ATOM   67   C  CA  . GLU A 1 11  ? -1.185  4.101   4.909   1.00 35.91 ? 11  GLU A CA  1 
ATOM   68   C  C   . GLU A 1 11  ? -0.327  5.260   4.417   1.00 35.09 ? 11  GLU A C   1 
ATOM   69   O  O   . GLU A 1 11  ? 0.896   5.248   4.538   1.00 34.97 ? 11  GLU A O   1 
ATOM   70   C  CB  . GLU A 1 11  ? -1.629  3.235   3.716   1.00 35.74 ? 11  GLU A CB  1 
ATOM   71   C  CG  . GLU A 1 11  ? -0.483  2.719   2.853   1.00 37.73 ? 11  GLU A CG  1 
ATOM   72   C  CD  . GLU A 1 11  ? -0.938  2.053   1.557   1.00 39.27 ? 11  GLU A CD  1 
ATOM   73   O  OE1 . GLU A 1 11  ? -1.685  1.059   1.616   1.00 40.76 ? 11  GLU A OE1 1 
ATOM   74   O  OE2 . GLU A 1 11  ? -0.534  2.528   0.476   1.00 40.13 ? 11  GLU A OE2 1 
ATOM   75   N  N   . GLN A 1 12  ? -0.985  6.275   3.875   1.00 35.25 ? 12  GLN A N   1 
ATOM   76   C  CA  . GLN A 1 12  ? -0.283  7.433   3.352   1.00 35.12 ? 12  GLN A CA  1 
ATOM   77   C  C   . GLN A 1 12  ? 0.381   8.299   4.422   1.00 33.82 ? 12  GLN A C   1 
ATOM   78   O  O   . GLN A 1 12  ? 1.500   8.760   4.252   1.00 34.96 ? 12  GLN A O   1 
ATOM   79   C  CB  . GLN A 1 12  ? -1.236  8.286   2.531   1.00 35.47 ? 12  GLN A CB  1 
ATOM   80   C  CG  . GLN A 1 12  ? -0.497  9.306   1.698   1.00 37.54 ? 12  GLN A CG  1 
ATOM   81   C  CD  . GLN A 1 12  ? 0.382   8.649   0.676   1.00 37.12 ? 12  GLN A CD  1 
ATOM   82   O  OE1 . GLN A 1 12  ? 1.525   9.048   0.474   1.00 38.81 ? 12  GLN A OE1 1 
ATOM   83   N  NE2 . GLN A 1 12  ? -0.148  7.622   0.019   1.00 37.66 ? 12  GLN A NE2 1 
ATOM   84   N  N   . ILE A 1 13  ? -0.314  8.526   5.522   1.00 32.42 ? 13  ILE A N   1 
ATOM   85   C  CA  . ILE A 1 13  ? 0.229   9.344   6.586   1.00 29.93 ? 13  ILE A CA  1 
ATOM   86   C  C   . ILE A 1 13  ? 1.442   8.630   7.141   1.00 31.11 ? 13  ILE A C   1 
ATOM   87   O  O   . ILE A 1 13  ? 2.432   9.260   7.505   1.00 29.14 ? 13  ILE A O   1 
ATOM   88   C  CB  . ILE A 1 13  ? -0.821  9.555   7.697   1.00 29.79 ? 13  ILE A CB  1 
ATOM   89   C  CG1 . ILE A 1 13  ? -1.934  10.479  7.180   1.00 30.74 ? 13  ILE A CG1 1 
ATOM   90   C  CG2 . ILE A 1 13  ? -0.167  10.120  8.936   1.00 27.93 ? 13  ILE A CG2 1 
ATOM   91   C  CD1 . ILE A 1 13  ? -3.245  10.437  7.976   1.00 27.77 ? 13  ILE A CD1 1 
ATOM   92   N  N   . TYR A 1 14  ? 1.353   7.304   7.194   1.00 31.05 ? 14  TYR A N   1 
ATOM   93   C  CA  . TYR A 1 14  ? 2.441   6.494   7.700   1.00 31.85 ? 14  TYR A CA  1 
ATOM   94   C  C   . TYR A 1 14  ? 3.678   6.724   6.857   1.00 31.72 ? 14  TYR A C   1 
ATOM   95   O  O   . TYR A 1 14  ? 4.751   6.987   7.376   1.00 31.91 ? 14  TYR A O   1 
ATOM   96   C  CB  . TYR A 1 14  ? 2.079   5.018   7.641   1.00 32.71 ? 14  TYR A CB  1 
ATOM   97   C  CG  . TYR A 1 14  ? 3.126   4.121   8.260   1.00 31.93 ? 14  TYR A CG  1 
ATOM   98   C  CD1 . TYR A 1 14  ? 2.988   3.675   9.563   1.00 32.24 ? 14  TYR A CD1 1 
ATOM   99   C  CD2 . TYR A 1 14  ? 4.260   3.733   7.544   1.00 31.33 ? 14  TYR A CD2 1 
ATOM   100  C  CE1 . TYR A 1 14  ? 3.945   2.855   10.157  1.00 32.77 ? 14  TYR A CE1 1 
ATOM   101  C  CE2 . TYR A 1 14  ? 5.236   2.909   8.128   1.00 30.88 ? 14  TYR A CE2 1 
ATOM   102  C  CZ  . TYR A 1 14  ? 5.064   2.475   9.438   1.00 32.19 ? 14  TYR A CZ  1 
ATOM   103  O  OH  . TYR A 1 14  ? 5.986   1.643   10.039  1.00 32.14 ? 14  TYR A OH  1 
ATOM   104  N  N   . MET A 1 15  ? 3.523   6.609   5.549   1.00 32.58 ? 15  MET A N   1 
ATOM   105  C  CA  . MET A 1 15  ? 4.637   6.807   4.644   1.00 34.52 ? 15  MET A CA  1 
ATOM   106  C  C   . MET A 1 15  ? 5.164   8.241   4.714   1.00 35.01 ? 15  MET A C   1 
ATOM   107  O  O   . MET A 1 15  ? 6.372   8.468   4.652   1.00 36.24 ? 15  MET A O   1 
ATOM   108  C  CB  . MET A 1 15  ? 4.209   6.465   3.214   1.00 37.63 ? 15  MET A CB  1 
ATOM   109  C  CG  . MET A 1 15  ? 4.118   4.968   2.909   1.00 42.01 ? 15  MET A CG  1 
ATOM   110  S  SD  . MET A 1 15  ? 2.960   4.669   1.539   1.00 53.73 ? 15  MET A SD  1 
ATOM   111  C  CE  . MET A 1 15  ? 4.036   4.864   0.007   1.00 52.46 ? 15  MET A CE  1 
ATOM   112  N  N   . LEU A 1 16  ? 4.266   9.210   4.844   1.00 33.42 ? 16  LEU A N   1 
ATOM   113  C  CA  . LEU A 1 16  ? 4.689   10.601  4.911   1.00 34.21 ? 16  LEU A CA  1 
ATOM   114  C  C   . LEU A 1 16  ? 5.545   10.891  6.148   1.00 34.62 ? 16  LEU A C   1 
ATOM   115  O  O   . LEU A 1 16  ? 6.570   11.563  6.047   1.00 32.90 ? 16  LEU A O   1 
ATOM   116  C  CB  . LEU A 1 16  ? 3.469   11.517  4.860   1.00 33.81 ? 16  LEU A CB  1 
ATOM   117  C  CG  . LEU A 1 16  ? 2.783   11.553  3.484   1.00 36.18 ? 16  LEU A CG  1 
ATOM   118  C  CD1 . LEU A 1 16  ? 1.470   12.347  3.545   1.00 32.98 ? 16  LEU A CD1 1 
ATOM   119  C  CD2 . LEU A 1 16  ? 3.735   12.175  2.472   1.00 33.47 ? 16  LEU A CD2 1 
ATOM   120  N  N   . ILE A 1 17  ? 5.126   10.382  7.310   1.00 36.39 ? 17  ILE A N   1 
ATOM   121  C  CA  . ILE A 1 17  ? 5.875   10.559  8.551   1.00 35.33 ? 17  ILE A CA  1 
ATOM   122  C  C   . ILE A 1 17  ? 7.241   9.887   8.393   1.00 35.83 ? 17  ILE A C   1 
ATOM   123  O  O   . ILE A 1 17  ? 8.278   10.480  8.673   1.00 36.85 ? 17  ILE A O   1 
ATOM   124  C  CB  . ILE A 1 17  ? 5.201   9.869   9.781   1.00 34.62 ? 17  ILE A CB  1 
ATOM   125  C  CG1 . ILE A 1 17  ? 3.777   10.376  10.006  1.00 35.24 ? 17  ILE A CG1 1 
ATOM   126  C  CG2 . ILE A 1 17  ? 6.036   10.118  11.026  1.00 30.02 ? 17  ILE A CG2 1 
ATOM   127  C  CD1 . ILE A 1 17  ? 3.674   11.830  10.343  1.00 40.54 ? 17  ILE A CD1 1 
ATOM   128  N  N   . GLU A 1 18  ? 7.223   8.643   7.939   1.00 36.90 ? 18  GLU A N   1 
ATOM   129  C  CA  . GLU A 1 18  ? 8.443   7.858   7.779   1.00 39.05 ? 18  GLU A CA  1 
ATOM   130  C  C   . GLU A 1 18  ? 9.500   8.499   6.912   1.00 40.71 ? 18  GLU A C   1 
ATOM   131  O  O   . GLU A 1 18  ? 10.670  8.578   7.286   1.00 43.28 ? 18  GLU A O   1 
ATOM   132  C  CB  . GLU A 1 18  ? 8.115   6.483   7.205   1.00 38.86 ? 18  GLU A CB  1 
ATOM   133  C  CG  . GLU A 1 18  ? 9.303   5.565   7.185   1.00 37.88 ? 18  GLU A CG  1 
ATOM   134  C  CD  . GLU A 1 18  ? 8.931   4.141   6.830   1.00 37.08 ? 18  GLU A CD  1 
ATOM   135  O  OE1 . GLU A 1 18  ? 8.943   3.815   5.632   1.00 38.51 ? 18  GLU A OE1 1 
ATOM   136  O  OE2 . GLU A 1 18  ? 8.621   3.348   7.745   1.00 36.17 ? 18  GLU A OE2 1 
ATOM   137  N  N   . GLU A 1 19  ? 9.085   8.969   5.749   1.00 42.23 ? 19  GLU A N   1 
ATOM   138  C  CA  . GLU A 1 19  ? 10.021  9.568   4.823   1.00 43.99 ? 19  GLU A CA  1 
ATOM   139  C  C   . GLU A 1 19  ? 10.339  11.051  5.023   1.00 41.95 ? 19  GLU A C   1 
ATOM   140  O  O   . GLU A 1 19  ? 11.358  11.525  4.549   1.00 40.31 ? 19  GLU A O   1 
ATOM   141  C  CB  . GLU A 1 19  ? 9.507   9.347   3.402   1.00 48.03 ? 19  GLU A CB  1 
ATOM   142  C  CG  . GLU A 1 19  ? 8.158   9.987   3.169   1.00 54.25 ? 19  GLU A CG  1 
ATOM   143  C  CD  . GLU A 1 19  ? 7.472   9.487   1.906   1.00 59.30 ? 19  GLU A CD  1 
ATOM   144  O  OE1 . GLU A 1 19  ? 7.821   8.370   1.442   1.00 59.34 ? 19  GLU A OE1 1 
ATOM   145  O  OE2 . GLU A 1 19  ? 6.575   10.206  1.393   1.00 59.43 ? 19  GLU A OE2 1 
ATOM   146  N  N   . LYS A 1 20  ? 9.488   11.786  5.725   1.00 42.05 ? 20  LYS A N   1 
ATOM   147  C  CA  . LYS A 1 20  ? 9.719   13.221  5.897   1.00 41.84 ? 20  LYS A CA  1 
ATOM   148  C  C   . LYS A 1 20  ? 9.890   13.643  7.344   1.00 42.60 ? 20  LYS A C   1 
ATOM   149  O  O   . LYS A 1 20  ? 10.372  14.738  7.614   1.00 41.26 ? 20  LYS A O   1 
ATOM   150  C  CB  . LYS A 1 20  ? 8.546   14.017  5.285   1.00 42.19 ? 20  LYS A CB  1 
ATOM   151  C  CG  . LYS A 1 20  ? 8.403   13.887  3.762   1.00 44.16 ? 20  LYS A CG  1 
ATOM   152  C  CD  . LYS A 1 20  ? 7.133   14.567  3.257   1.00 46.22 ? 20  LYS A CD  1 
ATOM   153  C  CE  . LYS A 1 20  ? 6.989   14.490  1.724   1.00 48.41 ? 20  LYS A CE  1 
ATOM   154  N  NZ  . LYS A 1 20  ? 8.132   15.083  0.954   1.00 47.03 ? 20  LYS A NZ  1 
ATOM   155  N  N   . GLY A 1 21  ? 9.497   12.773  8.271   1.00 43.22 ? 21  GLY A N   1 
ATOM   156  C  CA  . GLY A 1 21  ? 9.582   13.116  9.674   1.00 43.78 ? 21  GLY A CA  1 
ATOM   157  C  C   . GLY A 1 21  ? 8.398   14.012  10.008  1.00 45.28 ? 21  GLY A C   1 
ATOM   158  O  O   . GLY A 1 21  ? 7.512   13.635  10.770  1.00 46.11 ? 21  GLY A O   1 
ATOM   159  N  N   . TYR A 1 22  ? 8.371   15.204  9.419   1.00 45.80 ? 22  TYR A N   1 
ATOM   160  C  CA  . TYR A 1 22  ? 7.290   16.162  9.652   1.00 44.95 ? 22  TYR A CA  1 
ATOM   161  C  C   . TYR A 1 22  ? 6.312   16.108  8.477   1.00 45.13 ? 22  TYR A C   1 
ATOM   162  O  O   . TYR A 1 22  ? 6.732   16.173  7.325   1.00 45.74 ? 22  TYR A O   1 
ATOM   163  C  CB  . TYR A 1 22  ? 7.882   17.565  9.780   1.00 44.49 ? 22  TYR A CB  1 
ATOM   164  C  CG  . TYR A 1 22  ? 6.892   18.665  10.091  1.00 41.97 ? 22  TYR A CG  1 
ATOM   165  C  CD1 . TYR A 1 22  ? 6.273   18.747  11.330  1.00 42.93 ? 22  TYR A CD1 1 
ATOM   166  C  CD2 . TYR A 1 22  ? 6.613   19.651  9.154   1.00 41.93 ? 22  TYR A CD2 1 
ATOM   167  C  CE1 . TYR A 1 22  ? 5.397   19.790  11.631  1.00 45.14 ? 22  TYR A CE1 1 
ATOM   168  C  CE2 . TYR A 1 22  ? 5.745   20.695  9.438   1.00 43.90 ? 22  TYR A CE2 1 
ATOM   169  C  CZ  . TYR A 1 22  ? 5.138   20.764  10.677  1.00 44.93 ? 22  TYR A CZ  1 
ATOM   170  O  OH  . TYR A 1 22  ? 4.265   21.798  10.949  1.00 44.83 ? 22  TYR A OH  1 
ATOM   171  N  N   . ALA A 1 23  ? 5.016   15.982  8.771   1.00 44.56 ? 23  ALA A N   1 
ATOM   172  C  CA  . ALA A 1 23  ? 3.988   15.900  7.732   1.00 43.38 ? 23  ALA A CA  1 
ATOM   173  C  C   . ALA A 1 23  ? 2.736   16.658  8.131   1.00 40.96 ? 23  ALA A C   1 
ATOM   174  O  O   . ALA A 1 23  ? 2.367   16.660  9.297   1.00 41.11 ? 23  ALA A O   1 
ATOM   175  C  CB  . ALA A 1 23  ? 3.639   14.437  7.450   1.00 45.04 ? 23  ALA A CB  1 
ATOM   176  N  N   . ARG A 1 24  ? 2.073   17.277  7.153   1.00 38.99 ? 24  ARG A N   1 
ATOM   177  C  CA  . ARG A 1 24  ? 0.874   18.078  7.401   1.00 36.90 ? 24  ARG A CA  1 
ATOM   178  C  C   . ARG A 1 24  ? -0.273  17.671  6.499   1.00 36.64 ? 24  ARG A C   1 
ATOM   179  O  O   . ARG A 1 24  ? -0.171  16.740  5.706   1.00 38.30 ? 24  ARG A O   1 
ATOM   180  C  CB  . ARG A 1 24  ? 1.149   19.568  7.132   1.00 37.11 ? 24  ARG A CB  1 
ATOM   181  C  CG  . ARG A 1 24  ? 2.325   20.198  7.865   1.00 38.79 ? 24  ARG A CG  1 
ATOM   182  C  CD  . ARG A 1 24  ? 2.496   21.675  7.456   1.00 36.93 ? 24  ARG A CD  1 
ATOM   183  N  NE  . ARG A 1 24  ? 1.299   22.458  7.755   1.00 33.53 ? 24  ARG A NE  1 
ATOM   184  C  CZ  . ARG A 1 24  ? 0.964   22.860  8.976   1.00 34.60 ? 24  ARG A CZ  1 
ATOM   185  N  NH1 . ARG A 1 24  ? 1.753   22.554  10.007  1.00 36.76 ? 24  ARG A NH1 1 
ATOM   186  N  NH2 . ARG A 1 24  ? -0.168  23.535  9.179   1.00 30.24 ? 24  ARG A NH2 1 
ATOM   187  N  N   . VAL A 1 25  ? -1.370  18.405  6.620   1.00 36.72 ? 25  VAL A N   1 
ATOM   188  C  CA  . VAL A 1 25  ? -2.557  18.178  5.820   1.00 37.23 ? 25  VAL A CA  1 
ATOM   189  C  C   . VAL A 1 25  ? -2.224  18.378  4.345   1.00 37.92 ? 25  VAL A C   1 
ATOM   190  O  O   . VAL A 1 25  ? -2.769  17.682  3.493   1.00 39.47 ? 25  VAL A O   1 
ATOM   191  C  CB  . VAL A 1 25  ? -3.702  19.155  6.233   1.00 37.82 ? 25  VAL A CB  1 
ATOM   192  C  CG1 . VAL A 1 25  ? -4.732  19.274  5.122   1.00 36.56 ? 25  VAL A CG1 1 
ATOM   193  C  CG2 . VAL A 1 25  ? -4.385  18.657  7.511   1.00 35.22 ? 25  VAL A CG2 1 
ATOM   194  N  N   . SER A 1 26  ? -1.327  19.320  4.056   1.00 38.04 ? 26  SER A N   1 
ATOM   195  C  CA  . SER A 1 26  ? -0.911  19.636  2.687   1.00 38.12 ? 26  SER A CA  1 
ATOM   196  C  C   . SER A 1 26  ? -0.145  18.517  2.024   1.00 38.53 ? 26  SER A C   1 
ATOM   197  O  O   . SER A 1 26  ? -0.220  18.335  0.802   1.00 38.82 ? 26  SER A O   1 
ATOM   198  C  CB  . SER A 1 26  ? -0.035  20.885  2.658   1.00 38.63 ? 26  SER A CB  1 
ATOM   199  O  OG  . SER A 1 26  ? -0.788  22.039  2.967   1.00 42.03 ? 26  SER A OG  1 
ATOM   200  N  N   . ASP A 1 27  ? 0.629   17.794  2.821   1.00 37.56 ? 27  ASP A N   1 
ATOM   201  C  CA  . ASP A 1 27  ? 1.390   16.669  2.307   1.00 37.08 ? 27  ASP A CA  1 
ATOM   202  C  C   . ASP A 1 27  ? 0.439   15.563  1.874   1.00 37.54 ? 27  ASP A C   1 
ATOM   203  O  O   . ASP A 1 27  ? 0.674   14.886  0.868   1.00 40.67 ? 27  ASP A O   1 
ATOM   204  C  CB  . ASP A 1 27  ? 2.330   16.140  3.386   1.00 36.68 ? 27  ASP A CB  1 
ATOM   205  C  CG  . ASP A 1 27  ? 3.368   17.151  3.781   1.00 35.84 ? 27  ASP A CG  1 
ATOM   206  O  OD1 . ASP A 1 27  ? 4.076   17.651  2.880   1.00 37.13 ? 27  ASP A OD1 1 
ATOM   207  O  OD2 . ASP A 1 27  ? 3.473   17.451  4.981   1.00 38.37 ? 27  ASP A OD2 1 
ATOM   208  N  N   . ILE A 1 28  ? -0.642  15.381  2.626   1.00 37.20 ? 28  ILE A N   1 
ATOM   209  C  CA  . ILE A 1 28  ? -1.614  14.343  2.296   1.00 39.42 ? 28  ILE A CA  1 
ATOM   210  C  C   . ILE A 1 28  ? -2.353  14.714  1.001   1.00 41.28 ? 28  ILE A C   1 
ATOM   211  O  O   . ILE A 1 28  ? -2.444  13.911  0.066   1.00 40.48 ? 28  ILE A O   1 
ATOM   212  C  CB  . ILE A 1 28  ? -2.632  14.156  3.442   1.00 38.13 ? 28  ILE A CB  1 
ATOM   213  C  CG1 . ILE A 1 28  ? -1.897  13.783  4.732   1.00 37.21 ? 28  ILE A CG1 1 
ATOM   214  C  CG2 . ILE A 1 28  ? -3.621  13.083  3.077   1.00 34.65 ? 28  ILE A CG2 1 
ATOM   215  C  CD1 . ILE A 1 28  ? -2.765  13.906  5.962   1.00 38.92 ? 28  ILE A CD1 1 
ATOM   216  N  N   . ALA A 1 29  ? -2.868  15.938  0.963   1.00 42.05 ? 29  ALA A N   1 
ATOM   217  C  CA  . ALA A 1 29  ? -3.588  16.459  -0.192  1.00 42.31 ? 29  ALA A CA  1 
ATOM   218  C  C   . ALA A 1 29  ? -2.771  16.224  -1.444  1.00 42.26 ? 29  ALA A C   1 
ATOM   219  O  O   . ALA A 1 29  ? -3.211  15.568  -2.372  1.00 43.64 ? 29  ALA A O   1 
ATOM   220  C  CB  . ALA A 1 29  ? -3.839  17.957  -0.021  1.00 43.80 ? 29  ALA A CB  1 
ATOM   221  N  N   . GLU A 1 30  ? -1.569  16.775  -1.461  1.00 44.72 ? 30  GLU A N   1 
ATOM   222  C  CA  . GLU A 1 30  ? -0.676  16.642  -2.595  1.00 44.78 ? 30  GLU A CA  1 
ATOM   223  C  C   . GLU A 1 30  ? -0.449  15.183  -2.941  1.00 44.85 ? 30  GLU A C   1 
ATOM   224  O  O   . GLU A 1 30  ? -0.589  14.781  -4.095  1.00 44.03 ? 30  GLU A O   1 
ATOM   225  C  CB  . GLU A 1 30  ? 0.660   17.304  -2.278  1.00 45.57 ? 30  GLU A CB  1 
ATOM   226  C  CG  . GLU A 1 30  ? 1.718   17.095  -3.338  1.00 48.26 ? 30  GLU A CG  1 
ATOM   227  C  CD  . GLU A 1 30  ? 3.063   17.710  -2.959  1.00 51.66 ? 30  GLU A CD  1 
ATOM   228  O  OE1 . GLU A 1 30  ? 3.433   17.674  -1.760  1.00 51.87 ? 30  GLU A OE1 1 
ATOM   229  O  OE2 . GLU A 1 30  ? 3.766   18.216  -3.865  1.00 54.21 ? 30  GLU A OE2 1 
ATOM   230  N  N   . ALA A 1 31  ? -0.112  14.388  -1.931  1.00 43.91 ? 31  ALA A N   1 
ATOM   231  C  CA  . ALA A 1 31  ? 0.150   12.970  -2.144  1.00 41.91 ? 31  ALA A CA  1 
ATOM   232  C  C   . ALA A 1 31  ? -1.053  12.219  -2.717  1.00 41.01 ? 31  ALA A C   1 
ATOM   233  O  O   . ALA A 1 31  ? -0.905  11.401  -3.635  1.00 40.07 ? 31  ALA A O   1 
ATOM   234  C  CB  . ALA A 1 31  ? 0.610   12.332  -0.837  1.00 42.13 ? 31  ALA A CB  1 
ATOM   235  N  N   . LEU A 1 32  ? -2.238  12.493  -2.184  1.00 40.50 ? 32  LEU A N   1 
ATOM   236  C  CA  . LEU A 1 32  ? -3.468  11.837  -2.651  1.00 41.23 ? 32  LEU A CA  1 
ATOM   237  C  C   . LEU A 1 32  ? -4.207  12.611  -3.741  1.00 41.39 ? 32  LEU A C   1 
ATOM   238  O  O   . LEU A 1 32  ? -5.273  12.178  -4.193  1.00 42.29 ? 32  LEU A O   1 
ATOM   239  C  CB  . LEU A 1 32  ? -4.441  11.629  -1.490  1.00 39.09 ? 32  LEU A CB  1 
ATOM   240  C  CG  . LEU A 1 32  ? -3.947  10.729  -0.369  1.00 40.98 ? 32  LEU A CG  1 
ATOM   241  C  CD1 . LEU A 1 32  ? -4.988  10.661  0.749   1.00 38.90 ? 32  LEU A CD1 1 
ATOM   242  C  CD2 . LEU A 1 32  ? -3.662  9.354   -0.953  1.00 38.05 ? 32  LEU A CD2 1 
ATOM   243  N  N   . ALA A 1 33  ? -3.665  13.753  -4.154  1.00 41.46 ? 33  ALA A N   1 
ATOM   244  C  CA  . ALA A 1 33  ? -4.331  14.557  -5.174  1.00 43.21 ? 33  ALA A CA  1 
ATOM   245  C  C   . ALA A 1 33  ? -5.771  14.881  -4.751  1.00 43.07 ? 33  ALA A C   1 
ATOM   246  O  O   . ALA A 1 33  ? -6.683  14.902  -5.571  1.00 42.09 ? 33  ALA A O   1 
ATOM   247  C  CB  . ALA A 1 33  ? -4.333  13.810  -6.522  1.00 43.85 ? 33  ALA A CB  1 
ATOM   248  N  N   . VAL A 1 34  ? -5.966  15.136  -3.463  1.00 44.84 ? 34  VAL A N   1 
ATOM   249  C  CA  . VAL A 1 34  ? -7.289  15.468  -2.944  1.00 45.81 ? 34  VAL A CA  1 
ATOM   250  C  C   . VAL A 1 34  ? -7.339  16.900  -2.403  1.00 45.43 ? 34  VAL A C   1 
ATOM   251  O  O   . VAL A 1 34  ? -6.304  17.508  -2.104  1.00 45.85 ? 34  VAL A O   1 
ATOM   252  C  CB  . VAL A 1 34  ? -7.706  14.512  -1.799  1.00 46.94 ? 34  VAL A CB  1 
ATOM   253  C  CG1 . VAL A 1 34  ? -9.128  14.840  -1.339  1.00 49.88 ? 34  VAL A CG1 1 
ATOM   254  C  CG2 . VAL A 1 34  ? -7.624  13.073  -2.261  1.00 48.36 ? 34  VAL A CG2 1 
ATOM   255  N  N   . HIS A 1 35  ? -8.549  17.430  -2.277  1.00 43.51 ? 35  HIS A N   1 
ATOM   256  C  CA  . HIS A 1 35  ? -8.741  18.773  -1.761  1.00 43.22 ? 35  HIS A CA  1 
ATOM   257  C  C   . HIS A 1 35  ? -8.360  18.724  -0.272  1.00 43.60 ? 35  HIS A C   1 
ATOM   258  O  O   . HIS A 1 35  ? -8.770  17.806  0.452   1.00 42.74 ? 35  HIS A O   1 
ATOM   259  C  CB  . HIS A 1 35  ? -10.207 19.194  -1.958  1.00 41.67 ? 35  HIS A CB  1 
ATOM   260  C  CG  . HIS A 1 35  ? -10.503 20.598  -1.531  1.00 43.05 ? 35  HIS A CG  1 
ATOM   261  N  ND1 . HIS A 1 35  ? -11.131 21.511  -2.351  1.00 42.03 ? 35  HIS A ND1 1 
ATOM   262  C  CD2 . HIS A 1 35  ? -10.268 21.243  -0.363  1.00 43.18 ? 35  HIS A CD2 1 
ATOM   263  C  CE1 . HIS A 1 35  ? -11.270 22.657  -1.706  1.00 44.09 ? 35  HIS A CE1 1 
ATOM   264  N  NE2 . HIS A 1 35  ? -10.755 22.521  -0.497  1.00 42.25 ? 35  HIS A NE2 1 
ATOM   265  N  N   . PRO A 1 36  ? -7.555  19.699  0.192   1.00 42.75 ? 36  PRO A N   1 
ATOM   266  C  CA  . PRO A 1 36  ? -7.100  19.787  1.587   1.00 43.02 ? 36  PRO A CA  1 
ATOM   267  C  C   . PRO A 1 36  ? -8.222  19.908  2.606   1.00 44.25 ? 36  PRO A C   1 
ATOM   268  O  O   . PRO A 1 36  ? -8.116  19.399  3.731   1.00 45.63 ? 36  PRO A O   1 
ATOM   269  C  CB  . PRO A 1 36  ? -6.156  20.998  1.577   1.00 42.13 ? 36  PRO A CB  1 
ATOM   270  C  CG  . PRO A 1 36  ? -6.589  21.799  0.378   1.00 39.58 ? 36  PRO A CG  1 
ATOM   271  C  CD  . PRO A 1 36  ? -6.909  20.734  -0.636  1.00 42.31 ? 36  PRO A CD  1 
ATOM   272  N  N   . SER A 1 37  ? -9.299  20.578  2.218   1.00 43.95 ? 37  SER A N   1 
ATOM   273  C  CA  . SER A 1 37  ? -10.450 20.726  3.100   1.00 44.50 ? 37  SER A CA  1 
ATOM   274  C  C   . SER A 1 37  ? -11.028 19.327  3.384   1.00 43.21 ? 37  SER A C   1 
ATOM   275  O  O   . SER A 1 37  ? -11.452 19.019  4.501   1.00 42.77 ? 37  SER A O   1 
ATOM   276  C  CB  . SER A 1 37  ? -11.495 21.614  2.431   1.00 46.70 ? 37  SER A CB  1 
ATOM   277  O  OG  . SER A 1 37  ? -12.643 21.776  3.233   1.00 50.84 ? 37  SER A OG  1 
ATOM   278  N  N   . SER A 1 38  ? -11.023 18.478  2.363   1.00 41.79 ? 38  SER A N   1 
ATOM   279  C  CA  . SER A 1 38  ? -11.509 17.113  2.506   1.00 41.90 ? 38  SER A CA  1 
ATOM   280  C  C   . SER A 1 38  ? -10.532 16.349  3.411   1.00 41.72 ? 38  SER A C   1 
ATOM   281  O  O   . SER A 1 38  ? -10.940 15.486  4.194   1.00 42.58 ? 38  SER A O   1 
ATOM   282  C  CB  . SER A 1 38  ? -11.570 16.429  1.136   1.00 42.60 ? 38  SER A CB  1 
ATOM   283  O  OG  . SER A 1 38  ? -12.252 17.228  0.180   1.00 44.06 ? 38  SER A OG  1 
ATOM   284  N  N   . VAL A 1 39  ? -9.243  16.665  3.281   1.00 38.24 ? 39  VAL A N   1 
ATOM   285  C  CA  . VAL A 1 39  ? -8.202  16.012  4.065   1.00 36.80 ? 39  VAL A CA  1 
ATOM   286  C  C   . VAL A 1 39  ? -8.410  16.322  5.544   1.00 38.10 ? 39  VAL A C   1 
ATOM   287  O  O   . VAL A 1 39  ? -8.354  15.440  6.383   1.00 38.61 ? 39  VAL A O   1 
ATOM   288  C  CB  . VAL A 1 39  ? -6.788  16.484  3.614   1.00 33.32 ? 39  VAL A CB  1 
ATOM   289  C  CG1 . VAL A 1 39  ? -5.743  16.000  4.574   1.00 28.77 ? 39  VAL A CG1 1 
ATOM   290  C  CG2 . VAL A 1 39  ? -6.484  15.967  2.205   1.00 31.04 ? 39  VAL A CG2 1 
ATOM   291  N  N   . THR A 1 40  ? -8.654  17.593  5.842   1.00 41.81 ? 40  THR A N   1 
ATOM   292  C  CA  . THR A 1 40  ? -8.892  18.069  7.203   1.00 42.90 ? 40  THR A CA  1 
ATOM   293  C  C   . THR A 1 40  ? -10.032 17.286  7.855   1.00 44.29 ? 40  THR A C   1 
ATOM   294  O  O   . THR A 1 40  ? -9.900  16.774  8.977   1.00 42.98 ? 40  THR A O   1 
ATOM   295  C  CB  . THR A 1 40  ? -9.257  19.579  7.182   1.00 43.29 ? 40  THR A CB  1 
ATOM   296  O  OG1 . THR A 1 40  ? -8.095  20.348  6.854   1.00 43.37 ? 40  THR A OG1 1 
ATOM   297  C  CG2 . THR A 1 40  ? -9.801  20.033  8.531   1.00 42.95 ? 40  THR A CG2 1 
ATOM   298  N  N   . LYS A 1 41  ? -11.150 17.196  7.145   1.00 44.87 ? 41  LYS A N   1 
ATOM   299  C  CA  . LYS A 1 41  ? -12.302 16.470  7.651   1.00 46.30 ? 41  LYS A CA  1 
ATOM   300  C  C   . LYS A 1 41  ? -11.921 15.021  7.968   1.00 46.55 ? 41  LYS A C   1 
ATOM   301  O  O   . LYS A 1 41  ? -12.322 14.473  9.000   1.00 46.65 ? 41  LYS A O   1 
ATOM   302  C  CB  . LYS A 1 41  ? -13.435 16.507  6.620   1.00 47.27 ? 41  LYS A CB  1 
ATOM   303  C  CG  . LYS A 1 41  ? -14.669 15.731  7.039   1.00 47.86 ? 41  LYS A CG  1 
ATOM   304  C  CD  . LYS A 1 41  ? -15.788 15.851  6.015   1.00 50.20 ? 41  LYS A CD  1 
ATOM   305  C  CE  . LYS A 1 41  ? -16.920 14.889  6.359   1.00 51.44 ? 41  LYS A CE  1 
ATOM   306  N  NZ  . LYS A 1 41  ? -17.897 14.706  5.258   1.00 50.26 ? 41  LYS A NZ  1 
ATOM   307  N  N   . MET A 1 42  ? -11.144 14.408  7.081   1.00 45.71 ? 42  MET A N   1 
ATOM   308  C  CA  . MET A 1 42  ? -10.707 13.025  7.277   1.00 46.46 ? 42  MET A CA  1 
ATOM   309  C  C   . MET A 1 42  ? -9.770  12.873  8.478   1.00 45.20 ? 42  MET A C   1 
ATOM   310  O  O   . MET A 1 42  ? -9.913  11.948  9.288   1.00 43.85 ? 42  MET A O   1 
ATOM   311  C  CB  . MET A 1 42  ? -10.009 12.516  6.015   1.00 47.56 ? 42  MET A CB  1 
ATOM   312  C  CG  . MET A 1 42  ? -10.925 12.410  4.802   1.00 49.08 ? 42  MET A CG  1 
ATOM   313  S  SD  . MET A 1 42  ? -12.323 11.249  5.057   1.00 58.16 ? 42  MET A SD  1 
ATOM   314  C  CE  . MET A 1 42  ? -11.467 9.607   5.283   1.00 49.69 ? 42  MET A CE  1 
ATOM   315  N  N   . VAL A 1 43  ? -8.810  13.786  8.576   1.00 42.76 ? 43  VAL A N   1 
ATOM   316  C  CA  . VAL A 1 43  ? -7.843  13.782  9.662   1.00 43.05 ? 43  VAL A CA  1 
ATOM   317  C  C   . VAL A 1 43  ? -8.569  13.895  11.007  1.00 45.96 ? 43  VAL A C   1 
ATOM   318  O  O   . VAL A 1 43  ? -8.186  13.240  11.991  1.00 44.48 ? 43  VAL A O   1 
ATOM   319  C  CB  . VAL A 1 43  ? -6.837  14.955  9.495   1.00 41.37 ? 43  VAL A CB  1 
ATOM   320  C  CG1 . VAL A 1 43  ? -6.051  15.192  10.772  1.00 38.51 ? 43  VAL A CG1 1 
ATOM   321  C  CG2 . VAL A 1 43  ? -5.888  14.642  8.363   1.00 38.75 ? 43  VAL A CG2 1 
ATOM   322  N  N   . GLN A 1 44  ? -9.615  14.723  11.034  1.00 47.56 ? 44  GLN A N   1 
ATOM   323  C  CA  . GLN A 1 44  ? -10.415 14.938  12.233  1.00 49.67 ? 44  GLN A CA  1 
ATOM   324  C  C   . GLN A 1 44  ? -11.155 13.674  12.658  1.00 50.20 ? 44  GLN A C   1 
ATOM   325  O  O   . GLN A 1 44  ? -11.321 13.417  13.848  1.00 49.51 ? 44  GLN A O   1 
ATOM   326  C  CB  . GLN A 1 44  ? -11.417 16.074  12.009  1.00 51.99 ? 44  GLN A CB  1 
ATOM   327  C  CG  . GLN A 1 44  ? -10.772 17.461  12.012  1.00 56.28 ? 44  GLN A CG  1 
ATOM   328  C  CD  . GLN A 1 44  ? -11.756 18.599  11.760  1.00 57.50 ? 44  GLN A CD  1 
ATOM   329  O  OE1 . GLN A 1 44  ? -11.407 19.774  11.909  1.00 57.87 ? 44  GLN A OE1 1 
ATOM   330  N  NE2 . GLN A 1 44  ? -12.986 18.257  11.372  1.00 57.09 ? 44  GLN A NE2 1 
ATOM   331  N  N   . LYS A 1 45  ? -11.624 12.892  11.696  1.00 50.65 ? 45  LYS A N   1 
ATOM   332  C  CA  . LYS A 1 45  ? -12.304 11.652  12.046  1.00 52.44 ? 45  LYS A CA  1 
ATOM   333  C  C   . LYS A 1 45  ? -11.227 10.711  12.597  1.00 52.32 ? 45  LYS A C   1 
ATOM   334  O  O   . LYS A 1 45  ? -11.423 10.062  13.619  1.00 52.95 ? 45  LYS A O   1 
ATOM   335  C  CB  . LYS A 1 45  ? -12.970 11.030  10.816  1.00 53.93 ? 45  LYS A CB  1 
ATOM   336  C  CG  . LYS A 1 45  ? -13.642 9.689   11.080  1.00 57.89 ? 45  LYS A CG  1 
ATOM   337  C  CD  . LYS A 1 45  ? -14.803 9.818   12.063  1.00 60.93 ? 45  LYS A CD  1 
ATOM   338  C  CE  . LYS A 1 45  ? -15.595 8.511   12.185  1.00 61.32 ? 45  LYS A CE  1 
ATOM   339  N  NZ  . LYS A 1 45  ? -16.746 8.641   13.131  1.00 60.07 ? 45  LYS A NZ  1 
ATOM   340  N  N   . LEU A 1 46  ? -10.088 10.654  11.910  1.00 50.81 ? 46  LEU A N   1 
ATOM   341  C  CA  . LEU A 1 46  ? -8.977  9.815   12.334  1.00 48.96 ? 46  LEU A CA  1 
ATOM   342  C  C   . LEU A 1 46  ? -8.525  10.189  13.735  1.00 49.25 ? 46  LEU A C   1 
ATOM   343  O  O   . LEU A 1 46  ? -8.184  9.321   14.533  1.00 48.44 ? 46  LEU A O   1 
ATOM   344  C  CB  . LEU A 1 46  ? -7.818  9.938   11.340  1.00 45.79 ? 46  LEU A CB  1 
ATOM   345  C  CG  . LEU A 1 46  ? -8.122  9.192   10.041  1.00 45.44 ? 46  LEU A CG  1 
ATOM   346  C  CD1 . LEU A 1 46  ? -7.056  9.435   8.995   1.00 46.17 ? 46  LEU A CD1 1 
ATOM   347  C  CD2 . LEU A 1 46  ? -8.224  7.705   10.359  1.00 42.51 ? 46  LEU A CD2 1 
ATOM   348  N  N   . ASP A 1 47  ? -8.532  11.485  14.030  1.00 50.76 ? 47  ASP A N   1 
ATOM   349  C  CA  . ASP A 1 47  ? -8.143  11.970  15.349  1.00 51.32 ? 47  ASP A CA  1 
ATOM   350  C  C   . ASP A 1 47  ? -9.154  11.450  16.362  1.00 51.22 ? 47  ASP A C   1 
ATOM   351  O  O   . ASP A 1 47  ? -8.800  11.046  17.473  1.00 49.87 ? 47  ASP A O   1 
ATOM   352  C  CB  . ASP A 1 47  ? -8.144  13.503  15.386  1.00 52.23 ? 47  ASP A CB  1 
ATOM   353  C  CG  . ASP A 1 47  ? -7.634  14.059  16.725  1.00 54.20 ? 47  ASP A CG  1 
ATOM   354  O  OD1 . ASP A 1 47  ? -7.905  13.425  17.767  1.00 53.05 ? 47  ASP A OD1 1 
ATOM   355  O  OD2 . ASP A 1 47  ? -6.975  15.126  16.739  1.00 53.69 ? 47  ASP A OD2 1 
ATOM   356  N  N   . LYS A 1 48  ? -10.419 11.473  15.958  1.00 51.29 ? 48  LYS A N   1 
ATOM   357  C  CA  . LYS A 1 48  ? -11.516 11.016  16.795  1.00 51.74 ? 48  LYS A CA  1 
ATOM   358  C  C   . LYS A 1 48  ? -11.396 9.513   17.080  1.00 50.60 ? 48  LYS A C   1 
ATOM   359  O  O   . LYS A 1 48  ? -11.548 9.083   18.222  1.00 51.17 ? 48  LYS A O   1 
ATOM   360  C  CB  . LYS A 1 48  ? -12.851 11.332  16.112  1.00 53.32 ? 48  LYS A CB  1 
ATOM   361  C  CG  . LYS A 1 48  ? -14.069 10.916  16.913  1.00 57.84 ? 48  LYS A CG  1 
ATOM   362  C  CD  . LYS A 1 48  ? -15.372 11.204  16.163  1.00 61.39 ? 48  LYS A CD  1 
ATOM   363  C  CE  . LYS A 1 48  ? -16.576 10.654  16.935  1.00 62.97 ? 48  LYS A CE  1 
ATOM   364  N  NZ  . LYS A 1 48  ? -17.871 10.981  16.279  1.00 64.73 ? 48  LYS A NZ  1 
ATOM   365  N  N   . ASP A 1 49  ? -11.118 8.718   16.053  1.00 49.71 ? 49  ASP A N   1 
ATOM   366  C  CA  . ASP A 1 49  ? -10.971 7.276   16.241  1.00 49.73 ? 49  ASP A CA  1 
ATOM   367  C  C   . ASP A 1 49  ? -9.601  6.931   16.828  1.00 49.99 ? 49  ASP A C   1 
ATOM   368  O  O   . ASP A 1 49  ? -9.207  5.766   16.879  1.00 48.44 ? 49  ASP A O   1 
ATOM   369  C  CB  . ASP A 1 49  ? -11.181 6.521   14.923  1.00 50.07 ? 49  ASP A CB  1 
ATOM   370  C  CG  . ASP A 1 49  ? -12.650 6.411   14.530  1.00 50.95 ? 49  ASP A CG  1 
ATOM   371  O  OD1 . ASP A 1 49  ? -12.987 5.476   13.769  1.00 50.56 ? 49  ASP A OD1 1 
ATOM   372  O  OD2 . ASP A 1 49  ? -13.465 7.255   14.970  1.00 49.17 ? 49  ASP A OD2 1 
ATOM   373  N  N   . GLU A 1 50  ? -8.888  7.963   17.268  1.00 50.10 ? 50  GLU A N   1 
ATOM   374  C  CA  . GLU A 1 50  ? -7.577  7.832   17.897  1.00 51.54 ? 50  GLU A CA  1 
ATOM   375  C  C   . GLU A 1 50  ? -6.483  7.106   17.124  1.00 50.96 ? 50  GLU A C   1 
ATOM   376  O  O   . GLU A 1 50  ? -5.729  6.305   17.690  1.00 51.60 ? 50  GLU A O   1 
ATOM   377  C  CB  . GLU A 1 50  ? -7.718  7.201   19.285  1.00 52.30 ? 50  GLU A CB  1 
ATOM   378  C  CG  . GLU A 1 50  ? -8.723  7.919   20.166  1.00 56.43 ? 50  GLU A CG  1 
ATOM   379  C  CD  . GLU A 1 50  ? -8.640  7.508   21.625  1.00 56.27 ? 50  GLU A CD  1 
ATOM   380  O  OE1 . GLU A 1 50  ? -7.780  8.063   22.348  1.00 54.72 ? 50  GLU A OE1 1 
ATOM   381  O  OE2 . GLU A 1 50  ? -9.432  6.627   22.034  1.00 55.26 ? 50  GLU A OE2 1 
ATOM   382  N  N   . TYR A 1 51  ? -6.387  7.393   15.833  1.00 49.63 ? 51  TYR A N   1 
ATOM   383  C  CA  . TYR A 1 51  ? -5.342  6.800   15.020  1.00 47.57 ? 51  TYR A CA  1 
ATOM   384  C  C   . TYR A 1 51  ? -4.163  7.751   15.018  1.00 46.65 ? 51  TYR A C   1 
ATOM   385  O  O   . TYR A 1 51  ? -3.014  7.328   15.033  1.00 47.39 ? 51  TYR A O   1 
ATOM   386  C  CB  . TYR A 1 51  ? -5.816  6.589   13.581  1.00 47.11 ? 51  TYR A CB  1 
ATOM   387  C  CG  . TYR A 1 51  ? -6.760  5.426   13.424  1.00 46.20 ? 51  TYR A CG  1 
ATOM   388  C  CD1 . TYR A 1 51  ? -8.136  5.604   13.494  1.00 46.29 ? 51  TYR A CD1 1 
ATOM   389  C  CD2 . TYR A 1 51  ? -6.270  4.134   13.259  1.00 45.67 ? 51  TYR A CD2 1 
ATOM   390  C  CE1 . TYR A 1 51  ? -9.004  4.513   13.407  1.00 46.62 ? 51  TYR A CE1 1 
ATOM   391  C  CE2 . TYR A 1 51  ? -7.121  3.042   13.175  1.00 45.08 ? 51  TYR A CE2 1 
ATOM   392  C  CZ  . TYR A 1 51  ? -8.488  3.231   13.249  1.00 47.02 ? 51  TYR A CZ  1 
ATOM   393  O  OH  . TYR A 1 51  ? -9.334  2.133   13.170  1.00 46.77 ? 51  TYR A OH  1 
ATOM   394  N  N   . LEU A 1 52  ? -4.458  9.046   15.037  1.00 47.02 ? 52  LEU A N   1 
ATOM   395  C  CA  . LEU A 1 52  ? -3.418  10.068  14.980  1.00 47.52 ? 52  LEU A CA  1 
ATOM   396  C  C   . LEU A 1 52  ? -3.635  11.289  15.860  1.00 48.90 ? 52  LEU A C   1 
ATOM   397  O  O   . LEU A 1 52  ? -4.675  11.458  16.486  1.00 48.13 ? 52  LEU A O   1 
ATOM   398  C  CB  . LEU A 1 52  ? -3.266  10.550  13.532  1.00 44.40 ? 52  LEU A CB  1 
ATOM   399  C  CG  . LEU A 1 52  ? -4.562  11.093  12.906  1.00 43.60 ? 52  LEU A CG  1 
ATOM   400  C  CD1 . LEU A 1 52  ? -4.958  12.437  13.516  1.00 43.64 ? 52  LEU A CD1 1 
ATOM   401  C  CD2 . LEU A 1 52  ? -4.364  11.262  11.405  1.00 45.23 ? 52  LEU A CD2 1 
ATOM   402  N  N   . ILE A 1 53  ? -2.634  12.162  15.828  1.00 51.95 ? 53  ILE A N   1 
ATOM   403  C  CA  . ILE A 1 53  ? -2.615  13.409  16.566  1.00 54.47 ? 53  ILE A CA  1 
ATOM   404  C  C   . ILE A 1 53  ? -2.137  14.505  15.618  1.00 57.45 ? 53  ILE A C   1 
ATOM   405  O  O   . ILE A 1 53  ? -1.091  14.364  14.984  1.00 58.45 ? 53  ILE A O   1 
ATOM   406  C  CB  . ILE A 1 53  ? -1.678  13.278  17.796  1.00 54.11 ? 53  ILE A CB  1 
ATOM   407  C  CG1 . ILE A 1 53  ? -2.525  12.917  19.014  1.00 52.03 ? 53  ILE A CG1 1 
ATOM   408  C  CG2 . ILE A 1 53  ? -0.842  14.532  17.997  1.00 53.54 ? 53  ILE A CG2 1 
ATOM   409  C  CD1 . ILE A 1 53  ? -3.700  13.832  19.222  1.00 54.29 ? 53  ILE A CD1 1 
ATOM   410  N  N   . TYR A 1 54  ? -2.910  15.587  15.520  1.00 60.10 ? 54  TYR A N   1 
ATOM   411  C  CA  . TYR A 1 54  ? -2.579  16.701  14.627  1.00 63.01 ? 54  TYR A CA  1 
ATOM   412  C  C   . TYR A 1 54  ? -2.356  18.019  15.373  1.00 64.08 ? 54  TYR A C   1 
ATOM   413  O  O   . TYR A 1 54  ? -3.268  18.837  15.451  1.00 65.38 ? 54  TYR A O   1 
ATOM   414  C  CB  . TYR A 1 54  ? -3.714  16.899  13.606  1.00 63.61 ? 54  TYR A CB  1 
ATOM   415  C  CG  . TYR A 1 54  ? -3.410  17.903  12.502  1.00 65.64 ? 54  TYR A CG  1 
ATOM   416  C  CD1 . TYR A 1 54  ? -4.428  18.676  11.935  1.00 66.01 ? 54  TYR A CD1 1 
ATOM   417  C  CD2 . TYR A 1 54  ? -2.111  18.056  11.998  1.00 66.46 ? 54  TYR A CD2 1 
ATOM   418  C  CE1 . TYR A 1 54  ? -4.161  19.577  10.888  1.00 67.06 ? 54  TYR A CE1 1 
ATOM   419  C  CE2 . TYR A 1 54  ? -1.834  18.950  10.947  1.00 66.90 ? 54  TYR A CE2 1 
ATOM   420  C  CZ  . TYR A 1 54  ? -2.863  19.706  10.397  1.00 66.98 ? 54  TYR A CZ  1 
ATOM   421  O  OH  . TYR A 1 54  ? -2.598  20.575  9.355   1.00 66.02 ? 54  TYR A OH  1 
ATOM   422  N  N   . GLU A 1 55  ? -1.154  18.246  15.901  1.00 65.48 ? 55  GLU A N   1 
ATOM   423  C  CA  . GLU A 1 55  ? -0.894  19.486  16.629  1.00 66.61 ? 55  GLU A CA  1 
ATOM   424  C  C   . GLU A 1 55  ? -0.138  20.542  15.819  1.00 67.07 ? 55  GLU A C   1 
ATOM   425  O  O   . GLU A 1 55  ? 0.097   20.374  14.623  1.00 67.26 ? 55  GLU A O   1 
ATOM   426  C  CB  . GLU A 1 55  ? -0.138  19.186  17.924  1.00 69.02 ? 55  GLU A CB  1 
ATOM   427  C  CG  . GLU A 1 55  ? -0.912  18.327  18.924  1.00 71.26 ? 55  GLU A CG  1 
ATOM   428  C  CD  . GLU A 1 55  ? -2.311  18.856  19.198  1.00 72.61 ? 55  GLU A CD  1 
ATOM   429  O  OE1 . GLU A 1 55  ? -3.211  18.617  18.365  1.00 72.96 ? 55  GLU A OE1 1 
ATOM   430  O  OE2 . GLU A 1 55  ? -2.510  19.521  20.240  1.00 73.61 ? 55  GLU A OE2 1 
ATOM   431  N  N   . LYS A 1 56  ? 0.243   21.631  16.479  1.00 67.27 ? 56  LYS A N   1 
ATOM   432  C  CA  . LYS A 1 56  ? 0.958   22.726  15.820  1.00 67.57 ? 56  LYS A CA  1 
ATOM   433  C  C   . LYS A 1 56  ? 2.406   22.414  15.436  1.00 67.63 ? 56  LYS A C   1 
ATOM   434  O  O   . LYS A 1 56  ? 2.727   22.273  14.250  1.00 69.26 ? 56  LYS A O   1 
ATOM   435  C  CB  . LYS A 1 56  ? 0.943   23.984  16.701  1.00 67.72 ? 56  LYS A CB  1 
ATOM   436  C  CG  . LYS A 1 56  ? -0.024  25.068  16.249  1.00 68.21 ? 56  LYS A CG  1 
ATOM   437  C  CD  . LYS A 1 56  ? -1.470  24.610  16.327  1.00 68.05 ? 56  LYS A CD  1 
ATOM   438  C  CE  . LYS A 1 56  ? -2.407  25.743  15.972  1.00 68.43 ? 56  LYS A CE  1 
ATOM   439  N  NZ  . LYS A 1 56  ? -2.123  26.285  14.614  1.00 68.65 ? 56  LYS A NZ  1 
ATOM   440  N  N   . TYR A 1 57  ? 3.275   22.324  16.438  1.00 65.36 ? 57  TYR A N   1 
ATOM   441  C  CA  . TYR A 1 57  ? 4.689   22.056  16.216  1.00 64.24 ? 57  TYR A CA  1 
ATOM   442  C  C   . TYR A 1 57  ? 4.905   20.583  15.931  1.00 63.45 ? 57  TYR A C   1 
ATOM   443  O  O   . TYR A 1 57  ? 5.932   20.185  15.376  1.00 64.12 ? 57  TYR A O   1 
ATOM   444  C  CB  . TYR A 1 57  ? 5.491   22.499  17.451  1.00 65.13 ? 57  TYR A CB  1 
ATOM   445  C  CG  . TYR A 1 57  ? 6.214   21.400  18.203  1.00 65.07 ? 57  TYR A CG  1 
ATOM   446  C  CD1 . TYR A 1 57  ? 7.454   20.928  17.767  1.00 65.69 ? 57  TYR A CD1 1 
ATOM   447  C  CD2 . TYR A 1 57  ? 5.666   20.840  19.359  1.00 66.26 ? 57  TYR A CD2 1 
ATOM   448  C  CE1 . TYR A 1 57  ? 8.136   19.927  18.464  1.00 66.74 ? 57  TYR A CE1 1 
ATOM   449  C  CE2 . TYR A 1 57  ? 6.337   19.831  20.069  1.00 66.72 ? 57  TYR A CE2 1 
ATOM   450  C  CZ  . TYR A 1 57  ? 7.575   19.379  19.613  1.00 67.29 ? 57  TYR A CZ  1 
ATOM   451  O  OH  . TYR A 1 57  ? 8.254   18.381  20.294  1.00 66.18 ? 57  TYR A OH  1 
ATOM   452  N  N   . ARG A 1 58  ? 3.919   19.778  16.306  1.00 61.36 ? 58  ARG A N   1 
ATOM   453  C  CA  . ARG A 1 58  ? 3.989   18.340  16.123  1.00 58.46 ? 58  ARG A CA  1 
ATOM   454  C  C   . ARG A 1 58  ? 3.698   17.955  14.683  1.00 57.35 ? 58  ARG A C   1 
ATOM   455  O  O   . ARG A 1 58  ? 4.424   17.157  14.076  1.00 58.07 ? 58  ARG A O   1 
ATOM   456  C  CB  . ARG A 1 58  ? 2.974   17.670  17.049  1.00 58.66 ? 58  ARG A CB  1 
ATOM   457  C  CG  . ARG A 1 58  ? 3.166   18.008  18.507  1.00 56.75 ? 58  ARG A CG  1 
ATOM   458  C  CD  . ARG A 1 58  ? 4.072   17.003  19.148  1.00 55.98 ? 58  ARG A CD  1 
ATOM   459  N  NE  . ARG A 1 58  ? 3.373   15.746  19.377  1.00 55.92 ? 58  ARG A NE  1 
ATOM   460  C  CZ  . ARG A 1 58  ? 3.975   14.565  19.475  1.00 56.14 ? 58  ARG A CZ  1 
ATOM   461  N  NH1 . ARG A 1 58  ? 5.294   14.469  19.354  1.00 55.27 ? 58  ARG A NH1 1 
ATOM   462  N  NH2 . ARG A 1 58  ? 3.258   13.477  19.711  1.00 55.92 ? 58  ARG A NH2 1 
ATOM   463  N  N   . GLY A 1 59  ? 2.640   18.545  14.136  1.00 54.57 ? 59  GLY A N   1 
ATOM   464  C  CA  . GLY A 1 59  ? 2.229   18.224  12.785  1.00 50.27 ? 59  GLY A CA  1 
ATOM   465  C  C   . GLY A 1 59  ? 1.443   16.948  12.978  1.00 49.40 ? 59  GLY A C   1 
ATOM   466  O  O   . GLY A 1 59  ? 0.787   16.792  14.016  1.00 51.21 ? 59  GLY A O   1 
ATOM   467  N  N   . LEU A 1 60  ? 1.497   16.034  12.010  1.00 45.18 ? 60  LEU A N   1 
ATOM   468  C  CA  . LEU A 1 60  ? 0.783   14.775  12.145  1.00 39.99 ? 60  LEU A CA  1 
ATOM   469  C  C   . LEU A 1 60  ? 1.657   13.750  12.864  1.00 39.35 ? 60  LEU A C   1 
ATOM   470  O  O   . LEU A 1 60  ? 2.854   13.616  12.573  1.00 38.69 ? 60  LEU A O   1 
ATOM   471  C  CB  . LEU A 1 60  ? 0.393   14.198  10.774  1.00 40.10 ? 60  LEU A CB  1 
ATOM   472  C  CG  . LEU A 1 60  ? -0.883  14.512  9.967   1.00 38.89 ? 60  LEU A CG  1 
ATOM   473  C  CD1 . LEU A 1 60  ? -1.947  15.171  10.812  1.00 36.28 ? 60  LEU A CD1 1 
ATOM   474  C  CD2 . LEU A 1 60  ? -0.518  15.385  8.804   1.00 38.61 ? 60  LEU A CD2 1 
ATOM   475  N  N   . VAL A 1 61  ? 1.057   13.046  13.820  1.00 37.72 ? 61  VAL A N   1 
ATOM   476  C  CA  . VAL A 1 61  ? 1.734   11.990  14.550  1.00 35.13 ? 61  VAL A CA  1 
ATOM   477  C  C   . VAL A 1 61  ? 0.749   10.855  14.739  1.00 36.38 ? 61  VAL A C   1 
ATOM   478  O  O   . VAL A 1 61  ? -0.386  11.056  15.175  1.00 39.02 ? 61  VAL A O   1 
ATOM   479  C  CB  . VAL A 1 61  ? 2.225   12.434  15.922  1.00 35.05 ? 61  VAL A CB  1 
ATOM   480  C  CG1 . VAL A 1 61  ? 2.927   11.250  16.610  1.00 31.33 ? 61  VAL A CG1 1 
ATOM   481  C  CG2 . VAL A 1 61  ? 3.198   13.618  15.780  1.00 34.72 ? 61  VAL A CG2 1 
ATOM   482  N  N   . LEU A 1 62  ? 1.174   9.652   14.394  1.00 36.76 ? 62  LEU A N   1 
ATOM   483  C  CA  . LEU A 1 62  ? 0.314   8.491   14.534  1.00 36.20 ? 62  LEU A CA  1 
ATOM   484  C  C   . LEU A 1 62  ? 0.347   8.001   15.972  1.00 36.40 ? 62  LEU A C   1 
ATOM   485  O  O   . LEU A 1 62  ? 1.407   7.984   16.604  1.00 34.28 ? 62  LEU A O   1 
ATOM   486  C  CB  . LEU A 1 62  ? 0.784   7.367   13.603  1.00 36.05 ? 62  LEU A CB  1 
ATOM   487  C  CG  . LEU A 1 62  ? 0.578   7.482   12.100  1.00 34.72 ? 62  LEU A CG  1 
ATOM   488  C  CD1 . LEU A 1 62  ? 1.292   6.314   11.410  1.00 34.86 ? 62  LEU A CD1 1 
ATOM   489  C  CD2 . LEU A 1 62  ? -0.902  7.470   11.786  1.00 33.04 ? 62  LEU A CD2 1 
ATOM   490  N  N   . THR A 1 63  ? -0.813  7.621   16.500  1.00 36.70 ? 63  THR A N   1 
ATOM   491  C  CA  . THR A 1 63  ? -0.857  7.104   17.861  1.00 37.11 ? 63  THR A CA  1 
ATOM   492  C  C   . THR A 1 63  ? -0.264  5.718   17.757  1.00 39.11 ? 63  THR A C   1 
ATOM   493  O  O   . THR A 1 63  ? 0.042   5.257   16.656  1.00 41.29 ? 63  THR A O   1 
ATOM   494  C  CB  . THR A 1 63  ? -2.293  6.993   18.396  1.00 36.33 ? 63  THR A CB  1 
ATOM   495  O  OG1 . THR A 1 63  ? -3.051  6.074   17.596  1.00 36.26 ? 63  THR A OG1 1 
ATOM   496  C  CG2 . THR A 1 63  ? -2.952  8.344   18.363  1.00 37.14 ? 63  THR A CG2 1 
ATOM   497  N  N   . SER A 1 64  ? -0.106  5.049   18.890  1.00 39.85 ? 64  SER A N   1 
ATOM   498  C  CA  . SER A 1 64  ? 0.462   3.706   18.903  1.00 41.73 ? 64  SER A CA  1 
ATOM   499  C  C   . SER A 1 64  ? -0.407  2.791   18.056  1.00 40.33 ? 64  SER A C   1 
ATOM   500  O  O   . SER A 1 64  ? 0.086   1.878   17.400  1.00 42.04 ? 64  SER A O   1 
ATOM   501  C  CB  . SER A 1 64  ? 0.534   3.172   20.338  1.00 41.94 ? 64  SER A CB  1 
ATOM   502  O  OG  . SER A 1 64  ? -0.775  2.955   20.841  1.00 48.67 ? 64  SER A OG  1 
ATOM   503  N  N   . LYS A 1 65  ? -1.707  3.056   18.077  1.00 39.94 ? 65  LYS A N   1 
ATOM   504  C  CA  . LYS A 1 65  ? -2.673  2.275   17.321  1.00 39.33 ? 65  LYS A CA  1 
ATOM   505  C  C   . LYS A 1 65  ? -2.571  2.581   15.827  1.00 38.77 ? 65  LYS A C   1 
ATOM   506  O  O   . LYS A 1 65  ? -2.639  1.689   14.996  1.00 38.11 ? 65  LYS A O   1 
ATOM   507  C  CB  . LYS A 1 65  ? -4.096  2.581   17.802  1.00 38.71 ? 65  LYS A CB  1 
ATOM   508  C  CG  . LYS A 1 65  ? -5.050  1.423   17.572  1.00 41.54 ? 65  LYS A CG  1 
ATOM   509  C  CD  . LYS A 1 65  ? -6.310  1.836   16.861  1.00 44.08 ? 65  LYS A CD  1 
ATOM   510  C  CE  . LYS A 1 65  ? -7.164  2.757   17.700  1.00 44.86 ? 65  LYS A CE  1 
ATOM   511  N  NZ  . LYS A 1 65  ? -8.549  2.796   17.141  1.00 45.95 ? 65  LYS A NZ  1 
ATOM   512  N  N   . GLY A 1 66  ? -2.424  3.855   15.490  1.00 39.58 ? 66  GLY A N   1 
ATOM   513  C  CA  . GLY A 1 66  ? -2.305  4.215   14.092  1.00 38.53 ? 66  GLY A CA  1 
ATOM   514  C  C   . GLY A 1 66  ? -1.081  3.552   13.501  1.00 37.13 ? 66  GLY A C   1 
ATOM   515  O  O   . GLY A 1 66  ? -1.105  3.088   12.366  1.00 37.08 ? 66  GLY A O   1 
ATOM   516  N  N   . LYS A 1 67  ? -0.006  3.495   14.281  1.00 38.46 ? 67  LYS A N   1 
ATOM   517  C  CA  . LYS A 1 67  ? 1.244   2.894   13.822  1.00 38.37 ? 67  LYS A CA  1 
ATOM   518  C  C   . LYS A 1 67  ? 1.194   1.395   13.529  1.00 38.61 ? 67  LYS A C   1 
ATOM   519  O  O   . LYS A 1 67  ? 1.897   0.922   12.644  1.00 38.18 ? 67  LYS A O   1 
ATOM   520  C  CB  . LYS A 1 67  ? 2.359   3.173   14.827  1.00 38.49 ? 67  LYS A CB  1 
ATOM   521  C  CG  . LYS A 1 67  ? 2.586   4.652   15.098  1.00 37.83 ? 67  LYS A CG  1 
ATOM   522  C  CD  . LYS A 1 67  ? 3.783   4.854   15.996  1.00 38.21 ? 67  LYS A CD  1 
ATOM   523  C  CE  . LYS A 1 67  ? 3.951   6.314   16.349  1.00 40.84 ? 67  LYS A CE  1 
ATOM   524  N  NZ  . LYS A 1 67  ? 5.211   6.534   17.084  1.00 41.18 ? 67  LYS A NZ  1 
ATOM   525  N  N   . LYS A 1 68  ? 0.379   0.644   14.261  1.00 39.79 ? 68  LYS A N   1 
ATOM   526  C  CA  . LYS A 1 68  ? 0.295   -0.796  14.025  1.00 41.96 ? 68  LYS A CA  1 
ATOM   527  C  C   . LYS A 1 68  ? -0.459  -1.029  12.727  1.00 41.65 ? 68  LYS A C   1 
ATOM   528  O  O   . LYS A 1 68  ? -0.041  -1.817  11.876  1.00 41.40 ? 68  LYS A O   1 
ATOM   529  C  CB  . LYS A 1 68  ? -0.459  -1.504  15.154  1.00 44.01 ? 68  LYS A CB  1 
ATOM   530  C  CG  . LYS A 1 68  ? -0.078  -1.108  16.562  1.00 47.56 ? 68  LYS A CG  1 
ATOM   531  C  CD  . LYS A 1 68  ? -0.086  -2.336  17.480  1.00 51.51 ? 68  LYS A CD  1 
ATOM   532  C  CE  . LYS A 1 68  ? -1.246  -3.290  17.176  1.00 49.89 ? 68  LYS A CE  1 
ATOM   533  N  NZ  . LYS A 1 68  ? -1.114  -4.546  17.983  1.00 51.29 ? 68  LYS A NZ  1 
ATOM   534  N  N   . ILE A 1 69  ? -1.581  -0.328  12.589  1.00 41.25 ? 69  ILE A N   1 
ATOM   535  C  CA  . ILE A 1 69  ? -2.421  -0.448  11.406  1.00 41.72 ? 69  ILE A CA  1 
ATOM   536  C  C   . ILE A 1 69  ? -1.712  0.091   10.179  1.00 39.78 ? 69  ILE A C   1 
ATOM   537  O  O   . ILE A 1 69  ? -1.677  -0.573  9.145   1.00 39.85 ? 69  ILE A O   1 
ATOM   538  C  CB  . ILE A 1 69  ? -3.749  0.321   11.578  1.00 43.14 ? 69  ILE A CB  1 
ATOM   539  C  CG1 . ILE A 1 69  ? -4.363  -0.004  12.941  1.00 44.91 ? 69  ILE A CG1 1 
ATOM   540  C  CG2 . ILE A 1 69  ? -4.738  -0.106  10.497  1.00 40.81 ? 69  ILE A CG2 1 
ATOM   541  C  CD1 . ILE A 1 69  ? -4.770  -1.473  13.095  1.00 45.06 ? 69  ILE A CD1 1 
ATOM   542  N  N   . GLY A 1 70  ? -1.153  1.293   10.309  1.00 37.45 ? 70  GLY A N   1 
ATOM   543  C  CA  . GLY A 1 70  ? -0.449  1.918   9.213   1.00 33.57 ? 70  GLY A CA  1 
ATOM   544  C  C   . GLY A 1 70  ? 0.633   1.022   8.673   1.00 34.38 ? 70  GLY A C   1 
ATOM   545  O  O   . GLY A 1 70  ? 0.730   0.838   7.461   1.00 37.62 ? 70  GLY A O   1 
ATOM   546  N  N   . LYS A 1 71  ? 1.439   0.445   9.560   1.00 32.51 ? 71  LYS A N   1 
ATOM   547  C  CA  . LYS A 1 71  ? 2.522   -0.439  9.146   1.00 32.37 ? 71  LYS A CA  1 
ATOM   548  C  C   . LYS A 1 71  ? 2.011   -1.700  8.475   1.00 33.45 ? 71  LYS A C   1 
ATOM   549  O  O   . LYS A 1 71  ? 2.690   -2.271  7.631   1.00 32.97 ? 71  LYS A O   1 
ATOM   550  C  CB  . LYS A 1 71  ? 3.378   -0.830  10.341  1.00 33.04 ? 71  LYS A CB  1 
ATOM   551  C  CG  . LYS A 1 71  ? 4.383   -1.935  10.065  1.00 30.70 ? 71  LYS A CG  1 
ATOM   552  C  CD  . LYS A 1 71  ? 5.340   -2.088  11.239  1.00 32.22 ? 71  LYS A CD  1 
ATOM   553  C  CE  . LYS A 1 71  ? 6.241   -3.290  11.093  1.00 30.83 ? 71  LYS A CE  1 
ATOM   554  N  NZ  . LYS A 1 71  ? 7.100   -3.448  12.303  1.00 38.71 ? 71  LYS A NZ  1 
ATOM   555  N  N   . ARG A 1 72  ? 0.827   -2.137  8.895   1.00 34.77 ? 72  ARG A N   1 
ATOM   556  C  CA  . ARG A 1 72  ? 0.163   -3.308  8.348   1.00 36.54 ? 72  ARG A CA  1 
ATOM   557  C  C   . ARG A 1 72  ? -0.322  -2.991  6.936   1.00 36.79 ? 72  ARG A C   1 
ATOM   558  O  O   . ARG A 1 72  ? -0.226  -3.815  6.026   1.00 35.26 ? 72  ARG A O   1 
ATOM   559  C  CB  . ARG A 1 72  ? -1.039  -3.669  9.224   1.00 41.25 ? 72  ARG A CB  1 
ATOM   560  C  CG  . ARG A 1 72  ? -0.716  -4.558  10.411  1.00 43.85 ? 72  ARG A CG  1 
ATOM   561  C  CD  . ARG A 1 72  ? -0.777  -6.019  9.991   1.00 48.89 ? 72  ARG A CD  1 
ATOM   562  N  NE  . ARG A 1 72  ? -2.132  -6.552  10.102  1.00 53.40 ? 72  ARG A NE  1 
ATOM   563  C  CZ  . ARG A 1 72  ? -2.452  -7.838  9.977   1.00 54.13 ? 72  ARG A CZ  1 
ATOM   564  N  NH1 . ARG A 1 72  ? -1.508  -8.739  9.716   1.00 56.84 ? 72  ARG A NH1 1 
ATOM   565  N  NH2 . ARG A 1 72  ? -3.706  -8.231  10.169  1.00 52.07 ? 72  ARG A NH2 1 
ATOM   566  N  N   . LEU A 1 73  ? -0.850  -1.785  6.761   1.00 36.34 ? 73  LEU A N   1 
ATOM   567  C  CA  . LEU A 1 73  ? -1.336  -1.370  5.454   1.00 37.18 ? 73  LEU A CA  1 
ATOM   568  C  C   . LEU A 1 73  ? -0.150  -1.217  4.506   1.00 37.80 ? 73  LEU A C   1 
ATOM   569  O  O   . LEU A 1 73  ? -0.250  -1.600  3.340   1.00 38.21 ? 73  LEU A O   1 
ATOM   570  C  CB  . LEU A 1 73  ? -2.119  -0.049  5.561   1.00 33.59 ? 73  LEU A CB  1 
ATOM   571  C  CG  . LEU A 1 73  ? -3.379  -0.138  6.430   1.00 33.82 ? 73  LEU A CG  1 
ATOM   572  C  CD1 . LEU A 1 73  ? -4.207  1.124   6.309   1.00 33.28 ? 73  LEU A CD1 1 
ATOM   573  C  CD2 . LEU A 1 73  ? -4.204  -1.326  5.991   1.00 31.89 ? 73  LEU A CD2 1 
ATOM   574  N  N   . VAL A 1 74  ? 0.965   -0.669  5.011   1.00 36.85 ? 74  VAL A N   1 
ATOM   575  C  CA  . VAL A 1 74  ? 2.161   -0.489  4.188   1.00 35.76 ? 74  VAL A CA  1 
ATOM   576  C  C   . VAL A 1 74  ? 2.735   -1.849  3.819   1.00 33.99 ? 74  VAL A C   1 
ATOM   577  O  O   . VAL A 1 74  ? 3.169   -2.045  2.700   1.00 35.43 ? 74  VAL A O   1 
ATOM   578  C  CB  . VAL A 1 74  ? 3.252   0.403   4.886   1.00 36.97 ? 74  VAL A CB  1 
ATOM   579  C  CG1 . VAL A 1 74  ? 4.549   0.355   4.106   1.00 35.52 ? 74  VAL A CG1 1 
ATOM   580  C  CG2 . VAL A 1 74  ? 2.795   1.858   4.924   1.00 35.65 ? 74  VAL A CG2 1 
ATOM   581  N  N   . TYR A 1 75  ? 2.728   -2.795  4.744   1.00 34.52 ? 75  TYR A N   1 
ATOM   582  C  CA  . TYR A 1 75  ? 3.219   -4.142  4.436   1.00 34.49 ? 75  TYR A CA  1 
ATOM   583  C  C   . TYR A 1 75  ? 2.369   -4.750  3.316   1.00 33.78 ? 75  TYR A C   1 
ATOM   584  O  O   . TYR A 1 75  ? 2.886   -5.322  2.360   1.00 33.79 ? 75  TYR A O   1 
ATOM   585  C  CB  . TYR A 1 75  ? 3.120   -5.063  5.665   1.00 34.74 ? 75  TYR A CB  1 
ATOM   586  C  CG  . TYR A 1 75  ? 3.315   -6.534  5.317   1.00 35.21 ? 75  TYR A CG  1 
ATOM   587  C  CD1 . TYR A 1 75  ? 4.579   -7.034  4.979   1.00 32.08 ? 75  TYR A CD1 1 
ATOM   588  C  CD2 . TYR A 1 75  ? 2.216   -7.402  5.223   1.00 34.84 ? 75  TYR A CD2 1 
ATOM   589  C  CE1 . TYR A 1 75  ? 4.745   -8.347  4.545   1.00 33.20 ? 75  TYR A CE1 1 
ATOM   590  C  CE2 . TYR A 1 75  ? 2.371   -8.716  4.795   1.00 34.47 ? 75  TYR A CE2 1 
ATOM   591  C  CZ  . TYR A 1 75  ? 3.635   -9.183  4.449   1.00 35.76 ? 75  TYR A CZ  1 
ATOM   592  O  OH  . TYR A 1 75  ? 3.774   -10.461 3.948   1.00 37.15 ? 75  TYR A OH  1 
ATOM   593  N  N   . ARG A 1 76  ? 1.057   -4.612  3.457   1.00 33.16 ? 76  ARG A N   1 
ATOM   594  C  CA  . ARG A 1 76  ? 0.103   -5.155  2.509   1.00 33.11 ? 76  ARG A CA  1 
ATOM   595  C  C   . ARG A 1 76  ? 0.270   -4.587  1.121   1.00 33.86 ? 76  ARG A C   1 
ATOM   596  O  O   . ARG A 1 76  ? 0.276   -5.317  0.139   1.00 33.04 ? 76  ARG A O   1 
ATOM   597  C  CB  . ARG A 1 76  ? -1.323  -4.887  2.986   1.00 31.87 ? 76  ARG A CB  1 
ATOM   598  C  CG  . ARG A 1 76  ? -2.386  -5.438  2.058   1.00 34.28 ? 76  ARG A CG  1 
ATOM   599  C  CD  . ARG A 1 76  ? -3.788  -5.204  2.611   1.00 36.02 ? 76  ARG A CD  1 
ATOM   600  N  NE  . ARG A 1 76  ? -4.134  -3.785  2.669   1.00 36.03 ? 76  ARG A NE  1 
ATOM   601  C  CZ  . ARG A 1 76  ? -5.305  -3.327  3.082   1.00 34.34 ? 76  ARG A CZ  1 
ATOM   602  N  NH1 . ARG A 1 76  ? -6.242  -4.179  3.478   1.00 34.78 ? 76  ARG A NH1 1 
ATOM   603  N  NH2 . ARG A 1 76  ? -5.545  -2.024  3.081   1.00 33.31 ? 76  ARG A NH2 1 
ATOM   604  N  N   . HIS A 1 77  ? 0.393   -3.271  1.042   1.00 35.15 ? 77  HIS A N   1 
ATOM   605  C  CA  . HIS A 1 77  ? 0.535   -2.604  -0.238  1.00 34.44 ? 77  HIS A CA  1 
ATOM   606  C  C   . HIS A 1 77  ? 1.787   -3.059  -0.973  1.00 35.52 ? 77  HIS A C   1 
ATOM   607  O  O   . HIS A 1 77  ? 1.759   -3.329  -2.177  1.00 36.51 ? 77  HIS A O   1 
ATOM   608  C  CB  . HIS A 1 77  ? 0.559   -1.095  -0.016  1.00 34.64 ? 77  HIS A CB  1 
ATOM   609  C  CG  . HIS A 1 77  ? 0.587   -0.292  -1.277  1.00 34.52 ? 77  HIS A CG  1 
ATOM   610  N  ND1 . HIS A 1 77  ? -0.334  0.697   -1.545  1.00 34.83 ? 77  HIS A ND1 1 
ATOM   611  C  CD2 . HIS A 1 77  ? 1.436   -0.312  -2.332  1.00 32.79 ? 77  HIS A CD2 1 
ATOM   612  C  CE1 . HIS A 1 77  ? -0.054  1.249   -2.711  1.00 35.66 ? 77  HIS A CE1 1 
ATOM   613  N  NE2 . HIS A 1 77  ? 1.015   0.654   -3.210  1.00 31.74 ? 77  HIS A NE2 1 
ATOM   614  N  N   . GLU A 1 78  ? 2.885   -3.164  -0.242  1.00 34.57 ? 78  GLU A N   1 
ATOM   615  C  CA  . GLU A 1 78  ? 4.128   -3.559  -0.863  1.00 35.29 ? 78  GLU A CA  1 
ATOM   616  C  C   . GLU A 1 78  ? 4.185   -5.041  -1.213  1.00 34.83 ? 78  GLU A C   1 
ATOM   617  O  O   . GLU A 1 78  ? 4.887   -5.437  -2.143  1.00 35.30 ? 78  GLU A O   1 
ATOM   618  C  CB  . GLU A 1 78  ? 5.289   -3.154  0.040   1.00 38.22 ? 78  GLU A CB  1 
ATOM   619  C  CG  . GLU A 1 78  ? 5.200   -1.695  0.453   1.00 42.64 ? 78  GLU A CG  1 
ATOM   620  C  CD  . GLU A 1 78  ? 6.530   -1.099  0.871   1.00 48.92 ? 78  GLU A CD  1 
ATOM   621  O  OE1 . GLU A 1 78  ? 7.179   -1.636  1.813   1.00 48.56 ? 78  GLU A OE1 1 
ATOM   622  O  OE2 . GLU A 1 78  ? 6.919   -0.078  0.253   1.00 50.94 ? 78  GLU A OE2 1 
ATOM   623  N  N   . LEU A 1 79  ? 3.445   -5.862  -0.479  1.00 33.28 ? 79  LEU A N   1 
ATOM   624  C  CA  . LEU A 1 79  ? 3.429   -7.289  -0.755  1.00 31.64 ? 79  LEU A CA  1 
ATOM   625  C  C   . LEU A 1 79  ? 2.687   -7.497  -2.060  1.00 31.33 ? 79  LEU A C   1 
ATOM   626  O  O   . LEU A 1 79  ? 3.065   -8.327  -2.877  1.00 31.81 ? 79  LEU A O   1 
ATOM   627  C  CB  . LEU A 1 79  ? 2.713   -8.041  0.361   1.00 30.91 ? 79  LEU A CB  1 
ATOM   628  C  CG  . LEU A 1 79  ? 2.387   -9.503  0.037   1.00 31.26 ? 79  LEU A CG  1 
ATOM   629  C  CD1 . LEU A 1 79  ? 3.675   -10.250 -0.273  1.00 28.76 ? 79  LEU A CD1 1 
ATOM   630  C  CD2 . LEU A 1 79  ? 1.619   -10.149 1.207   1.00 26.35 ? 79  LEU A CD2 1 
ATOM   631  N  N   . LEU A 1 80  ? 1.619   -6.732  -2.249  1.00 31.08 ? 80  LEU A N   1 
ATOM   632  C  CA  . LEU A 1 80  ? 0.824   -6.831  -3.457  1.00 30.61 ? 80  LEU A CA  1 
ATOM   633  C  C   . LEU A 1 80  ? 1.631   -6.387  -4.673  1.00 31.76 ? 80  LEU A C   1 
ATOM   634  O  O   . LEU A 1 80  ? 1.563   -7.023  -5.726  1.00 31.15 ? 80  LEU A O   1 
ATOM   635  C  CB  . LEU A 1 80  ? -0.464  -6.019  -3.285  1.00 29.19 ? 80  LEU A CB  1 
ATOM   636  C  CG  . LEU A 1 80  ? -1.338  -6.709  -2.210  1.00 30.50 ? 80  LEU A CG  1 
ATOM   637  C  CD1 . LEU A 1 80  ? -2.602  -5.922  -1.929  1.00 26.83 ? 80  LEU A CD1 1 
ATOM   638  C  CD2 . LEU A 1 80  ? -1.702  -8.123  -2.709  1.00 30.82 ? 80  LEU A CD2 1 
ATOM   639  N  N   . GLU A 1 81  ? 2.407   -5.314  -4.528  1.00 30.42 ? 81  GLU A N   1 
ATOM   640  C  CA  . GLU A 1 81  ? 3.234   -4.845  -5.625  1.00 30.86 ? 81  GLU A CA  1 
ATOM   641  C  C   . GLU A 1 81  ? 4.218   -5.937  -5.983  1.00 31.58 ? 81  GLU A C   1 
ATOM   642  O  O   . GLU A 1 81  ? 4.332   -6.297  -7.153  1.00 33.05 ? 81  GLU A O   1 
ATOM   643  C  CB  . GLU A 1 81  ? 4.022   -3.576  -5.253  1.00 33.32 ? 81  GLU A CB  1 
ATOM   644  C  CG  . GLU A 1 81  ? 3.211   -2.277  -5.210  1.00 38.00 ? 81  GLU A CG  1 
ATOM   645  C  CD  . GLU A 1 81  ? 4.070   -1.037  -4.873  1.00 44.95 ? 81  GLU A CD  1 
ATOM   646  O  OE1 . GLU A 1 81  ? 3.501   0.088   -4.833  1.00 46.10 ? 81  GLU A OE1 1 
ATOM   647  O  OE2 . GLU A 1 81  ? 5.302   -1.181  -4.645  1.00 43.93 ? 81  GLU A OE2 1 
ATOM   648  N  N   . GLN A 1 82  ? 4.933   -6.461  -4.986  1.00 32.46 ? 82  GLN A N   1 
ATOM   649  C  CA  . GLN A 1 82  ? 5.918   -7.517  -5.237  1.00 33.42 ? 82  GLN A CA  1 
ATOM   650  C  C   . GLN A 1 82  ? 5.301   -8.730  -5.923  1.00 33.41 ? 82  GLN A C   1 
ATOM   651  O  O   . GLN A 1 82  ? 5.898   -9.327  -6.818  1.00 32.68 ? 82  GLN A O   1 
ATOM   652  C  CB  . GLN A 1 82  ? 6.574   -7.978  -3.941  1.00 37.55 ? 82  GLN A CB  1 
ATOM   653  C  CG  . GLN A 1 82  ? 7.898   -8.656  -4.194  1.00 41.43 ? 82  GLN A CG  1 
ATOM   654  C  CD  . GLN A 1 82  ? 8.778   -7.803  -5.110  1.00 46.35 ? 82  GLN A CD  1 
ATOM   655  O  OE1 . GLN A 1 82  ? 9.154   -6.671  -4.765  1.00 46.28 ? 82  GLN A OE1 1 
ATOM   656  N  NE2 . GLN A 1 82  ? 9.089   -8.334  -6.298  1.00 47.75 ? 82  GLN A NE2 1 
ATOM   657  N  N   . PHE A 1 83  ? 4.103   -9.086  -5.476  1.00 31.65 ? 83  PHE A N   1 
ATOM   658  C  CA  . PHE A 1 83  ? 3.342   -10.197 -6.021  1.00 32.44 ? 83  PHE A CA  1 
ATOM   659  C  C   . PHE A 1 83  ? 3.065   -10.038 -7.514  1.00 32.82 ? 83  PHE A C   1 
ATOM   660  O  O   . PHE A 1 83  ? 3.348   -10.944 -8.307  1.00 34.56 ? 83  PHE A O   1 
ATOM   661  C  CB  . PHE A 1 83  ? 2.013   -10.315 -5.260  1.00 32.15 ? 83  PHE A CB  1 
ATOM   662  C  CG  . PHE A 1 83  ? 0.976   -11.145 -5.959  1.00 32.22 ? 83  PHE A CG  1 
ATOM   663  C  CD1 . PHE A 1 83  ? 1.272   -12.435 -6.400  1.00 34.50 ? 83  PHE A CD1 1 
ATOM   664  C  CD2 . PHE A 1 83  ? -0.310  -10.650 -6.158  1.00 32.21 ? 83  PHE A CD2 1 
ATOM   665  C  CE1 . PHE A 1 83  ? 0.293   -13.230 -7.031  1.00 31.88 ? 83  PHE A CE1 1 
ATOM   666  C  CE2 . PHE A 1 83  ? -1.294  -11.431 -6.785  1.00 32.59 ? 83  PHE A CE2 1 
ATOM   667  C  CZ  . PHE A 1 83  ? -0.986  -12.724 -7.223  1.00 32.27 ? 83  PHE A CZ  1 
ATOM   668  N  N   . LEU A 1 84  ? 2.500   -8.889  -7.883  1.00 32.07 ? 84  LEU A N   1 
ATOM   669  C  CA  . LEU A 1 84  ? 2.145   -8.596  -9.272  1.00 32.60 ? 84  LEU A CA  1 
ATOM   670  C  C   . LEU A 1 84  ? 3.397   -8.523  -10.148 1.00 34.36 ? 84  LEU A C   1 
ATOM   671  O  O   . LEU A 1 84  ? 3.423   -8.998  -11.291 1.00 31.66 ? 84  LEU A O   1 
ATOM   672  C  CB  . LEU A 1 84  ? 1.362   -7.270  -9.353  1.00 30.29 ? 84  LEU A CB  1 
ATOM   673  C  CG  . LEU A 1 84  ? -0.019  -7.197  -8.670  1.00 29.83 ? 84  LEU A CG  1 
ATOM   674  C  CD1 . LEU A 1 84  ? -0.754  -5.904  -9.045  1.00 26.96 ? 84  LEU A CD1 1 
ATOM   675  C  CD2 . LEU A 1 84  ? -0.859  -8.382  -9.103  1.00 26.35 ? 84  LEU A CD2 1 
ATOM   676  N  N   . ARG A 1 85  ? 4.444   -7.938  -9.582  1.00 36.90 ? 85  ARG A N   1 
ATOM   677  C  CA  . ARG A 1 85  ? 5.701   -7.792  -10.282 1.00 38.67 ? 85  ARG A CA  1 
ATOM   678  C  C   . ARG A 1 85  ? 6.245   -9.184  -10.521 1.00 39.38 ? 85  ARG A C   1 
ATOM   679  O  O   . ARG A 1 85  ? 6.720   -9.502  -11.610 1.00 40.22 ? 85  ARG A O   1 
ATOM   680  C  CB  . ARG A 1 85  ? 6.662   -6.952  -9.432  1.00 41.35 ? 85  ARG A CB  1 
ATOM   681  C  CG  . ARG A 1 85  ? 8.018   -6.705  -10.064 1.00 45.81 ? 85  ARG A CG  1 
ATOM   682  C  CD  . ARG A 1 85  ? 8.824   -5.653  -9.292  1.00 50.19 ? 85  ARG A CD  1 
ATOM   683  N  NE  . ARG A 1 85  ? 8.244   -4.307  -9.341  1.00 52.60 ? 85  ARG A NE  1 
ATOM   684  C  CZ  . ARG A 1 85  ? 7.619   -3.713  -8.323  1.00 54.76 ? 85  ARG A CZ  1 
ATOM   685  N  NH1 . ARG A 1 85  ? 7.476   -4.341  -7.154  1.00 54.21 ? 85  ARG A NH1 1 
ATOM   686  N  NH2 . ARG A 1 85  ? 7.154   -2.474  -8.467  1.00 52.12 ? 85  ARG A NH2 1 
ATOM   687  N  N   . ILE A 1 86  ? 6.133   -10.029 -9.504  1.00 39.71 ? 86  ILE A N   1 
ATOM   688  C  CA  . ILE A 1 86  ? 6.624   -11.392 -9.588  1.00 40.13 ? 86  ILE A CA  1 
ATOM   689  C  C   . ILE A 1 86  ? 5.935   -12.242 -10.651 1.00 41.42 ? 86  ILE A C   1 
ATOM   690  O  O   . ILE A 1 86  ? 6.570   -13.102 -11.261 1.00 41.48 ? 86  ILE A O   1 
ATOM   691  C  CB  . ILE A 1 86  ? 6.507   -12.092 -8.220  1.00 40.29 ? 86  ILE A CB  1 
ATOM   692  C  CG1 . ILE A 1 86  ? 7.759   -11.790 -7.397  1.00 38.25 ? 86  ILE A CG1 1 
ATOM   693  C  CG2 . ILE A 1 86  ? 6.322   -13.602 -8.396  1.00 38.96 ? 86  ILE A CG2 1 
ATOM   694  C  CD1 . ILE A 1 86  ? 7.827   -12.595 -6.145  1.00 41.16 ? 86  ILE A CD1 1 
ATOM   695  N  N   . ILE A 1 87  ? 4.648   -12.010 -10.888 1.00 41.23 ? 87  ILE A N   1 
ATOM   696  C  CA  . ILE A 1 87  ? 3.950   -12.818 -11.881 1.00 40.42 ? 87  ILE A CA  1 
ATOM   697  C  C   . ILE A 1 87  ? 3.979   -12.217 -13.273 1.00 39.98 ? 87  ILE A C   1 
ATOM   698  O  O   . ILE A 1 87  ? 3.352   -12.731 -14.192 1.00 41.20 ? 87  ILE A O   1 
ATOM   699  C  CB  . ILE A 1 87  ? 2.486   -13.124 -11.451 1.00 39.23 ? 87  ILE A CB  1 
ATOM   700  C  CG1 . ILE A 1 87  ? 1.628   -11.867 -11.515 1.00 38.89 ? 87  ILE A CG1 1 
ATOM   701  C  CG2 . ILE A 1 87  ? 2.493   -13.717 -10.043 1.00 35.38 ? 87  ILE A CG2 1 
ATOM   702  C  CD1 . ILE A 1 87  ? 0.176   -12.103 -11.156 1.00 39.33 ? 87  ILE A CD1 1 
ATOM   703  N  N   . GLY A 1 88  ? 4.703   -11.116 -13.425 1.00 41.52 ? 88  GLY A N   1 
ATOM   704  C  CA  . GLY A 1 88  ? 4.846   -10.517 -14.739 1.00 39.14 ? 88  GLY A CA  1 
ATOM   705  C  C   . GLY A 1 88  ? 3.935   -9.385  -15.154 1.00 40.03 ? 88  GLY A C   1 
ATOM   706  O  O   . GLY A 1 88  ? 3.926   -9.018  -16.329 1.00 41.08 ? 88  GLY A O   1 
ATOM   707  N  N   . VAL A 1 89  ? 3.161   -8.824  -14.237 1.00 39.47 ? 89  VAL A N   1 
ATOM   708  C  CA  . VAL A 1 89  ? 2.301   -7.720  -14.640 1.00 40.76 ? 89  VAL A CA  1 
ATOM   709  C  C   . VAL A 1 89  ? 3.211   -6.588  -15.097 1.00 42.58 ? 89  VAL A C   1 
ATOM   710  O  O   . VAL A 1 89  ? 4.280   -6.390  -14.528 1.00 44.46 ? 89  VAL A O   1 
ATOM   711  C  CB  . VAL A 1 89  ? 1.407   -7.224  -13.484 1.00 39.98 ? 89  VAL A CB  1 
ATOM   712  C  CG1 . VAL A 1 89  ? 0.518   -6.097  -13.966 1.00 38.30 ? 89  VAL A CG1 1 
ATOM   713  C  CG2 . VAL A 1 89  ? 0.557   -8.379  -12.941 1.00 38.33 ? 89  VAL A CG2 1 
ATOM   714  N  N   . ASP A 1 90  ? 2.805   -5.870  -16.140 1.00 44.36 ? 90  ASP A N   1 
ATOM   715  C  CA  . ASP A 1 90  ? 3.595   -4.758  -16.651 1.00 45.20 ? 90  ASP A CA  1 
ATOM   716  C  C   . ASP A 1 90  ? 3.732   -3.709  -15.577 1.00 45.62 ? 90  ASP A C   1 
ATOM   717  O  O   . ASP A 1 90  ? 2.741   -3.242  -15.013 1.00 45.46 ? 90  ASP A O   1 
ATOM   718  C  CB  . ASP A 1 90  ? 2.943   -4.151  -17.895 1.00 46.74 ? 90  ASP A CB  1 
ATOM   719  C  CG  . ASP A 1 90  ? 3.041   -5.067  -19.107 1.00 50.43 ? 90  ASP A CG  1 
ATOM   720  O  OD1 . ASP A 1 90  ? 2.089   -5.077  -19.927 1.00 51.17 ? 90  ASP A OD1 1 
ATOM   721  O  OD2 . ASP A 1 90  ? 4.076   -5.773  -19.243 1.00 48.97 ? 90  ASP A OD2 1 
ATOM   722  N  N   . GLU A 1 91  ? 4.979   -3.352  -15.306 1.00 47.45 ? 91  GLU A N   1 
ATOM   723  C  CA  . GLU A 1 91  ? 5.326   -2.369  -14.300 1.00 49.99 ? 91  GLU A CA  1 
ATOM   724  C  C   . GLU A 1 91  ? 4.365   -1.180  -14.248 1.00 50.62 ? 91  GLU A C   1 
ATOM   725  O  O   . GLU A 1 91  ? 4.015   -0.710  -13.169 1.00 49.90 ? 91  GLU A O   1 
ATOM   726  C  CB  . GLU A 1 91  ? 6.752   -1.873  -14.559 1.00 54.01 ? 91  GLU A CB  1 
ATOM   727  C  CG  . GLU A 1 91  ? 7.324   -1.048  -13.428 1.00 58.14 ? 91  GLU A CG  1 
ATOM   728  C  CD  . GLU A 1 91  ? 7.500   -1.854  -12.155 1.00 61.62 ? 91  GLU A CD  1 
ATOM   729  O  OE1 . GLU A 1 91  ? 7.310   -1.263  -11.070 1.00 63.63 ? 91  GLU A OE1 1 
ATOM   730  O  OE2 . GLU A 1 91  ? 7.836   -3.064  -12.237 1.00 61.64 ? 91  GLU A OE2 1 
ATOM   731  N  N   . GLU A 1 92  ? 3.946   -0.694  -15.414 1.00 51.13 ? 92  GLU A N   1 
ATOM   732  C  CA  . GLU A 1 92  ? 3.037   0.450   -15.487 1.00 52.90 ? 92  GLU A CA  1 
ATOM   733  C  C   . GLU A 1 92  ? 1.651   0.205   -14.867 1.00 51.70 ? 92  GLU A C   1 
ATOM   734  O  O   . GLU A 1 92  ? 0.977   1.143   -14.424 1.00 51.32 ? 92  GLU A O   1 
ATOM   735  C  CB  . GLU A 1 92  ? 2.853   0.887   -16.956 1.00 56.24 ? 92  GLU A CB  1 
ATOM   736  C  CG  . GLU A 1 92  ? 4.082   1.548   -17.594 1.00 61.70 ? 92  GLU A CG  1 
ATOM   737  C  CD  . GLU A 1 92  ? 3.794   2.954   -18.157 1.00 63.92 ? 92  GLU A CD  1 
ATOM   738  O  OE1 . GLU A 1 92  ? 2.942   3.082   -19.065 1.00 65.32 ? 92  GLU A OE1 1 
ATOM   739  O  OE2 . GLU A 1 92  ? 4.426   3.933   -17.695 1.00 64.56 ? 92  GLU A OE2 1 
ATOM   740  N  N   . LYS A 1 93  ? 1.225   -1.051  -14.833 1.00 49.96 ? 93  LYS A N   1 
ATOM   741  C  CA  . LYS A 1 93  ? -0.100  -1.382  -14.316 1.00 48.73 ? 93  LYS A CA  1 
ATOM   742  C  C   . LYS A 1 93  ? -0.184  -1.602  -12.809 1.00 46.50 ? 93  LYS A C   1 
ATOM   743  O  O   . LYS A 1 93  ? -1.222  -1.375  -12.197 1.00 46.77 ? 93  LYS A O   1 
ATOM   744  C  CB  . LYS A 1 93  ? -0.610  -2.642  -15.022 1.00 51.05 ? 93  LYS A CB  1 
ATOM   745  C  CG  . LYS A 1 93  ? -0.661  -2.545  -16.537 1.00 51.02 ? 93  LYS A CG  1 
ATOM   746  C  CD  . LYS A 1 93  ? -2.012  -2.081  -17.038 1.00 52.34 ? 93  LYS A CD  1 
ATOM   747  C  CE  . LYS A 1 93  ? -1.972  -1.881  -18.541 1.00 53.53 ? 93  LYS A CE  1 
ATOM   748  N  NZ  . LYS A 1 93  ? -1.200  -2.986  -19.189 1.00 54.77 ? 93  LYS A NZ  1 
ATOM   749  N  N   . ILE A 1 94  ? 0.919   -2.039  -12.221 1.00 44.01 ? 94  ILE A N   1 
ATOM   750  C  CA  . ILE A 1 94  ? 0.984   -2.370  -10.808 1.00 40.80 ? 94  ILE A CA  1 
ATOM   751  C  C   . ILE A 1 94  ? 0.414   -1.422  -9.754  1.00 40.05 ? 94  ILE A C   1 
ATOM   752  O  O   . ILE A 1 94  ? -0.448  -1.828  -8.978  1.00 40.89 ? 94  ILE A O   1 
ATOM   753  C  CB  . ILE A 1 94  ? 2.432   -2.741  -10.449 1.00 40.63 ? 94  ILE A CB  1 
ATOM   754  C  CG1 . ILE A 1 94  ? 2.869   -3.885  -11.379 1.00 36.83 ? 94  ILE A CG1 1 
ATOM   755  C  CG2 . ILE A 1 94  ? 2.539   -3.122  -8.963  1.00 36.98 ? 94  ILE A CG2 1 
ATOM   756  C  CD1 . ILE A 1 94  ? 4.293   -4.305  -11.241 1.00 35.54 ? 94  ILE A CD1 1 
ATOM   757  N  N   . TYR A 1 95  ? 0.860   -0.176  -9.704  1.00 39.44 ? 95  TYR A N   1 
ATOM   758  C  CA  . TYR A 1 95  ? 0.337   0.720   -8.675  1.00 39.99 ? 95  TYR A CA  1 
ATOM   759  C  C   . TYR A 1 95  ? -1.177  0.806   -8.683  1.00 41.39 ? 95  TYR A C   1 
ATOM   760  O  O   . TYR A 1 95  ? -1.823  0.693   -7.639  1.00 40.20 ? 95  TYR A O   1 
ATOM   761  C  CB  . TYR A 1 95  ? 0.888   2.137   -8.816  1.00 40.33 ? 95  TYR A CB  1 
ATOM   762  C  CG  . TYR A 1 95  ? 0.626   2.953   -7.575  1.00 38.72 ? 95  TYR A CG  1 
ATOM   763  C  CD1 . TYR A 1 95  ? 1.386   2.756   -6.428  1.00 38.10 ? 95  TYR A CD1 1 
ATOM   764  C  CD2 . TYR A 1 95  ? -0.432  3.860   -7.515  1.00 39.20 ? 95  TYR A CD2 1 
ATOM   765  C  CE1 . TYR A 1 95  ? 1.103   3.429   -5.247  1.00 38.78 ? 95  TYR A CE1 1 
ATOM   766  C  CE2 . TYR A 1 95  ? -0.730  4.553   -6.325  1.00 40.38 ? 95  TYR A CE2 1 
ATOM   767  C  CZ  . TYR A 1 95  ? 0.046   4.325   -5.199  1.00 40.87 ? 95  TYR A CZ  1 
ATOM   768  O  OH  . TYR A 1 95  ? -0.232  4.982   -4.017  1.00 43.65 ? 95  TYR A OH  1 
ATOM   769  N  N   . ASN A 1 96  ? -1.741  1.020   -9.866  1.00 43.00 ? 96  ASN A N   1 
ATOM   770  C  CA  . ASN A 1 96  ? -3.184  1.135   -9.999  1.00 44.42 ? 96  ASN A CA  1 
ATOM   771  C  C   . ASN A 1 96  ? -3.919  -0.093  -9.463  1.00 43.26 ? 96  ASN A C   1 
ATOM   772  O  O   . ASN A 1 96  ? -4.796  0.029   -8.606  1.00 41.59 ? 96  ASN A O   1 
ATOM   773  C  CB  . ASN A 1 96  ? -3.567  1.360   -11.463 1.00 48.79 ? 96  ASN A CB  1 
ATOM   774  C  CG  . ASN A 1 96  ? -3.058  2.683   -12.007 1.00 53.92 ? 96  ASN A CG  1 
ATOM   775  O  OD1 . ASN A 1 96  ? -3.279  3.743   -11.406 1.00 54.28 ? 96  ASN A OD1 1 
ATOM   776  N  ND2 . ASN A 1 96  ? -2.381  2.635   -13.162 1.00 56.57 ? 96  ASN A ND2 1 
ATOM   777  N  N   . ASP A 1 97  ? -3.556  -1.269  -9.969  1.00 41.15 ? 97  ASP A N   1 
ATOM   778  C  CA  . ASP A 1 97  ? -4.191  -2.516  -9.559  1.00 39.41 ? 97  ASP A CA  1 
ATOM   779  C  C   . ASP A 1 97  ? -4.043  -2.766  -8.057  1.00 38.38 ? 97  ASP A C   1 
ATOM   780  O  O   . ASP A 1 97  ? -4.998  -3.183  -7.378  1.00 37.69 ? 97  ASP A O   1 
ATOM   781  C  CB  . ASP A 1 97  ? -3.595  -3.679  -10.365 1.00 39.35 ? 97  ASP A CB  1 
ATOM   782  C  CG  . ASP A 1 97  ? -4.248  -3.841  -11.740 1.00 43.58 ? 97  ASP A CG  1 
ATOM   783  O  OD1 . ASP A 1 97  ? -4.828  -2.853  -12.249 1.00 43.88 ? 97  ASP A OD1 1 
ATOM   784  O  OD2 . ASP A 1 97  ? -4.176  -4.953  -12.323 1.00 43.98 ? 97  ASP A OD2 1 
ATOM   785  N  N   . VAL A 1 98  ? -2.848  -2.500  -7.543  1.00 35.70 ? 98  VAL A N   1 
ATOM   786  C  CA  . VAL A 1 98  ? -2.564  -2.687  -6.130  1.00 34.49 ? 98  VAL A CA  1 
ATOM   787  C  C   . VAL A 1 98  ? -3.370  -1.721  -5.277  1.00 35.68 ? 98  VAL A C   1 
ATOM   788  O  O   . VAL A 1 98  ? -3.789  -2.054  -4.183  1.00 36.54 ? 98  VAL A O   1 
ATOM   789  C  CB  . VAL A 1 98  ? -1.061  -2.459  -5.831  1.00 32.17 ? 98  VAL A CB  1 
ATOM   790  C  CG1 . VAL A 1 98  ? -0.822  -2.456  -4.332  1.00 30.60 ? 98  VAL A CG1 1 
ATOM   791  C  CG2 . VAL A 1 98  ? -0.226  -3.537  -6.501  1.00 30.96 ? 98  VAL A CG2 1 
ATOM   792  N  N   . GLU A 1 99  ? -3.591  -0.514  -5.783  1.00 38.68 ? 99  GLU A N   1 
ATOM   793  C  CA  . GLU A 1 99  ? -4.322  0.502   -5.030  1.00 39.42 ? 99  GLU A CA  1 
ATOM   794  C  C   . GLU A 1 99  ? -5.800  0.140   -4.919  1.00 37.98 ? 99  GLU A C   1 
ATOM   795  O  O   . GLU A 1 99  ? -6.457  0.495   -3.949  1.00 39.03 ? 99  GLU A O   1 
ATOM   796  C  CB  . GLU A 1 99  ? -4.128  1.876   -5.689  1.00 41.09 ? 99  GLU A CB  1 
ATOM   797  C  CG  . GLU A 1 99  ? -4.548  3.071   -4.844  1.00 45.92 ? 99  GLU A CG  1 
ATOM   798  C  CD  . GLU A 1 99  ? -4.033  3.031   -3.399  1.00 48.97 ? 99  GLU A CD  1 
ATOM   799  O  OE1 . GLU A 1 99  ? -4.885  3.128   -2.496  1.00 49.54 ? 99  GLU A OE1 1 
ATOM   800  O  OE2 . GLU A 1 99  ? -2.800  2.922   -3.147  1.00 51.05 ? 99  GLU A OE2 1 
ATOM   801  N  N   . GLY A 1 100 ? -6.314  -0.596  -5.893  1.00 34.63 ? 100 GLY A N   1 
ATOM   802  C  CA  . GLY A 1 100 ? -7.709  -0.985  -5.846  1.00 31.47 ? 100 GLY A CA  1 
ATOM   803  C  C   . GLY A 1 100 ? -8.015  -2.244  -5.037  1.00 32.04 ? 100 GLY A C   1 
ATOM   804  O  O   . GLY A 1 100 ? -8.913  -2.242  -4.188  1.00 32.51 ? 100 GLY A O   1 
ATOM   805  N  N   . ILE A 1 101 ? -7.258  -3.310  -5.280  1.00 31.14 ? 101 ILE A N   1 
ATOM   806  C  CA  . ILE A 1 101 ? -7.471  -4.605  -4.621  1.00 30.59 ? 101 ILE A CA  1 
ATOM   807  C  C   . ILE A 1 101 ? -7.062  -4.692  -3.154  1.00 31.33 ? 101 ILE A C   1 
ATOM   808  O  O   . ILE A 1 101 ? -7.635  -5.474  -2.398  1.00 29.83 ? 101 ILE A O   1 
ATOM   809  C  CB  . ILE A 1 101 ? -6.713  -5.733  -5.363  1.00 27.72 ? 101 ILE A CB  1 
ATOM   810  C  CG1 . ILE A 1 101 ? -5.203  -5.574  -5.145  1.00 28.01 ? 101 ILE A CG1 1 
ATOM   811  C  CG2 . ILE A 1 101 ? -7.024  -5.673  -6.823  1.00 27.02 ? 101 ILE A CG2 1 
ATOM   812  C  CD1 . ILE A 1 101 ? -4.353  -6.587  -5.862  1.00 28.83 ? 101 ILE A CD1 1 
ATOM   813  N  N   . GLU A 1 102 ? -6.064  -3.908  -2.763  1.00 31.19 ? 102 GLU A N   1 
ATOM   814  C  CA  . GLU A 1 102 ? -5.567  -3.934  -1.387  1.00 32.54 ? 102 GLU A CA  1 
ATOM   815  C  C   . GLU A 1 102 ? -6.659  -3.887  -0.325  1.00 33.06 ? 102 GLU A C   1 
ATOM   816  O  O   . GLU A 1 102 ? -6.499  -4.460  0.748   1.00 33.80 ? 102 GLU A O   1 
ATOM   817  C  CB  . GLU A 1 102 ? -4.585  -2.787  -1.161  1.00 30.76 ? 102 GLU A CB  1 
ATOM   818  C  CG  . GLU A 1 102 ? -5.237  -1.445  -0.934  1.00 29.83 ? 102 GLU A CG  1 
ATOM   819  C  CD  . GLU A 1 102 ? -4.251  -0.303  -1.038  1.00 28.22 ? 102 GLU A CD  1 
ATOM   820  O  OE1 . GLU A 1 102 ? -3.117  -0.427  -0.523  1.00 30.23 ? 102 GLU A OE1 1 
ATOM   821  O  OE2 . GLU A 1 102 ? -4.614  0.732   -1.624  1.00 30.87 ? 102 GLU A OE2 1 
ATOM   822  N  N   . HIS A 1 103 ? -7.775  -3.228  -0.631  1.00 34.00 ? 103 HIS A N   1 
ATOM   823  C  CA  . HIS A 1 103 ? -8.894  -3.102  0.315   1.00 35.98 ? 103 HIS A CA  1 
ATOM   824  C  C   . HIS A 1 103 ? -9.919  -4.238  0.290   1.00 36.15 ? 103 HIS A C   1 
ATOM   825  O  O   . HIS A 1 103 ? -10.729 -4.343  1.213   1.00 36.79 ? 103 HIS A O   1 
ATOM   826  C  CB  . HIS A 1 103 ? -9.656  -1.798  0.069   1.00 37.15 ? 103 HIS A CB  1 
ATOM   827  C  CG  . HIS A 1 103 ? -8.774  -0.602  -0.064  1.00 39.39 ? 103 HIS A CG  1 
ATOM   828  N  ND1 . HIS A 1 103 ? -8.082  -0.070  1.002   1.00 38.73 ? 103 HIS A ND1 1 
ATOM   829  C  CD2 . HIS A 1 103 ? -8.414  0.122   -1.151  1.00 38.51 ? 103 HIS A CD2 1 
ATOM   830  C  CE1 . HIS A 1 103 ? -7.327  0.928   0.577   1.00 39.99 ? 103 HIS A CE1 1 
ATOM   831  N  NE2 . HIS A 1 103 ? -7.508  1.063   -0.727  1.00 40.62 ? 103 HIS A NE2 1 
ATOM   832  N  N   . HIS A 1 104 ? -9.903  -5.068  -0.755  1.00 34.87 ? 104 HIS A N   1 
ATOM   833  C  CA  . HIS A 1 104 ? -10.873 -6.160  -0.871  1.00 33.73 ? 104 HIS A CA  1 
ATOM   834  C  C   . HIS A 1 104 ? -10.297 -7.550  -0.718  1.00 33.57 ? 104 HIS A C   1 
ATOM   835  O  O   . HIS A 1 104 ? -10.897 -8.529  -1.137  1.00 35.89 ? 104 HIS A O   1 
ATOM   836  C  CB  . HIS A 1 104 ? -11.623 -6.061  -2.191  1.00 34.87 ? 104 HIS A CB  1 
ATOM   837  C  CG  . HIS A 1 104 ? -12.299 -4.743  -2.386  1.00 37.71 ? 104 HIS A CG  1 
ATOM   838  N  ND1 . HIS A 1 104 ? -11.723 -3.709  -3.093  1.00 36.47 ? 104 HIS A ND1 1 
ATOM   839  C  CD2 . HIS A 1 104 ? -13.460 -4.259  -1.885  1.00 35.44 ? 104 HIS A CD2 1 
ATOM   840  C  CE1 . HIS A 1 104 ? -12.500 -2.641  -3.017  1.00 36.83 ? 104 HIS A CE1 1 
ATOM   841  N  NE2 . HIS A 1 104 ? -13.557 -2.950  -2.289  1.00 37.47 ? 104 HIS A NE2 1 
ATOM   842  N  N   . LEU A 1 105 ? -9.120  -7.632  -0.119  1.00 32.78 ? 105 LEU A N   1 
ATOM   843  C  CA  . LEU A 1 105 ? -8.492  -8.916  0.129   1.00 29.81 ? 105 LEU A CA  1 
ATOM   844  C  C   . LEU A 1 105 ? -8.525  -9.167  1.640   1.00 30.12 ? 105 LEU A C   1 
ATOM   845  O  O   . LEU A 1 105 ? -8.207  -8.282  2.424   1.00 30.79 ? 105 LEU A O   1 
ATOM   846  C  CB  . LEU A 1 105 ? -7.041  -8.906  -0.365  1.00 26.15 ? 105 LEU A CB  1 
ATOM   847  C  CG  . LEU A 1 105 ? -6.814  -9.044  -1.867  1.00 23.72 ? 105 LEU A CG  1 
ATOM   848  C  CD1 . LEU A 1 105 ? -5.368  -8.786  -2.181  1.00 23.34 ? 105 LEU A CD1 1 
ATOM   849  C  CD2 . LEU A 1 105 ? -7.196  -10.432 -2.313  1.00 23.60 ? 105 LEU A CD2 1 
ATOM   850  N  N   . SER A 1 106 ? -8.938  -10.357 2.056   1.00 30.66 ? 106 SER A N   1 
ATOM   851  C  CA  . SER A 1 106 ? -8.947  -10.665 3.484   1.00 31.34 ? 106 SER A CA  1 
ATOM   852  C  C   . SER A 1 106 ? -7.490  -10.817 3.929   1.00 31.58 ? 106 SER A C   1 
ATOM   853  O  O   . SER A 1 106 ? -6.584  -10.895 3.091   1.00 31.74 ? 106 SER A O   1 
ATOM   854  C  CB  . SER A 1 106 ? -9.689  -11.974 3.728   1.00 31.22 ? 106 SER A CB  1 
ATOM   855  O  OG  . SER A 1 106 ? -9.075  -13.029 3.010   1.00 30.84 ? 106 SER A OG  1 
ATOM   856  N  N   . TRP A 1 107 ? -7.265  -10.867 5.238   1.00 32.63 ? 107 TRP A N   1 
ATOM   857  C  CA  . TRP A 1 107 ? -5.921  -11.037 5.784   1.00 32.77 ? 107 TRP A CA  1 
ATOM   858  C  C   . TRP A 1 107 ? -5.507  -12.475 5.549   1.00 33.51 ? 107 TRP A C   1 
ATOM   859  O  O   . TRP A 1 107 ? -4.320  -12.778 5.396   1.00 35.28 ? 107 TRP A O   1 
ATOM   860  C  CB  . TRP A 1 107 ? -5.888  -10.714 7.287   1.00 33.70 ? 107 TRP A CB  1 
ATOM   861  C  CG  . TRP A 1 107 ? -5.949  -9.245  7.551   1.00 35.55 ? 107 TRP A CG  1 
ATOM   862  C  CD1 . TRP A 1 107 ? -6.993  -8.547  8.092   1.00 36.81 ? 107 TRP A CD1 1 
ATOM   863  C  CD2 . TRP A 1 107 ? -4.988  -8.267  7.131   1.00 37.06 ? 107 TRP A CD2 1 
ATOM   864  N  NE1 . TRP A 1 107 ? -6.750  -7.190  8.020   1.00 38.21 ? 107 TRP A NE1 1 
ATOM   865  C  CE2 . TRP A 1 107 ? -5.528  -6.990  7.433   1.00 37.48 ? 107 TRP A CE2 1 
ATOM   866  C  CE3 . TRP A 1 107 ? -3.730  -8.342  6.518   1.00 34.62 ? 107 TRP A CE3 1 
ATOM   867  C  CZ2 . TRP A 1 107 ? -4.847  -5.802  7.141   1.00 33.00 ? 107 TRP A CZ2 1 
ATOM   868  C  CZ3 . TRP A 1 107 ? -3.060  -7.164  6.227   1.00 33.71 ? 107 TRP A CZ3 1 
ATOM   869  C  CH2 . TRP A 1 107 ? -3.622  -5.910  6.538   1.00 33.11 ? 107 TRP A CH2 1 
ATOM   870  N  N   . ASN A 1 108 ? -6.490  -13.367 5.517   1.00 31.88 ? 108 ASN A N   1 
ATOM   871  C  CA  . ASN A 1 108 ? -6.172  -14.760 5.271   1.00 33.04 ? 108 ASN A CA  1 
ATOM   872  C  C   . ASN A 1 108 ? -5.562  -14.879 3.878   1.00 31.48 ? 108 ASN A C   1 
ATOM   873  O  O   . ASN A 1 108 ? -4.656  -15.665 3.677   1.00 34.80 ? 108 ASN A O   1 
ATOM   874  C  CB  . ASN A 1 108 ? -7.418  -15.632 5.384   1.00 32.23 ? 108 ASN A CB  1 
ATOM   875  C  CG  . ASN A 1 108 ? -7.203  -17.014 4.811   1.00 36.13 ? 108 ASN A CG  1 
ATOM   876  O  OD1 . ASN A 1 108 ? -6.254  -17.700 5.171   1.00 36.91 ? 108 ASN A OD1 1 
ATOM   877  N  ND2 . ASN A 1 108 ? -8.095  -17.436 3.911   1.00 36.36 ? 108 ASN A ND2 1 
ATOM   878  N  N   . SER A 1 109 ? -6.054  -14.085 2.931   1.00 31.23 ? 109 SER A N   1 
ATOM   879  C  CA  . SER A 1 109 ? -5.548  -14.098 1.559   1.00 29.61 ? 109 SER A CA  1 
ATOM   880  C  C   . SER A 1 109 ? -4.198  -13.415 1.522   1.00 27.84 ? 109 SER A C   1 
ATOM   881  O  O   . SER A 1 109 ? -3.266  -13.914 0.925   1.00 26.18 ? 109 SER A O   1 
ATOM   882  C  CB  . SER A 1 109 ? -6.506  -13.366 0.611   1.00 31.34 ? 109 SER A CB  1 
ATOM   883  O  OG  . SER A 1 109 ? -7.784  -13.973 0.623   1.00 37.36 ? 109 SER A OG  1 
ATOM   884  N  N   . ILE A 1 110 ? -4.104  -12.248 2.143   1.00 28.71 ? 110 ILE A N   1 
ATOM   885  C  CA  . ILE A 1 110 ? -2.841  -11.537 2.193   1.00 29.80 ? 110 ILE A CA  1 
ATOM   886  C  C   . ILE A 1 110 ? -1.728  -12.480 2.675   1.00 31.06 ? 110 ILE A C   1 
ATOM   887  O  O   . ILE A 1 110 ? -0.596  -12.385 2.210   1.00 32.05 ? 110 ILE A O   1 
ATOM   888  C  CB  . ILE A 1 110 ? -2.939  -10.328 3.139   1.00 29.75 ? 110 ILE A CB  1 
ATOM   889  C  CG1 . ILE A 1 110 ? -3.871  -9.288  2.532   1.00 29.73 ? 110 ILE A CG1 1 
ATOM   890  C  CG2 . ILE A 1 110 ? -1.557  -9.689  3.346   1.00 29.84 ? 110 ILE A CG2 1 
ATOM   891  C  CD1 . ILE A 1 110 ? -3.319  -8.646  1.236   1.00 28.75 ? 110 ILE A CD1 1 
ATOM   892  N  N   . ASP A 1 111 ? -2.046  -13.399 3.589   1.00 31.51 ? 111 ASP A N   1 
ATOM   893  C  CA  . ASP A 1 111 ? -1.044  -14.343 4.089   1.00 33.70 ? 111 ASP A CA  1 
ATOM   894  C  C   . ASP A 1 111 ? -0.667  -15.399 3.072   1.00 33.75 ? 111 ASP A C   1 
ATOM   895  O  O   . ASP A 1 111 ? 0.490   -15.801 2.983   1.00 34.47 ? 111 ASP A O   1 
ATOM   896  C  CB  . ASP A 1 111 ? -1.532  -15.055 5.341   1.00 38.27 ? 111 ASP A CB  1 
ATOM   897  C  CG  . ASP A 1 111 ? -1.710  -14.118 6.500   1.00 41.79 ? 111 ASP A CG  1 
ATOM   898  O  OD1 . ASP A 1 111 ? -0.818  -13.259 6.719   1.00 43.39 ? 111 ASP A OD1 1 
ATOM   899  O  OD2 . ASP A 1 111 ? -2.735  -14.246 7.195   1.00 44.08 ? 111 ASP A OD2 1 
ATOM   900  N  N   . ARG A 1 112 ? -1.656  -15.867 2.323   1.00 34.92 ? 112 ARG A N   1 
ATOM   901  C  CA  . ARG A 1 112 ? -1.418  -16.876 1.306   1.00 35.89 ? 112 ARG A CA  1 
ATOM   902  C  C   . ARG A 1 112 ? -0.632  -16.250 0.159   1.00 35.27 ? 112 ARG A C   1 
ATOM   903  O  O   . ARG A 1 112 ? 0.135   -16.922 -0.512  1.00 37.73 ? 112 ARG A O   1 
ATOM   904  C  CB  . ARG A 1 112 ? -2.749  -17.443 0.813   1.00 32.59 ? 112 ARG A CB  1 
ATOM   905  C  CG  . ARG A 1 112 ? -3.550  -18.165 1.905   1.00 33.23 ? 112 ARG A CG  1 
ATOM   906  C  CD  . ARG A 1 112 ? -2.912  -19.503 2.341   1.00 33.17 ? 112 ARG A CD  1 
ATOM   907  N  NE  . ARG A 1 112 ? -1.807  -19.367 3.292   1.00 32.87 ? 112 ARG A NE  1 
ATOM   908  C  CZ  . ARG A 1 112 ? -1.956  -19.122 4.600   1.00 38.04 ? 112 ARG A CZ  1 
ATOM   909  N  NH1 . ARG A 1 112 ? -3.163  -18.982 5.141   1.00 35.65 ? 112 ARG A NH1 1 
ATOM   910  N  NH2 . ARG A 1 112 ? -0.892  -19.003 5.381   1.00 37.01 ? 112 ARG A NH2 1 
ATOM   911  N  N   . ILE A 1 113 ? -0.817  -14.950 -0.045  1.00 36.74 ? 113 ILE A N   1 
ATOM   912  C  CA  . ILE A 1 113 ? -0.116  -14.235 -1.101  1.00 35.19 ? 113 ILE A CA  1 
ATOM   913  C  C   . ILE A 1 113 ? 1.328   -14.117 -0.639  1.00 34.98 ? 113 ILE A C   1 
ATOM   914  O  O   . ILE A 1 113 ? 2.249   -14.089 -1.457  1.00 33.62 ? 113 ILE A O   1 
ATOM   915  C  CB  . ILE A 1 113 ? -0.673  -12.808 -1.292  1.00 36.31 ? 113 ILE A CB  1 
ATOM   916  C  CG1 . ILE A 1 113 ? -2.152  -12.858 -1.684  1.00 38.50 ? 113 ILE A CG1 1 
ATOM   917  C  CG2 . ILE A 1 113 ? 0.168   -12.056 -2.320  1.00 35.11 ? 113 ILE A CG2 1 
ATOM   918  C  CD1 . ILE A 1 113 ? -2.412  -13.301 -3.079  1.00 41.42 ? 113 ILE A CD1 1 
ATOM   919  N  N   . GLY A 1 114 ? 1.506   -14.022 0.682   1.00 34.92 ? 114 GLY A N   1 
ATOM   920  C  CA  . GLY A 1 114 ? 2.839   -13.917 1.263   1.00 35.48 ? 114 GLY A CA  1 
ATOM   921  C  C   . GLY A 1 114 ? 3.642   -15.192 1.053   1.00 37.52 ? 114 GLY A C   1 
ATOM   922  O  O   . GLY A 1 114 ? 4.801   -15.157 0.627   1.00 38.16 ? 114 GLY A O   1 
ATOM   923  N  N   . ASP A 1 115 ? 3.017   -16.327 1.339   1.00 38.37 ? 115 ASP A N   1 
ATOM   924  C  CA  . ASP A 1 115 ? 3.670   -17.616 1.175   1.00 39.36 ? 115 ASP A CA  1 
ATOM   925  C  C   . ASP A 1 115 ? 4.035   -17.817 -0.292  1.00 38.22 ? 115 ASP A C   1 
ATOM   926  O  O   . ASP A 1 115 ? 5.134   -18.291 -0.619  1.00 36.40 ? 115 ASP A O   1 
ATOM   927  C  CB  . ASP A 1 115 ? 2.745   -18.746 1.666   1.00 41.71 ? 115 ASP A CB  1 
ATOM   928  C  CG  . ASP A 1 115 ? 2.486   -18.686 3.186   1.00 44.10 ? 115 ASP A CG  1 
ATOM   929  O  OD1 . ASP A 1 115 ? 3.413   -18.322 3.951   1.00 41.67 ? 115 ASP A OD1 1 
ATOM   930  O  OD2 . ASP A 1 115 ? 1.358   -19.025 3.621   1.00 46.34 ? 115 ASP A OD2 1 
ATOM   931  N  N   . LEU A 1 116 ? 3.107   -17.433 -1.165  1.00 37.13 ? 116 LEU A N   1 
ATOM   932  C  CA  . LEU A 1 116 ? 3.276   -17.537 -2.609  1.00 36.31 ? 116 LEU A CA  1 
ATOM   933  C  C   . LEU A 1 116 ? 4.489   -16.735 -3.089  1.00 36.19 ? 116 LEU A C   1 
ATOM   934  O  O   . LEU A 1 116 ? 5.213   -17.168 -3.979  1.00 35.12 ? 116 LEU A O   1 
ATOM   935  C  CB  . LEU A 1 116 ? 2.015   -17.022 -3.316  1.00 38.06 ? 116 LEU A CB  1 
ATOM   936  C  CG  . LEU A 1 116 ? 2.046   -16.988 -4.851  1.00 37.51 ? 116 LEU A CG  1 
ATOM   937  C  CD1 . LEU A 1 116 ? 2.132   -18.395 -5.412  1.00 36.24 ? 116 LEU A CD1 1 
ATOM   938  C  CD2 . LEU A 1 116 ? 0.790   -16.314 -5.356  1.00 40.64 ? 116 LEU A CD2 1 
ATOM   939  N  N   . VAL A 1 117 ? 4.689   -15.552 -2.517  1.00 37.02 ? 117 VAL A N   1 
ATOM   940  C  CA  . VAL A 1 117 ? 5.830   -14.716 -2.882  1.00 37.68 ? 117 VAL A CA  1 
ATOM   941  C  C   . VAL A 1 117 ? 7.101   -15.408 -2.391  1.00 40.16 ? 117 VAL A C   1 
ATOM   942  O  O   . VAL A 1 117 ? 8.107   -15.442 -3.094  1.00 40.04 ? 117 VAL A O   1 
ATOM   943  C  CB  . VAL A 1 117 ? 5.720   -13.286 -2.261  1.00 36.16 ? 117 VAL A CB  1 
ATOM   944  C  CG1 . VAL A 1 117 ? 7.028   -12.542 -2.408  1.00 33.76 ? 117 VAL A CG1 1 
ATOM   945  C  CG2 . VAL A 1 117 ? 4.597   -12.502 -2.960  1.00 34.30 ? 117 VAL A CG2 1 
ATOM   946  N  N   . GLN A 1 118 ? 7.044   -15.978 -1.192  1.00 41.57 ? 118 GLN A N   1 
ATOM   947  C  CA  . GLN A 1 118 ? 8.190   -16.692 -0.633  1.00 43.15 ? 118 GLN A CA  1 
ATOM   948  C  C   . GLN A 1 118 ? 8.549   -17.818 -1.600  1.00 42.93 ? 118 GLN A C   1 
ATOM   949  O  O   . GLN A 1 118 ? 9.698   -17.957 -2.023  1.00 43.06 ? 118 GLN A O   1 
ATOM   950  C  CB  . GLN A 1 118 ? 7.829   -17.289 0.731   1.00 42.44 ? 118 GLN A CB  1 
ATOM   951  C  CG  . GLN A 1 118 ? 9.023   -17.568 1.613   1.00 42.87 ? 118 GLN A CG  1 
ATOM   952  C  CD  . GLN A 1 118 ? 8.638   -18.167 2.957   1.00 43.33 ? 118 GLN A CD  1 
ATOM   953  O  OE1 . GLN A 1 118 ? 7.772   -17.645 3.667   1.00 39.65 ? 118 GLN A OE1 1 
ATOM   954  N  NE2 . GLN A 1 118 ? 9.291   -19.266 3.317   1.00 43.87 ? 118 GLN A NE2 1 
ATOM   955  N  N   . TYR A 1 119 ? 7.544   -18.610 -1.945  1.00 43.33 ? 119 TYR A N   1 
ATOM   956  C  CA  . TYR A 1 119 ? 7.708   -19.734 -2.861  1.00 44.47 ? 119 TYR A CA  1 
ATOM   957  C  C   . TYR A 1 119 ? 8.624   -19.425 -4.025  1.00 45.46 ? 119 TYR A C   1 
ATOM   958  O  O   . TYR A 1 119 ? 9.584   -20.145 -4.278  1.00 46.30 ? 119 TYR A O   1 
ATOM   959  C  CB  . TYR A 1 119 ? 6.358   -20.144 -3.421  1.00 42.38 ? 119 TYR A CB  1 
ATOM   960  C  CG  . TYR A 1 119 ? 6.428   -21.190 -4.512  1.00 44.25 ? 119 TYR A CG  1 
ATOM   961  C  CD1 . TYR A 1 119 ? 6.519   -22.550 -4.207  1.00 43.89 ? 119 TYR A CD1 1 
ATOM   962  C  CD2 . TYR A 1 119 ? 6.342   -20.824 -5.851  1.00 42.88 ? 119 TYR A CD2 1 
ATOM   963  C  CE1 . TYR A 1 119 ? 6.508   -23.514 -5.220  1.00 44.09 ? 119 TYR A CE1 1 
ATOM   964  C  CE2 . TYR A 1 119 ? 6.330   -21.769 -6.858  1.00 42.19 ? 119 TYR A CE2 1 
ATOM   965  C  CZ  . TYR A 1 119 ? 6.411   -23.113 -6.548  1.00 44.12 ? 119 TYR A CZ  1 
ATOM   966  O  OH  . TYR A 1 119 ? 6.364   -24.046 -7.572  1.00 43.64 ? 119 TYR A OH  1 
ATOM   967  N  N   . PHE A 1 120 ? 8.303   -18.360 -4.747  1.00 47.03 ? 120 PHE A N   1 
ATOM   968  C  CA  . PHE A 1 120 ? 9.094   -17.960 -5.900  1.00 48.38 ? 120 PHE A CA  1 
ATOM   969  C  C   . PHE A 1 120 ? 10.410  -17.299 -5.513  1.00 49.86 ? 120 PHE A C   1 
ATOM   970  O  O   . PHE A 1 120 ? 11.415  -17.482 -6.191  1.00 51.88 ? 120 PHE A O   1 
ATOM   971  C  CB  . PHE A 1 120 ? 8.282   -17.016 -6.800  1.00 45.84 ? 120 PHE A CB  1 
ATOM   972  C  CG  . PHE A 1 120 ? 7.212   -17.705 -7.589  1.00 43.54 ? 120 PHE A CG  1 
ATOM   973  C  CD1 . PHE A 1 120 ? 5.872   -17.591 -7.231  1.00 43.95 ? 120 PHE A CD1 1 
ATOM   974  C  CD2 . PHE A 1 120 ? 7.543   -18.483 -8.691  1.00 44.40 ? 120 PHE A CD2 1 
ATOM   975  C  CE1 . PHE A 1 120 ? 4.878   -18.243 -7.958  1.00 43.65 ? 120 PHE A CE1 1 
ATOM   976  C  CE2 . PHE A 1 120 ? 6.559   -19.143 -9.431  1.00 44.38 ? 120 PHE A CE2 1 
ATOM   977  C  CZ  . PHE A 1 120 ? 5.220   -19.022 -9.062  1.00 45.53 ? 120 PHE A CZ  1 
ATOM   978  N  N   . GLU A 1 121 ? 10.397  -16.534 -4.426  1.00 51.77 ? 121 GLU A N   1 
ATOM   979  C  CA  . GLU A 1 121 ? 11.591  -15.839 -3.943  1.00 53.94 ? 121 GLU A CA  1 
ATOM   980  C  C   . GLU A 1 121 ? 12.705  -16.761 -3.469  1.00 53.71 ? 121 GLU A C   1 
ATOM   981  O  O   . GLU A 1 121 ? 13.876  -16.397 -3.524  1.00 54.69 ? 121 GLU A O   1 
ATOM   982  C  CB  . GLU A 1 121 ? 11.238  -14.871 -2.794  1.00 54.59 ? 121 GLU A CB  1 
ATOM   983  C  CG  . GLU A 1 121 ? 10.607  -13.561 -3.236  1.00 56.33 ? 121 GLU A CG  1 
ATOM   984  C  CD  . GLU A 1 121 ? 11.505  -12.767 -4.166  1.00 58.82 ? 121 GLU A CD  1 
ATOM   985  O  OE1 . GLU A 1 121 ? 11.010  -11.828 -4.826  1.00 59.28 ? 121 GLU A OE1 1 
ATOM   986  O  OE2 . GLU A 1 121 ? 12.713  -13.076 -4.236  1.00 62.34 ? 121 GLU A OE2 1 
ATOM   987  N  N   . GLU A 1 122 ? 12.358  -17.955 -3.012  1.00 53.43 ? 122 GLU A N   1 
ATOM   988  C  CA  . GLU A 1 122 ? 13.388  -18.853 -2.519  1.00 54.42 ? 122 GLU A CA  1 
ATOM   989  C  C   . GLU A 1 122 ? 14.042  -19.752 -3.570  1.00 54.81 ? 122 GLU A C   1 
ATOM   990  O  O   . GLU A 1 122 ? 14.900  -20.574 -3.243  1.00 54.88 ? 122 GLU A O   1 
ATOM   991  C  CB  . GLU A 1 122 ? 12.836  -19.691 -1.367  1.00 52.32 ? 122 GLU A CB  1 
ATOM   992  C  CG  . GLU A 1 122 ? 11.831  -20.716 -1.767  1.00 53.07 ? 122 GLU A CG  1 
ATOM   993  C  CD  . GLU A 1 122 ? 11.417  -21.554 -0.588  1.00 55.04 ? 122 GLU A CD  1 
ATOM   994  O  OE1 . GLU A 1 122 ? 10.742  -22.588 -0.790  1.00 54.14 ? 122 GLU A OE1 1 
ATOM   995  O  OE2 . GLU A 1 122 ? 11.770  -21.169 0.549   1.00 57.66 ? 122 GLU A OE2 1 
ATOM   996  N  N   . ASP A 1 123 ? 13.642  -19.605 -4.829  1.00 55.78 ? 123 ASP A N   1 
ATOM   997  C  CA  . ASP A 1 123 ? 14.233  -20.405 -5.900  1.00 55.43 ? 123 ASP A CA  1 
ATOM   998  C  C   . ASP A 1 123 ? 13.858  -19.919 -7.289  1.00 55.79 ? 123 ASP A C   1 
ATOM   999  O  O   . ASP A 1 123 ? 12.717  -20.062 -7.725  1.00 55.71 ? 123 ASP A O   1 
ATOM   1000 C  CB  . ASP A 1 123 ? 13.839  -21.873 -5.772  1.00 56.06 ? 123 ASP A CB  1 
ATOM   1001 C  CG  . ASP A 1 123 ? 14.425  -22.724 -6.883  1.00 56.53 ? 123 ASP A CG  1 
ATOM   1002 O  OD1 . ASP A 1 123 ? 15.566  -22.441 -7.302  1.00 59.29 ? 123 ASP A OD1 1 
ATOM   1003 O  OD2 . ASP A 1 123 ? 13.760  -23.680 -7.329  1.00 55.23 ? 123 ASP A OD2 1 
ATOM   1004 N  N   . ASP A 1 124 ? 14.843  -19.365 -7.988  1.00 56.13 ? 124 ASP A N   1 
ATOM   1005 C  CA  . ASP A 1 124 ? 14.646  -18.847 -9.333  1.00 55.88 ? 124 ASP A CA  1 
ATOM   1006 C  C   . ASP A 1 124 ? 14.197  -19.868 -10.361 1.00 54.94 ? 124 ASP A C   1 
ATOM   1007 O  O   . ASP A 1 124 ? 13.642  -19.500 -11.394 1.00 52.28 ? 124 ASP A O   1 
ATOM   1008 C  CB  . ASP A 1 124 ? 15.919  -18.154 -9.811  1.00 57.45 ? 124 ASP A CB  1 
ATOM   1009 C  CG  . ASP A 1 124 ? 16.196  -16.894 -9.032  1.00 59.61 ? 124 ASP A CG  1 
ATOM   1010 O  OD1 . ASP A 1 124 ? 15.244  -16.393 -8.381  1.00 61.95 ? 124 ASP A OD1 1 
ATOM   1011 O  OD2 . ASP A 1 124 ? 17.345  -16.398 -9.075  1.00 60.15 ? 124 ASP A OD2 1 
ATOM   1012 N  N   . ALA A 1 125 ? 14.443  -21.149 -10.092 1.00 55.76 ? 125 ALA A N   1 
ATOM   1013 C  CA  . ALA A 1 125 ? 14.016  -22.194 -11.023 1.00 54.34 ? 125 ALA A CA  1 
ATOM   1014 C  C   . ALA A 1 125 ? 12.524  -21.992 -11.239 1.00 53.61 ? 125 ALA A C   1 
ATOM   1015 O  O   . ALA A 1 125 ? 12.028  -22.003 -12.369 1.00 53.29 ? 125 ALA A O   1 
ATOM   1016 C  CB  . ALA A 1 125 ? 14.271  -23.577 -10.428 1.00 54.42 ? 125 ALA A CB  1 
ATOM   1017 N  N   . ARG A 1 126 ? 11.816  -21.795 -10.133 1.00 52.12 ? 126 ARG A N   1 
ATOM   1018 C  CA  . ARG A 1 126 ? 10.381  -21.595 -10.170 1.00 51.67 ? 126 ARG A CA  1 
ATOM   1019 C  C   . ARG A 1 126 ? 10.018  -20.374 -10.998 1.00 51.79 ? 126 ARG A C   1 
ATOM   1020 O  O   . ARG A 1 126 ? 9.075   -20.413 -11.790 1.00 52.51 ? 126 ARG A O   1 
ATOM   1021 C  CB  . ARG A 1 126 ? 9.859   -21.455 -8.747  1.00 51.30 ? 126 ARG A CB  1 
ATOM   1022 C  CG  . ARG A 1 126 ? 10.111  -22.706 -7.922  1.00 49.47 ? 126 ARG A CG  1 
ATOM   1023 C  CD  . ARG A 1 126 ? 9.838   -22.466 -6.463  1.00 48.72 ? 126 ARG A CD  1 
ATOM   1024 N  NE  . ARG A 1 126 ? 10.128  -23.665 -5.697  1.00 47.39 ? 126 ARG A NE  1 
ATOM   1025 C  CZ  . ARG A 1 126 ? 10.097  -23.738 -4.373  1.00 47.23 ? 126 ARG A CZ  1 
ATOM   1026 N  NH1 . ARG A 1 126 ? 9.781   -22.669 -3.654  1.00 46.16 ? 126 ARG A NH1 1 
ATOM   1027 N  NH2 . ARG A 1 126 ? 10.392  -24.886 -3.772  1.00 45.56 ? 126 ARG A NH2 1 
ATOM   1028 N  N   . LYS A 1 127 ? 10.778  -19.298 -10.830 1.00 50.03 ? 127 LYS A N   1 
ATOM   1029 C  CA  . LYS A 1 127 ? 10.528  -18.070 -11.573 1.00 50.40 ? 127 LYS A CA  1 
ATOM   1030 C  C   . LYS A 1 127 ? 10.689  -18.252 -13.081 1.00 51.24 ? 127 LYS A C   1 
ATOM   1031 O  O   . LYS A 1 127 ? 9.940   -17.666 -13.860 1.00 51.12 ? 127 LYS A O   1 
ATOM   1032 C  CB  . LYS A 1 127 ? 11.458  -16.952 -11.091 1.00 48.46 ? 127 LYS A CB  1 
ATOM   1033 C  CG  . LYS A 1 127 ? 11.090  -16.366 -9.744  1.00 49.22 ? 127 LYS A CG  1 
ATOM   1034 C  CD  . LYS A 1 127 ? 11.943  -15.149 -9.442  1.00 49.59 ? 127 LYS A CD  1 
ATOM   1035 C  CE  . LYS A 1 127 ? 11.445  -14.401 -8.220  1.00 49.91 ? 127 LYS A CE  1 
ATOM   1036 N  NZ  . LYS A 1 127 ? 12.231  -13.150 -7.960  1.00 50.45 ? 127 LYS A NZ  1 
ATOM   1037 N  N   . LYS A 1 128 ? 11.671  -19.056 -13.489 1.00 53.60 ? 128 LYS A N   1 
ATOM   1038 C  CA  . LYS A 1 128 ? 11.911  -19.306 -14.909 1.00 54.64 ? 128 LYS A CA  1 
ATOM   1039 C  C   . LYS A 1 128 ? 10.841  -20.184 -15.528 1.00 53.23 ? 128 LYS A C   1 
ATOM   1040 O  O   . LYS A 1 128 ? 10.559  -20.065 -16.715 1.00 54.07 ? 128 LYS A O   1 
ATOM   1041 C  CB  . LYS A 1 128 ? 13.276  -19.953 -15.140 1.00 57.26 ? 128 LYS A CB  1 
ATOM   1042 C  CG  . LYS A 1 128 ? 14.410  -18.949 -15.339 1.00 61.83 ? 128 LYS A CG  1 
ATOM   1043 C  CD  . LYS A 1 128 ? 15.639  -19.628 -15.952 1.00 64.70 ? 128 LYS A CD  1 
ATOM   1044 C  CE  . LYS A 1 128 ? 16.785  -18.641 -16.166 1.00 66.83 ? 128 LYS A CE  1 
ATOM   1045 N  NZ  . LYS A 1 128 ? 17.992  -19.296 -16.753 1.00 67.54 ? 128 LYS A NZ  1 
ATOM   1046 N  N   . ASP A 1 129 ? 10.253  -21.071 -14.732 1.00 51.68 ? 129 ASP A N   1 
ATOM   1047 C  CA  . ASP A 1 129 ? 9.196   -21.940 -15.241 1.00 50.45 ? 129 ASP A CA  1 
ATOM   1048 C  C   . ASP A 1 129 ? 7.923   -21.145 -15.432 1.00 47.56 ? 129 ASP A C   1 
ATOM   1049 O  O   . ASP A 1 129 ? 7.162   -21.393 -16.367 1.00 45.73 ? 129 ASP A O   1 
ATOM   1050 C  CB  . ASP A 1 129 ? 8.952   -23.097 -14.280 1.00 52.51 ? 129 ASP A CB  1 
ATOM   1051 C  CG  . ASP A 1 129 ? 10.173  -23.948 -14.119 1.00 55.11 ? 129 ASP A CG  1 
ATOM   1052 O  OD1 . ASP A 1 129 ? 10.687  -24.390 -15.172 1.00 56.05 ? 129 ASP A OD1 1 
ATOM   1053 O  OD2 . ASP A 1 129 ? 10.619  -24.158 -12.965 1.00 55.49 ? 129 ASP A OD2 1 
ATOM   1054 N  N   . LEU A 1 130 ? 7.699   -20.185 -14.540 1.00 45.10 ? 130 LEU A N   1 
ATOM   1055 C  CA  . LEU A 1 130 ? 6.518   -19.339 -14.627 1.00 44.66 ? 130 LEU A CA  1 
ATOM   1056 C  C   . LEU A 1 130 ? 6.691   -18.435 -15.837 1.00 44.14 ? 130 LEU A C   1 
ATOM   1057 O  O   . LEU A 1 130 ? 5.783   -18.293 -16.664 1.00 43.31 ? 130 LEU A O   1 
ATOM   1058 C  CB  . LEU A 1 130 ? 6.363   -18.482 -13.363 1.00 44.10 ? 130 LEU A CB  1 
ATOM   1059 C  CG  . LEU A 1 130 ? 5.225   -17.449 -13.360 1.00 43.18 ? 130 LEU A CG  1 
ATOM   1060 C  CD1 . LEU A 1 130 ? 3.890   -18.152 -13.176 1.00 40.83 ? 130 LEU A CD1 1 
ATOM   1061 C  CD2 . LEU A 1 130 ? 5.456   -16.435 -12.243 1.00 41.83 ? 130 LEU A CD2 1 
ATOM   1062 N  N   . LYS A 1 131 ? 7.868   -17.836 -15.951 1.00 43.06 ? 131 LYS A N   1 
ATOM   1063 C  CA  . LYS A 1 131 ? 8.114   -16.944 -17.067 1.00 44.22 ? 131 LYS A CA  1 
ATOM   1064 C  C   . LYS A 1 131 ? 7.928   -17.658 -18.406 1.00 44.50 ? 131 LYS A C   1 
ATOM   1065 O  O   . LYS A 1 131 ? 7.356   -17.093 -19.338 1.00 44.74 ? 131 LYS A O   1 
ATOM   1066 C  CB  . LYS A 1 131 ? 9.522   -16.355 -16.984 1.00 43.50 ? 131 LYS A CB  1 
ATOM   1067 C  CG  . LYS A 1 131 ? 9.766   -15.219 -17.973 1.00 45.93 ? 131 LYS A CG  1 
ATOM   1068 C  CD  . LYS A 1 131 ? 9.041   -13.962 -17.532 1.00 45.31 ? 131 LYS A CD  1 
ATOM   1069 C  CE  . LYS A 1 131 ? 8.930   -12.934 -18.643 1.00 46.43 ? 131 LYS A CE  1 
ATOM   1070 N  NZ  . LYS A 1 131 ? 8.302   -11.680 -18.118 1.00 46.20 ? 131 LYS A NZ  1 
ATOM   1071 N  N   . SER A 1 132 ? 8.381   -18.905 -18.491 1.00 44.40 ? 132 SER A N   1 
ATOM   1072 C  CA  . SER A 1 132 ? 8.287   -19.655 -19.737 1.00 47.63 ? 132 SER A CA  1 
ATOM   1073 C  C   . SER A 1 132 ? 6.848   -19.873 -20.160 1.00 47.61 ? 132 SER A C   1 
ATOM   1074 O  O   . SER A 1 132 ? 6.565   -20.075 -21.343 1.00 49.25 ? 132 SER A O   1 
ATOM   1075 C  CB  . SER A 1 132 ? 8.982   -21.006 -19.605 1.00 49.12 ? 132 SER A CB  1 
ATOM   1076 O  OG  . SER A 1 132 ? 8.094   -21.948 -19.036 1.00 56.49 ? 132 SER A OG  1 
ATOM   1077 N  N   . ILE A 1 133 ? 5.941   -19.843 -19.188 1.00 47.29 ? 133 ILE A N   1 
ATOM   1078 C  CA  . ILE A 1 133 ? 4.522   -20.009 -19.469 1.00 46.79 ? 133 ILE A CA  1 
ATOM   1079 C  C   . ILE A 1 133 ? 4.018   -18.722 -20.113 1.00 47.06 ? 133 ILE A C   1 
ATOM   1080 O  O   . ILE A 1 133 ? 3.224   -18.753 -21.049 1.00 46.24 ? 133 ILE A O   1 
ATOM   1081 C  CB  . ILE A 1 133 ? 3.738   -20.312 -18.169 1.00 46.16 ? 133 ILE A CB  1 
ATOM   1082 C  CG1 . ILE A 1 133 ? 4.045   -21.743 -17.720 1.00 46.77 ? 133 ILE A CG1 1 
ATOM   1083 C  CG2 . ILE A 1 133 ? 2.241   -20.137 -18.389 1.00 45.27 ? 133 ILE A CG2 1 
ATOM   1084 C  CD1 . ILE A 1 133 ? 3.466   -22.118 -16.378 1.00 43.64 ? 133 ILE A CD1 1 
ATOM   1085 N  N   . GLN A 1 134 ? 4.505   -17.591 -19.610 1.00 49.24 ? 134 GLN A N   1 
ATOM   1086 C  CA  . GLN A 1 134 ? 4.130   -16.289 -20.137 1.00 50.68 ? 134 GLN A CA  1 
ATOM   1087 C  C   . GLN A 1 134 ? 4.655   -16.134 -21.556 1.00 52.27 ? 134 GLN A C   1 
ATOM   1088 O  O   . GLN A 1 134 ? 3.999   -15.534 -22.409 1.00 54.04 ? 134 GLN A O   1 
ATOM   1089 C  CB  . GLN A 1 134 ? 4.692   -15.179 -19.259 1.00 49.12 ? 134 GLN A CB  1 
ATOM   1090 C  CG  . GLN A 1 134 ? 4.524   -13.822 -19.863 1.00 49.36 ? 134 GLN A CG  1 
ATOM   1091 C  CD  . GLN A 1 134 ? 4.999   -12.724 -18.949 1.00 51.75 ? 134 GLN A CD  1 
ATOM   1092 O  OE1 . GLN A 1 134 ? 4.990   -11.555 -19.322 1.00 50.46 ? 134 GLN A OE1 1 
ATOM   1093 N  NE2 . GLN A 1 134 ? 5.412   -13.091 -17.738 1.00 53.52 ? 134 GLN A NE2 1 
ATOM   1094 N  N   . LYS A 1 135 ? 5.843   -16.675 -21.800 1.00 53.66 ? 135 LYS A N   1 
ATOM   1095 C  CA  . LYS A 1 135 ? 6.459   -16.635 -23.121 1.00 54.95 ? 135 LYS A CA  1 
ATOM   1096 C  C   . LYS A 1 135 ? 5.549   -17.344 -24.123 1.00 55.30 ? 135 LYS A C   1 
ATOM   1097 O  O   . LYS A 1 135 ? 5.119   -16.759 -25.113 1.00 54.85 ? 135 LYS A O   1 
ATOM   1098 C  CB  . LYS A 1 135 ? 7.808   -17.362 -23.100 1.00 57.45 ? 135 LYS A CB  1 
ATOM   1099 C  CG  . LYS A 1 135 ? 8.863   -16.743 -22.216 1.00 59.75 ? 135 LYS A CG  1 
ATOM   1100 C  CD  . LYS A 1 135 ? 9.531   -15.570 -22.892 1.00 61.94 ? 135 LYS A CD  1 
ATOM   1101 C  CE  . LYS A 1 135 ? 10.672  -15.050 -22.038 1.00 64.22 ? 135 LYS A CE  1 
ATOM   1102 N  NZ  . LYS A 1 135 ? 11.680  -16.123 -21.763 1.00 65.96 ? 135 LYS A NZ  1 
ATOM   1103 N  N   . LYS A 1 136 ? 5.261   -18.616 -23.863 1.00 55.18 ? 136 LYS A N   1 
ATOM   1104 C  CA  . LYS A 1 136 ? 4.430   -19.378 -24.780 1.00 56.27 ? 136 LYS A CA  1 
ATOM   1105 C  C   . LYS A 1 136 ? 3.053   -18.734 -24.902 1.00 55.47 ? 136 LYS A C   1 
ATOM   1106 O  O   . LYS A 1 136 ? 2.452   -18.714 -25.973 1.00 54.73 ? 136 LYS A O   1 
ATOM   1107 C  CB  . LYS A 1 136 ? 4.323   -20.845 -24.322 1.00 56.03 ? 136 LYS A CB  1 
ATOM   1108 C  CG  . LYS A 1 136 ? 3.167   -21.153 -23.391 1.00 59.00 ? 136 LYS A CG  1 
ATOM   1109 C  CD  . LYS A 1 136 ? 3.398   -22.438 -22.608 1.00 59.99 ? 136 LYS A CD  1 
ATOM   1110 C  CE  . LYS A 1 136 ? 3.674   -23.619 -23.513 1.00 60.14 ? 136 LYS A CE  1 
ATOM   1111 N  NZ  . LYS A 1 136 ? 4.069   -24.812 -22.707 1.00 61.99 ? 136 LYS A NZ  1 
ATOM   1112 N  N   . THR A 1 137 ? 2.559   -18.178 -23.807 1.00 55.55 ? 137 THR A N   1 
ATOM   1113 C  CA  . THR A 1 137 ? 1.251   -17.546 -23.840 1.00 55.64 ? 137 THR A CA  1 
ATOM   1114 C  C   . THR A 1 137 ? 1.236   -16.342 -24.780 1.00 57.49 ? 137 THR A C   1 
ATOM   1115 O  O   . THR A 1 137 ? 0.227   -16.074 -25.428 1.00 56.97 ? 137 THR A O   1 
ATOM   1116 C  CB  . THR A 1 137 ? 0.818   -17.107 -22.429 1.00 54.59 ? 137 THR A CB  1 
ATOM   1117 O  OG1 . THR A 1 137 ? 0.611   -18.273 -21.614 1.00 51.04 ? 137 THR A OG1 1 
ATOM   1118 C  CG2 . THR A 1 137 ? -0.463  -16.269 -22.492 1.00 50.97 ? 137 THR A CG2 1 
ATOM   1119 N  N   . GLU A 1 138 ? 2.357   -15.630 -24.872 1.00 59.42 ? 138 GLU A N   1 
ATOM   1120 C  CA  . GLU A 1 138 ? 2.429   -14.452 -25.733 1.00 62.38 ? 138 GLU A CA  1 
ATOM   1121 C  C   . GLU A 1 138 ? 3.256   -14.617 -27.008 1.00 62.92 ? 138 GLU A C   1 
ATOM   1122 O  O   . GLU A 1 138 ? 3.555   -13.633 -27.683 1.00 63.17 ? 138 GLU A O   1 
ATOM   1123 C  CB  . GLU A 1 138 ? 2.954   -13.250 -24.937 1.00 62.88 ? 138 GLU A CB  1 
ATOM   1124 C  CG  . GLU A 1 138 ? 1.995   -12.760 -23.844 1.00 67.06 ? 138 GLU A CG  1 
ATOM   1125 C  CD  . GLU A 1 138 ? 2.408   -11.413 -23.252 1.00 68.57 ? 138 GLU A CD  1 
ATOM   1126 O  OE1 . GLU A 1 138 ? 3.501   -11.332 -22.640 1.00 67.98 ? 138 GLU A OE1 1 
ATOM   1127 O  OE2 . GLU A 1 138 ? 1.633   -10.439 -23.407 1.00 68.57 ? 138 GLU A OE2 1 
ATOM   1128 N  N   . HIS A 1 139 ? 3.601   -15.855 -27.348 1.00 64.34 ? 139 HIS A N   1 
ATOM   1129 C  CA  . HIS A 1 139 ? 4.415   -16.138 -28.534 1.00 66.88 ? 139 HIS A CA  1 
ATOM   1130 C  C   . HIS A 1 139 ? 3.812   -15.632 -29.852 1.00 67.65 ? 139 HIS A C   1 
ATOM   1131 O  O   . HIS A 1 139 ? 4.540   -15.286 -30.784 1.00 67.73 ? 139 HIS A O   1 
ATOM   1132 C  CB  . HIS A 1 139 ? 4.675   -17.645 -28.652 1.00 66.92 ? 139 HIS A CB  1 
ATOM   1133 C  CG  . HIS A 1 139 ? 3.512   -18.408 -29.194 1.00 68.07 ? 139 HIS A CG  1 
ATOM   1134 N  ND1 . HIS A 1 139 ? 2.284   -18.435 -28.568 1.00 69.03 ? 139 HIS A ND1 1 
ATOM   1135 C  CD2 . HIS A 1 139 ? 3.370   -19.127 -30.331 1.00 68.76 ? 139 HIS A CD2 1 
ATOM   1136 C  CE1 . HIS A 1 139 ? 1.435   -19.135 -29.297 1.00 69.75 ? 139 HIS A CE1 1 
ATOM   1137 N  NE2 . HIS A 1 139 ? 2.068   -19.566 -30.373 1.00 69.80 ? 139 HIS A NE2 1 
ATOM   1138 N  N   . HIS A 1 140 ? 2.488   -15.600 -29.941 1.00 68.85 ? 140 HIS A N   1 
ATOM   1139 C  CA  . HIS A 1 140 ? 1.842   -15.130 -31.162 1.00 70.65 ? 140 HIS A CA  1 
ATOM   1140 C  C   . HIS A 1 140 ? 2.060   -13.634 -31.391 1.00 72.31 ? 140 HIS A C   1 
ATOM   1141 O  O   . HIS A 1 140 ? 1.654   -13.090 -32.421 1.00 71.96 ? 140 HIS A O   1 
ATOM   1142 C  CB  . HIS A 1 140 ? 0.338   -15.426 -31.128 1.00 68.83 ? 140 HIS A CB  1 
ATOM   1143 C  CG  . HIS A 1 140 ? -0.362  -14.908 -29.909 1.00 67.59 ? 140 HIS A CG  1 
ATOM   1144 N  ND1 . HIS A 1 140 ? -1.624  -14.354 -29.957 1.00 66.85 ? 140 HIS A ND1 1 
ATOM   1145 C  CD2 . HIS A 1 140 ? -0.004  -14.911 -28.604 1.00 67.03 ? 140 HIS A CD2 1 
ATOM   1146 C  CE1 . HIS A 1 140 ? -2.012  -14.041 -28.734 1.00 66.82 ? 140 HIS A CE1 1 
ATOM   1147 N  NE2 . HIS A 1 140 ? -1.048  -14.368 -27.894 1.00 66.42 ? 140 HIS A NE2 1 
ATOM   1148 N  N   . ASN A 1 141 ? 2.708   -12.978 -30.434 1.00 74.31 ? 141 ASN A N   1 
ATOM   1149 C  CA  . ASN A 1 141 ? 2.965   -11.545 -30.523 1.00 76.89 ? 141 ASN A CA  1 
ATOM   1150 C  C   . ASN A 1 141 ? 4.444   -11.190 -30.571 1.00 78.75 ? 141 ASN A C   1 
ATOM   1151 O  O   . ASN A 1 141 ? 4.806   -10.008 -30.582 1.00 79.76 ? 141 ASN A O   1 
ATOM   1152 C  CB  . ASN A 1 141 ? 2.304   -10.834 -29.340 1.00 77.25 ? 141 ASN A CB  1 
ATOM   1153 C  CG  . ASN A 1 141 ? 0.957   -10.240 -29.695 1.00 77.80 ? 141 ASN A CG  1 
ATOM   1154 O  OD1 . ASN A 1 141 ? 0.193   -9.832  -28.816 1.00 78.07 ? 141 ASN A OD1 1 
ATOM   1155 N  ND2 . ASN A 1 141 ? 0.663   -10.170 -30.990 1.00 77.48 ? 141 ASN A ND2 1 
ATOM   1156 N  N   . GLN A 1 142 ? 5.296   -12.207 -30.600 1.00 80.38 ? 142 GLN A N   1 
ATOM   1157 C  CA  . GLN A 1 142 ? 6.742   -11.991 -30.643 1.00 81.75 ? 142 GLN A CA  1 
ATOM   1158 C  C   . GLN A 1 142 ? 7.281   -12.118 -32.068 1.00 81.40 ? 142 GLN A C   1 
ATOM   1159 O  O   . GLN A 1 142 ? 7.230   -11.162 -32.850 1.00 80.92 ? 142 GLN A O   1 
ATOM   1160 C  CB  . GLN A 1 142 ? 7.451   -12.998 -29.737 1.00 83.21 ? 142 GLN A CB  1 
ATOM   1161 C  CG  . GLN A 1 142 ? 7.218   -12.787 -28.245 1.00 85.61 ? 142 GLN A CG  1 
ATOM   1162 C  CD  . GLN A 1 142 ? 7.779   -13.937 -27.417 1.00 88.05 ? 142 GLN A CD  1 
ATOM   1163 O  OE1 . GLN A 1 142 ? 8.884   -14.427 -27.681 1.00 89.27 ? 142 GLN A OE1 1 
ATOM   1164 N  NE2 . GLN A 1 142 ? 7.033   -14.357 -26.399 1.00 87.82 ? 142 GLN A NE2 1 
HETATM 1165 MN MN  . MN  B 2 .   ? -1.984  1.419   -0.799  1.00 39.07 ? 150 MN  A MN  1 
HETATM 1166 MN MN  . MN  C 2 .   ? -6.137  2.136   -2.158  1.00 42.53 ? 151 MN  A MN  1 
HETATM 1167 S  S   . SO4 D 3 .   ? -9.857  -11.752 7.521   1.00 61.17 ? 201 SO4 A S   1 
HETATM 1168 O  O1  . SO4 D 3 .   ? -9.627  -10.667 6.555   1.00 62.73 ? 201 SO4 A O1  1 
HETATM 1169 O  O2  . SO4 D 3 .   ? -11.257 -12.192 7.380   1.00 62.32 ? 201 SO4 A O2  1 
HETATM 1170 O  O3  . SO4 D 3 .   ? -9.634  -11.230 8.888   1.00 63.14 ? 201 SO4 A O3  1 
HETATM 1171 O  O4  . SO4 D 3 .   ? -8.941  -12.888 7.262   1.00 59.78 ? 201 SO4 A O4  1 
HETATM 1172 S  S   . SO4 E 3 .   ? 4.136   -3.572  15.240  1.00 85.48 ? 202 SO4 A S   1 
HETATM 1173 O  O1  . SO4 E 3 .   ? 4.149   -2.114  15.416  1.00 85.81 ? 202 SO4 A O1  1 
HETATM 1174 O  O2  . SO4 E 3 .   ? 3.117   -3.942  14.236  1.00 86.11 ? 202 SO4 A O2  1 
HETATM 1175 O  O3  . SO4 E 3 .   ? 3.814   -4.200  16.536  1.00 85.12 ? 202 SO4 A O3  1 
HETATM 1176 O  O4  . SO4 E 3 .   ? 5.466   -4.017  14.780  1.00 85.18 ? 202 SO4 A O4  1 
HETATM 1177 O  O   . HOH F 4 .   ? 6.100   1.033   12.708  1.00 28.31 ? 211 HOH A O   1 
HETATM 1178 O  O   . HOH F 4 .   ? -6.639  21.143  8.727   1.00 32.84 ? 212 HOH A O   1 
HETATM 1179 O  O   . HOH F 4 .   ? -11.000 10.797  20.782  1.00 41.71 ? 213 HOH A O   1 
HETATM 1180 O  O   . HOH F 4 .   ? -19.253 10.267  14.434  1.00 41.64 ? 214 HOH A O   1 
HETATM 1181 O  O   . HOH F 4 .   ? 4.317   15.470  11.581  1.00 34.17 ? 215 HOH A O   1 
HETATM 1182 O  O   . HOH F 4 .   ? 4.021   0.041   14.106  1.00 38.39 ? 216 HOH A O   1 
HETATM 1183 O  O   . HOH F 4 .   ? -0.634  24.171  1.438   1.00 29.73 ? 217 HOH A O   1 
HETATM 1184 O  O   . HOH F 4 .   ? 2.816   1.063   -11.667 1.00 37.04 ? 218 HOH A O   1 
# 
loop_
_pdbx_poly_seq_scheme.asym_id 
_pdbx_poly_seq_scheme.entity_id 
_pdbx_poly_seq_scheme.seq_id 
_pdbx_poly_seq_scheme.mon_id 
_pdbx_poly_seq_scheme.ndb_seq_num 
_pdbx_poly_seq_scheme.pdb_seq_num 
_pdbx_poly_seq_scheme.auth_seq_num 
_pdbx_poly_seq_scheme.pdb_mon_id 
_pdbx_poly_seq_scheme.auth_mon_id 
_pdbx_poly_seq_scheme.pdb_strand_id 
_pdbx_poly_seq_scheme.pdb_ins_code 
_pdbx_poly_seq_scheme.hetero 
A 1 1   MET 1   1   ?   ?   ?   A . n 
A 1 2   THR 2   2   ?   ?   ?   A . n 
A 1 3   THR 3   3   3   THR THR A . n 
A 1 4   PRO 4   4   4   PRO PRO A . n 
A 1 5   SER 5   5   5   SER SER A . n 
A 1 6   MET 6   6   6   MET MET A . n 
A 1 7   GLU 7   7   7   GLU GLU A . n 
A 1 8   ASP 8   8   8   ASP ASP A . n 
A 1 9   TYR 9   9   9   TYR TYR A . n 
A 1 10  ILE 10  10  10  ILE ILE A . n 
A 1 11  GLU 11  11  11  GLU GLU A . n 
A 1 12  GLN 12  12  12  GLN GLN A . n 
A 1 13  ILE 13  13  13  ILE ILE A . n 
A 1 14  TYR 14  14  14  TYR TYR A . n 
A 1 15  MET 15  15  15  MET MET A . n 
A 1 16  LEU 16  16  16  LEU LEU A . n 
A 1 17  ILE 17  17  17  ILE ILE A . n 
A 1 18  GLU 18  18  18  GLU GLU A . n 
A 1 19  GLU 19  19  19  GLU GLU A . n 
A 1 20  LYS 20  20  20  LYS LYS A . n 
A 1 21  GLY 21  21  21  GLY GLY A . n 
A 1 22  TYR 22  22  22  TYR TYR A . n 
A 1 23  ALA 23  23  23  ALA ALA A . n 
A 1 24  ARG 24  24  24  ARG ARG A . n 
A 1 25  VAL 25  25  25  VAL VAL A . n 
A 1 26  SER 26  26  26  SER SER A . n 
A 1 27  ASP 27  27  27  ASP ASP A . n 
A 1 28  ILE 28  28  28  ILE ILE A . n 
A 1 29  ALA 29  29  29  ALA ALA A . n 
A 1 30  GLU 30  30  30  GLU GLU A . n 
A 1 31  ALA 31  31  31  ALA ALA A . n 
A 1 32  LEU 32  32  32  LEU LEU A . n 
A 1 33  ALA 33  33  33  ALA ALA A . n 
A 1 34  VAL 34  34  34  VAL VAL A . n 
A 1 35  HIS 35  35  35  HIS HIS A . n 
A 1 36  PRO 36  36  36  PRO PRO A . n 
A 1 37  SER 37  37  37  SER SER A . n 
A 1 38  SER 38  38  38  SER SER A . n 
A 1 39  VAL 39  39  39  VAL VAL A . n 
A 1 40  THR 40  40  40  THR THR A . n 
A 1 41  LYS 41  41  41  LYS LYS A . n 
A 1 42  MET 42  42  42  MET MET A . n 
A 1 43  VAL 43  43  43  VAL VAL A . n 
A 1 44  GLN 44  44  44  GLN GLN A . n 
A 1 45  LYS 45  45  45  LYS LYS A . n 
A 1 46  LEU 46  46  46  LEU LEU A . n 
A 1 47  ASP 47  47  47  ASP ASP A . n 
A 1 48  LYS 48  48  48  LYS LYS A . n 
A 1 49  ASP 49  49  49  ASP ASP A . n 
A 1 50  GLU 50  50  50  GLU GLU A . n 
A 1 51  TYR 51  51  51  TYR TYR A . n 
A 1 52  LEU 52  52  52  LEU LEU A . n 
A 1 53  ILE 53  53  53  ILE ILE A . n 
A 1 54  TYR 54  54  54  TYR TYR A . n 
A 1 55  GLU 55  55  55  GLU GLU A . n 
A 1 56  LYS 56  56  56  LYS LYS A . n 
A 1 57  TYR 57  57  57  TYR TYR A . n 
A 1 58  ARG 58  58  58  ARG ARG A . n 
A 1 59  GLY 59  59  59  GLY GLY A . n 
A 1 60  LEU 60  60  60  LEU LEU A . n 
A 1 61  VAL 61  61  61  VAL VAL A . n 
A 1 62  LEU 62  62  62  LEU LEU A . n 
A 1 63  THR 63  63  63  THR THR A . n 
A 1 64  SER 64  64  64  SER SER A . n 
A 1 65  LYS 65  65  65  LYS LYS A . n 
A 1 66  GLY 66  66  66  GLY GLY A . n 
A 1 67  LYS 67  67  67  LYS LYS A . n 
A 1 68  LYS 68  68  68  LYS LYS A . n 
A 1 69  ILE 69  69  69  ILE ILE A . n 
A 1 70  GLY 70  70  70  GLY GLY A . n 
A 1 71  LYS 71  71  71  LYS LYS A . n 
A 1 72  ARG 72  72  72  ARG ARG A . n 
A 1 73  LEU 73  73  73  LEU LEU A . n 
A 1 74  VAL 74  74  74  VAL VAL A . n 
A 1 75  TYR 75  75  75  TYR TYR A . n 
A 1 76  ARG 76  76  76  ARG ARG A . n 
A 1 77  HIS 77  77  77  HIS HIS A . n 
A 1 78  GLU 78  78  78  GLU GLU A . n 
A 1 79  LEU 79  79  79  LEU LEU A . n 
A 1 80  LEU 80  80  80  LEU LEU A . n 
A 1 81  GLU 81  81  81  GLU GLU A . n 
A 1 82  GLN 82  82  82  GLN GLN A . n 
A 1 83  PHE 83  83  83  PHE PHE A . n 
A 1 84  LEU 84  84  84  LEU LEU A . n 
A 1 85  ARG 85  85  85  ARG ARG A . n 
A 1 86  ILE 86  86  86  ILE ILE A . n 
A 1 87  ILE 87  87  87  ILE ILE A . n 
A 1 88  GLY 88  88  88  GLY GLY A . n 
A 1 89  VAL 89  89  89  VAL VAL A . n 
A 1 90  ASP 90  90  90  ASP ASP A . n 
A 1 91  GLU 91  91  91  GLU GLU A . n 
A 1 92  GLU 92  92  92  GLU GLU A . n 
A 1 93  LYS 93  93  93  LYS LYS A . n 
A 1 94  ILE 94  94  94  ILE ILE A . n 
A 1 95  TYR 95  95  95  TYR TYR A . n 
A 1 96  ASN 96  96  96  ASN ASN A . n 
A 1 97  ASP 97  97  97  ASP ASP A . n 
A 1 98  VAL 98  98  98  VAL VAL A . n 
A 1 99  GLU 99  99  99  GLU GLU A . n 
A 1 100 GLY 100 100 100 GLY GLY A . n 
A 1 101 ILE 101 101 101 ILE ILE A . n 
A 1 102 GLU 102 102 102 GLU GLU A . n 
A 1 103 HIS 103 103 103 HIS HIS A . n 
A 1 104 HIS 104 104 104 HIS HIS A . n 
A 1 105 LEU 105 105 105 LEU LEU A . n 
A 1 106 SER 106 106 106 SER SER A . n 
A 1 107 TRP 107 107 107 TRP TRP A . n 
A 1 108 ASN 108 108 108 ASN ASN A . n 
A 1 109 SER 109 109 109 SER SER A . n 
A 1 110 ILE 110 110 110 ILE ILE A . n 
A 1 111 ASP 111 111 111 ASP ASP A . n 
A 1 112 ARG 112 112 112 ARG ARG A . n 
A 1 113 ILE 113 113 113 ILE ILE A . n 
A 1 114 GLY 114 114 114 GLY GLY A . n 
A 1 115 ASP 115 115 115 ASP ASP A . n 
A 1 116 LEU 116 116 116 LEU LEU A . n 
A 1 117 VAL 117 117 117 VAL VAL A . n 
A 1 118 GLN 118 118 118 GLN GLN A . n 
A 1 119 TYR 119 119 119 TYR TYR A . n 
A 1 120 PHE 120 120 120 PHE PHE A . n 
A 1 121 GLU 121 121 121 GLU GLU A . n 
A 1 122 GLU 122 122 122 GLU GLU A . n 
A 1 123 ASP 123 123 123 ASP ASP A . n 
A 1 124 ASP 124 124 124 ASP ASP A . n 
A 1 125 ALA 125 125 125 ALA ALA A . n 
A 1 126 ARG 126 126 126 ARG ARG A . n 
A 1 127 LYS 127 127 127 LYS LYS A . n 
A 1 128 LYS 128 128 128 LYS LYS A . n 
A 1 129 ASP 129 129 129 ASP ASP A . n 
A 1 130 LEU 130 130 130 LEU LEU A . n 
A 1 131 LYS 131 131 131 LYS LYS A . n 
A 1 132 SER 132 132 132 SER SER A . n 
A 1 133 ILE 133 133 133 ILE ILE A . n 
A 1 134 GLN 134 134 134 GLN GLN A . n 
A 1 135 LYS 135 135 135 LYS LYS A . n 
A 1 136 LYS 136 136 136 LYS LYS A . n 
A 1 137 THR 137 137 137 THR THR A . n 
A 1 138 GLU 138 138 138 GLU GLU A . n 
A 1 139 HIS 139 139 139 HIS HIS A . n 
A 1 140 HIS 140 140 140 HIS HIS A . n 
A 1 141 ASN 141 141 141 ASN ASN A . n 
A 1 142 GLN 142 142 142 GLN GLN A . n 
# 
loop_
_pdbx_nonpoly_scheme.asym_id 
_pdbx_nonpoly_scheme.entity_id 
_pdbx_nonpoly_scheme.mon_id 
_pdbx_nonpoly_scheme.ndb_seq_num 
_pdbx_nonpoly_scheme.pdb_seq_num 
_pdbx_nonpoly_scheme.auth_seq_num 
_pdbx_nonpoly_scheme.pdb_mon_id 
_pdbx_nonpoly_scheme.auth_mon_id 
_pdbx_nonpoly_scheme.pdb_strand_id 
_pdbx_nonpoly_scheme.pdb_ins_code 
B 2 MN  1 150 150 MN  MN  A . 
C 2 MN  1 151 151 MN  MN  A . 
D 3 SO4 1 201 201 SO4 SO4 A . 
E 3 SO4 1 202 202 SO4 SO4 A . 
F 4 HOH 1 211 211 HOH HOH A . 
F 4 HOH 2 212 212 HOH HOH A . 
F 4 HOH 3 213 213 HOH HOH A . 
F 4 HOH 4 214 214 HOH HOH A . 
F 4 HOH 5 215 215 HOH HOH A . 
F 4 HOH 6 216 216 HOH HOH A . 
F 4 HOH 7 217 217 HOH HOH A . 
F 4 HOH 8 218 218 HOH HOH A . 
# 
_pdbx_struct_assembly.id                   1 
_pdbx_struct_assembly.details              author_and_software_defined_assembly 
_pdbx_struct_assembly.method_details       PISA,PQS 
_pdbx_struct_assembly.oligomeric_details   dimeric 
_pdbx_struct_assembly.oligomeric_count     2 
# 
_pdbx_struct_assembly_gen.assembly_id       1 
_pdbx_struct_assembly_gen.oper_expression   1,2 
_pdbx_struct_assembly_gen.asym_id_list      A,B,C,D,E,F 
# 
loop_
_pdbx_struct_assembly_prop.biol_id 
_pdbx_struct_assembly_prop.type 
_pdbx_struct_assembly_prop.value 
_pdbx_struct_assembly_prop.details 
1 'ABSA (A^2)' 3990  ? 
1 MORE         -92   ? 
1 'SSA (A^2)'  15690 ? 
# 
loop_
_pdbx_struct_oper_list.id 
_pdbx_struct_oper_list.type 
_pdbx_struct_oper_list.name 
_pdbx_struct_oper_list.symmetry_operation 
_pdbx_struct_oper_list.matrix[1][1] 
_pdbx_struct_oper_list.matrix[1][2] 
_pdbx_struct_oper_list.matrix[1][3] 
_pdbx_struct_oper_list.vector[1] 
_pdbx_struct_oper_list.matrix[2][1] 
_pdbx_struct_oper_list.matrix[2][2] 
_pdbx_struct_oper_list.matrix[2][3] 
_pdbx_struct_oper_list.vector[2] 
_pdbx_struct_oper_list.matrix[3][1] 
_pdbx_struct_oper_list.matrix[3][2] 
_pdbx_struct_oper_list.matrix[3][3] 
_pdbx_struct_oper_list.vector[3] 
1 'identity operation'         1_555  x,y,z            1.0000000000  0.0000000000  0.0000000000  0.0000000000   0.0000000000  1.0000000000 0.0000000000 0.0000000000   0.0000000000  0.0000000000 1.0000000000  0.0000000000   
2 'crystal symmetry operation' 10_666 -y+1,-x+1,-z+7/6 -0.1030026301 -0.9793306543 -0.1740744891 -17.0908825519 -0.9793306543 0.0692211177 0.1900523781 -13.6417046076 -0.1740744891 0.1900523781 -0.9662184876 -11.3212292594 
# 
loop_
_pdbx_struct_conn_angle.id 
_pdbx_struct_conn_angle.ptnr1_label_atom_id 
_pdbx_struct_conn_angle.ptnr1_label_alt_id 
_pdbx_struct_conn_angle.ptnr1_label_asym_id 
_pdbx_struct_conn_angle.ptnr1_label_comp_id 
_pdbx_struct_conn_angle.ptnr1_label_seq_id 
_pdbx_struct_conn_angle.ptnr1_auth_atom_id 
_pdbx_struct_conn_angle.ptnr1_auth_asym_id 
_pdbx_struct_conn_angle.ptnr1_auth_comp_id 
_pdbx_struct_conn_angle.ptnr1_auth_seq_id 
_pdbx_struct_conn_angle.ptnr1_PDB_ins_code 
_pdbx_struct_conn_angle.ptnr1_symmetry 
_pdbx_struct_conn_angle.ptnr2_label_atom_id 
_pdbx_struct_conn_angle.ptnr2_label_alt_id 
_pdbx_struct_conn_angle.ptnr2_label_asym_id 
_pdbx_struct_conn_angle.ptnr2_label_comp_id 
_pdbx_struct_conn_angle.ptnr2_label_seq_id 
_pdbx_struct_conn_angle.ptnr2_auth_atom_id 
_pdbx_struct_conn_angle.ptnr2_auth_asym_id 
_pdbx_struct_conn_angle.ptnr2_auth_comp_id 
_pdbx_struct_conn_angle.ptnr2_auth_seq_id 
_pdbx_struct_conn_angle.ptnr2_PDB_ins_code 
_pdbx_struct_conn_angle.ptnr2_symmetry 
_pdbx_struct_conn_angle.ptnr3_label_atom_id 
_pdbx_struct_conn_angle.ptnr3_label_alt_id 
_pdbx_struct_conn_angle.ptnr3_label_asym_id 
_pdbx_struct_conn_angle.ptnr3_label_comp_id 
_pdbx_struct_conn_angle.ptnr3_label_seq_id 
_pdbx_struct_conn_angle.ptnr3_auth_atom_id 
_pdbx_struct_conn_angle.ptnr3_auth_asym_id 
_pdbx_struct_conn_angle.ptnr3_auth_comp_id 
_pdbx_struct_conn_angle.ptnr3_auth_seq_id 
_pdbx_struct_conn_angle.ptnr3_PDB_ins_code 
_pdbx_struct_conn_angle.ptnr3_symmetry 
_pdbx_struct_conn_angle.value 
_pdbx_struct_conn_angle.value_esd 
1  OD2 ? A ASP 8   ? A ASP 8   ? 1_555 MN ? C MN . ? A MN 151 ? 1_555 O   ? A GLU 99  ? A GLU 99  ? 1_555 173.5 ? 
2  OD2 ? A ASP 8   ? A ASP 8   ? 1_555 MN ? C MN . ? A MN 151 ? 1_555 OE1 ? A GLU 99  ? A GLU 99  ? 1_555 75.4  ? 
3  O   ? A GLU 99  ? A GLU 99  ? 1_555 MN ? C MN . ? A MN 151 ? 1_555 OE1 ? A GLU 99  ? A GLU 99  ? 1_555 110.8 ? 
4  OD2 ? A ASP 8   ? A ASP 8   ? 1_555 MN ? C MN . ? A MN 151 ? 1_555 OE2 ? A GLU 102 ? A GLU 102 ? 1_555 98.6  ? 
5  O   ? A GLU 99  ? A GLU 99  ? 1_555 MN ? C MN . ? A MN 151 ? 1_555 OE2 ? A GLU 102 ? A GLU 102 ? 1_555 80.6  ? 
6  OE1 ? A GLU 99  ? A GLU 99  ? 1_555 MN ? C MN . ? A MN 151 ? 1_555 OE2 ? A GLU 102 ? A GLU 102 ? 1_555 84.5  ? 
7  OD2 ? A ASP 8   ? A ASP 8   ? 1_555 MN ? C MN . ? A MN 151 ? 1_555 NE2 ? A HIS 103 ? A HIS 103 ? 1_555 79.8  ? 
8  O   ? A GLU 99  ? A GLU 99  ? 1_555 MN ? C MN . ? A MN 151 ? 1_555 NE2 ? A HIS 103 ? A HIS 103 ? 1_555 93.8  ? 
9  OE1 ? A GLU 99  ? A GLU 99  ? 1_555 MN ? C MN . ? A MN 151 ? 1_555 NE2 ? A HIS 103 ? A HIS 103 ? 1_555 152.6 ? 
10 OE2 ? A GLU 102 ? A GLU 102 ? 1_555 MN ? C MN . ? A MN 151 ? 1_555 NE2 ? A HIS 103 ? A HIS 103 ? 1_555 87.8  ? 
11 OE1 ? A GLU 11  ? A GLU 11  ? 1_555 MN ? B MN . ? A MN 150 ? 1_555 OE2 ? A GLU 11  ? A GLU 11  ? 1_555 55.4  ? 
12 OE1 ? A GLU 11  ? A GLU 11  ? 1_555 MN ? B MN . ? A MN 150 ? 1_555 ND1 ? A HIS 77  ? A HIS 77  ? 1_555 102.6 ? 
13 OE2 ? A GLU 11  ? A GLU 11  ? 1_555 MN ? B MN . ? A MN 150 ? 1_555 ND1 ? A HIS 77  ? A HIS 77  ? 1_555 81.5  ? 
14 OE1 ? A GLU 11  ? A GLU 11  ? 1_555 MN ? B MN . ? A MN 150 ? 1_555 OE1 ? A GLU 102 ? A GLU 102 ? 1_555 79.4  ? 
15 OE2 ? A GLU 11  ? A GLU 11  ? 1_555 MN ? B MN . ? A MN 150 ? 1_555 OE1 ? A GLU 102 ? A GLU 102 ? 1_555 133.4 ? 
16 ND1 ? A HIS 77  ? A HIS 77  ? 1_555 MN ? B MN . ? A MN 150 ? 1_555 OE1 ? A GLU 102 ? A GLU 102 ? 1_555 100.0 ? 
# 
loop_
_pdbx_audit_revision_history.ordinal 
_pdbx_audit_revision_history.data_content_type 
_pdbx_audit_revision_history.major_revision 
_pdbx_audit_revision_history.minor_revision 
_pdbx_audit_revision_history.revision_date 
1 'Structure model' 1 0 2006-03-07 
2 'Structure model' 1 1 2008-05-01 
3 'Structure model' 1 2 2011-07-13 
4 'Structure model' 1 3 2023-08-23 
# 
_pdbx_audit_revision_details.ordinal             1 
_pdbx_audit_revision_details.revision_ordinal    1 
_pdbx_audit_revision_details.data_content_type   'Structure model' 
_pdbx_audit_revision_details.provider            repository 
_pdbx_audit_revision_details.type                'Initial release' 
_pdbx_audit_revision_details.description         ? 
_pdbx_audit_revision_details.details             ? 
# 
loop_
_pdbx_audit_revision_group.ordinal 
_pdbx_audit_revision_group.revision_ordinal 
_pdbx_audit_revision_group.data_content_type 
_pdbx_audit_revision_group.group 
1 2 'Structure model' 'Version format compliance' 
2 3 'Structure model' 'Derived calculations'      
3 3 'Structure model' 'Version format compliance' 
4 4 'Structure model' 'Data collection'           
5 4 'Structure model' 'Database references'       
6 4 'Structure model' 'Derived calculations'      
7 4 'Structure model' 'Refinement description'    
# 
loop_
_pdbx_audit_revision_category.ordinal 
_pdbx_audit_revision_category.revision_ordinal 
_pdbx_audit_revision_category.data_content_type 
_pdbx_audit_revision_category.category 
1 4 'Structure model' chem_comp_atom                
2 4 'Structure model' chem_comp_bond                
3 4 'Structure model' database_2                    
4 4 'Structure model' pdbx_initial_refinement_model 
5 4 'Structure model' pdbx_struct_conn_angle        
6 4 'Structure model' struct_conn                   
7 4 'Structure model' struct_site                   
# 
loop_
_pdbx_audit_revision_item.ordinal 
_pdbx_audit_revision_item.revision_ordinal 
_pdbx_audit_revision_item.data_content_type 
_pdbx_audit_revision_item.item 
1  4 'Structure model' '_database_2.pdbx_DOI'                        
2  4 'Structure model' '_database_2.pdbx_database_accession'         
3  4 'Structure model' '_pdbx_struct_conn_angle.ptnr1_auth_comp_id'  
4  4 'Structure model' '_pdbx_struct_conn_angle.ptnr1_auth_seq_id'   
5  4 'Structure model' '_pdbx_struct_conn_angle.ptnr1_label_atom_id' 
6  4 'Structure model' '_pdbx_struct_conn_angle.ptnr1_label_comp_id' 
7  4 'Structure model' '_pdbx_struct_conn_angle.ptnr1_label_seq_id'  
8  4 'Structure model' '_pdbx_struct_conn_angle.ptnr2_auth_seq_id'   
9  4 'Structure model' '_pdbx_struct_conn_angle.ptnr2_label_asym_id' 
10 4 'Structure model' '_pdbx_struct_conn_angle.ptnr3_auth_comp_id'  
11 4 'Structure model' '_pdbx_struct_conn_angle.ptnr3_auth_seq_id'   
12 4 'Structure model' '_pdbx_struct_conn_angle.ptnr3_label_atom_id' 
13 4 'Structure model' '_pdbx_struct_conn_angle.ptnr3_label_comp_id' 
14 4 'Structure model' '_pdbx_struct_conn_angle.ptnr3_label_seq_id'  
15 4 'Structure model' '_pdbx_struct_conn_angle.value'               
16 4 'Structure model' '_struct_conn.pdbx_dist_value'                
17 4 'Structure model' '_struct_conn.ptnr1_auth_comp_id'             
18 4 'Structure model' '_struct_conn.ptnr1_auth_seq_id'              
19 4 'Structure model' '_struct_conn.ptnr1_label_asym_id'            
20 4 'Structure model' '_struct_conn.ptnr1_label_atom_id'            
21 4 'Structure model' '_struct_conn.ptnr1_label_comp_id'            
22 4 'Structure model' '_struct_conn.ptnr1_label_seq_id'             
23 4 'Structure model' '_struct_conn.ptnr2_auth_comp_id'             
24 4 'Structure model' '_struct_conn.ptnr2_auth_seq_id'              
25 4 'Structure model' '_struct_conn.ptnr2_label_asym_id'            
26 4 'Structure model' '_struct_conn.ptnr2_label_atom_id'            
27 4 'Structure model' '_struct_conn.ptnr2_label_comp_id'            
28 4 'Structure model' '_struct_conn.ptnr2_label_seq_id'             
29 4 'Structure model' '_struct_site.pdbx_auth_asym_id'              
30 4 'Structure model' '_struct_site.pdbx_auth_comp_id'              
31 4 'Structure model' '_struct_site.pdbx_auth_seq_id'               
# 
loop_
_software.name 
_software.classification 
_software.version 
_software.citation_id 
_software.pdbx_ordinal 
d*TREK 'data scaling'   . ? 1 
d*TREK 'data reduction' . ? 2 
CNS    refinement       . ? 3 
CNS    phasing          . ? 4 
# 
_pdbx_database_remark.id     999 
_pdbx_database_remark.text   
;SEQUENCE 
THE AUTHOR MAINTAINS THAT THE CORRECT RESIDUE 
AT THIS LOCATION SHOULD BE GLU. 

;
# 
loop_
_pdbx_validate_torsion.id 
_pdbx_validate_torsion.PDB_model_num 
_pdbx_validate_torsion.auth_comp_id 
_pdbx_validate_torsion.auth_asym_id 
_pdbx_validate_torsion.auth_seq_id 
_pdbx_validate_torsion.PDB_ins_code 
_pdbx_validate_torsion.label_alt_id 
_pdbx_validate_torsion.phi 
_pdbx_validate_torsion.psi 
1 1 LYS A 56  ? ? -71.44  -71.52 
2 1 ASP A 123 ? ? -168.65 110.18 
# 
loop_
_pdbx_unobs_or_zero_occ_residues.id 
_pdbx_unobs_or_zero_occ_residues.PDB_model_num 
_pdbx_unobs_or_zero_occ_residues.polymer_flag 
_pdbx_unobs_or_zero_occ_residues.occupancy_flag 
_pdbx_unobs_or_zero_occ_residues.auth_asym_id 
_pdbx_unobs_or_zero_occ_residues.auth_comp_id 
_pdbx_unobs_or_zero_occ_residues.auth_seq_id 
_pdbx_unobs_or_zero_occ_residues.PDB_ins_code 
_pdbx_unobs_or_zero_occ_residues.label_asym_id 
_pdbx_unobs_or_zero_occ_residues.label_comp_id 
_pdbx_unobs_or_zero_occ_residues.label_seq_id 
1 1 Y 1 A MET 1 ? A MET 1 
2 1 Y 1 A THR 2 ? A THR 2 
# 
loop_
_chem_comp_atom.comp_id 
_chem_comp_atom.atom_id 
_chem_comp_atom.type_symbol 
_chem_comp_atom.pdbx_aromatic_flag 
_chem_comp_atom.pdbx_stereo_config 
_chem_comp_atom.pdbx_ordinal 
ALA N    N  N N 1   
ALA CA   C  N S 2   
ALA C    C  N N 3   
ALA O    O  N N 4   
ALA CB   C  N N 5   
ALA OXT  O  N N 6   
ALA H    H  N N 7   
ALA H2   H  N N 8   
ALA HA   H  N N 9   
ALA HB1  H  N N 10  
ALA HB2  H  N N 11  
ALA HB3  H  N N 12  
ALA HXT  H  N N 13  
ARG N    N  N N 14  
ARG CA   C  N S 15  
ARG C    C  N N 16  
ARG O    O  N N 17  
ARG CB   C  N N 18  
ARG CG   C  N N 19  
ARG CD   C  N N 20  
ARG NE   N  N N 21  
ARG CZ   C  N N 22  
ARG NH1  N  N N 23  
ARG NH2  N  N N 24  
ARG OXT  O  N N 25  
ARG H    H  N N 26  
ARG H2   H  N N 27  
ARG HA   H  N N 28  
ARG HB2  H  N N 29  
ARG HB3  H  N N 30  
ARG HG2  H  N N 31  
ARG HG3  H  N N 32  
ARG HD2  H  N N 33  
ARG HD3  H  N N 34  
ARG HE   H  N N 35  
ARG HH11 H  N N 36  
ARG HH12 H  N N 37  
ARG HH21 H  N N 38  
ARG HH22 H  N N 39  
ARG HXT  H  N N 40  
ASN N    N  N N 41  
ASN CA   C  N S 42  
ASN C    C  N N 43  
ASN O    O  N N 44  
ASN CB   C  N N 45  
ASN CG   C  N N 46  
ASN OD1  O  N N 47  
ASN ND2  N  N N 48  
ASN OXT  O  N N 49  
ASN H    H  N N 50  
ASN H2   H  N N 51  
ASN HA   H  N N 52  
ASN HB2  H  N N 53  
ASN HB3  H  N N 54  
ASN HD21 H  N N 55  
ASN HD22 H  N N 56  
ASN HXT  H  N N 57  
ASP N    N  N N 58  
ASP CA   C  N S 59  
ASP C    C  N N 60  
ASP O    O  N N 61  
ASP CB   C  N N 62  
ASP CG   C  N N 63  
ASP OD1  O  N N 64  
ASP OD2  O  N N 65  
ASP OXT  O  N N 66  
ASP H    H  N N 67  
ASP H2   H  N N 68  
ASP HA   H  N N 69  
ASP HB2  H  N N 70  
ASP HB3  H  N N 71  
ASP HD2  H  N N 72  
ASP HXT  H  N N 73  
GLN N    N  N N 74  
GLN CA   C  N S 75  
GLN C    C  N N 76  
GLN O    O  N N 77  
GLN CB   C  N N 78  
GLN CG   C  N N 79  
GLN CD   C  N N 80  
GLN OE1  O  N N 81  
GLN NE2  N  N N 82  
GLN OXT  O  N N 83  
GLN H    H  N N 84  
GLN H2   H  N N 85  
GLN HA   H  N N 86  
GLN HB2  H  N N 87  
GLN HB3  H  N N 88  
GLN HG2  H  N N 89  
GLN HG3  H  N N 90  
GLN HE21 H  N N 91  
GLN HE22 H  N N 92  
GLN HXT  H  N N 93  
GLU N    N  N N 94  
GLU CA   C  N S 95  
GLU C    C  N N 96  
GLU O    O  N N 97  
GLU CB   C  N N 98  
GLU CG   C  N N 99  
GLU CD   C  N N 100 
GLU OE1  O  N N 101 
GLU OE2  O  N N 102 
GLU OXT  O  N N 103 
GLU H    H  N N 104 
GLU H2   H  N N 105 
GLU HA   H  N N 106 
GLU HB2  H  N N 107 
GLU HB3  H  N N 108 
GLU HG2  H  N N 109 
GLU HG3  H  N N 110 
GLU HE2  H  N N 111 
GLU HXT  H  N N 112 
GLY N    N  N N 113 
GLY CA   C  N N 114 
GLY C    C  N N 115 
GLY O    O  N N 116 
GLY OXT  O  N N 117 
GLY H    H  N N 118 
GLY H2   H  N N 119 
GLY HA2  H  N N 120 
GLY HA3  H  N N 121 
GLY HXT  H  N N 122 
HIS N    N  N N 123 
HIS CA   C  N S 124 
HIS C    C  N N 125 
HIS O    O  N N 126 
HIS CB   C  N N 127 
HIS CG   C  Y N 128 
HIS ND1  N  Y N 129 
HIS CD2  C  Y N 130 
HIS CE1  C  Y N 131 
HIS NE2  N  Y N 132 
HIS OXT  O  N N 133 
HIS H    H  N N 134 
HIS H2   H  N N 135 
HIS HA   H  N N 136 
HIS HB2  H  N N 137 
HIS HB3  H  N N 138 
HIS HD1  H  N N 139 
HIS HD2  H  N N 140 
HIS HE1  H  N N 141 
HIS HE2  H  N N 142 
HIS HXT  H  N N 143 
HOH O    O  N N 144 
HOH H1   H  N N 145 
HOH H2   H  N N 146 
ILE N    N  N N 147 
ILE CA   C  N S 148 
ILE C    C  N N 149 
ILE O    O  N N 150 
ILE CB   C  N S 151 
ILE CG1  C  N N 152 
ILE CG2  C  N N 153 
ILE CD1  C  N N 154 
ILE OXT  O  N N 155 
ILE H    H  N N 156 
ILE H2   H  N N 157 
ILE HA   H  N N 158 
ILE HB   H  N N 159 
ILE HG12 H  N N 160 
ILE HG13 H  N N 161 
ILE HG21 H  N N 162 
ILE HG22 H  N N 163 
ILE HG23 H  N N 164 
ILE HD11 H  N N 165 
ILE HD12 H  N N 166 
ILE HD13 H  N N 167 
ILE HXT  H  N N 168 
LEU N    N  N N 169 
LEU CA   C  N S 170 
LEU C    C  N N 171 
LEU O    O  N N 172 
LEU CB   C  N N 173 
LEU CG   C  N N 174 
LEU CD1  C  N N 175 
LEU CD2  C  N N 176 
LEU OXT  O  N N 177 
LEU H    H  N N 178 
LEU H2   H  N N 179 
LEU HA   H  N N 180 
LEU HB2  H  N N 181 
LEU HB3  H  N N 182 
LEU HG   H  N N 183 
LEU HD11 H  N N 184 
LEU HD12 H  N N 185 
LEU HD13 H  N N 186 
LEU HD21 H  N N 187 
LEU HD22 H  N N 188 
LEU HD23 H  N N 189 
LEU HXT  H  N N 190 
LYS N    N  N N 191 
LYS CA   C  N S 192 
LYS C    C  N N 193 
LYS O    O  N N 194 
LYS CB   C  N N 195 
LYS CG   C  N N 196 
LYS CD   C  N N 197 
LYS CE   C  N N 198 
LYS NZ   N  N N 199 
LYS OXT  O  N N 200 
LYS H    H  N N 201 
LYS H2   H  N N 202 
LYS HA   H  N N 203 
LYS HB2  H  N N 204 
LYS HB3  H  N N 205 
LYS HG2  H  N N 206 
LYS HG3  H  N N 207 
LYS HD2  H  N N 208 
LYS HD3  H  N N 209 
LYS HE2  H  N N 210 
LYS HE3  H  N N 211 
LYS HZ1  H  N N 212 
LYS HZ2  H  N N 213 
LYS HZ3  H  N N 214 
LYS HXT  H  N N 215 
MET N    N  N N 216 
MET CA   C  N S 217 
MET C    C  N N 218 
MET O    O  N N 219 
MET CB   C  N N 220 
MET CG   C  N N 221 
MET SD   S  N N 222 
MET CE   C  N N 223 
MET OXT  O  N N 224 
MET H    H  N N 225 
MET H2   H  N N 226 
MET HA   H  N N 227 
MET HB2  H  N N 228 
MET HB3  H  N N 229 
MET HG2  H  N N 230 
MET HG3  H  N N 231 
MET HE1  H  N N 232 
MET HE2  H  N N 233 
MET HE3  H  N N 234 
MET HXT  H  N N 235 
MN  MN   MN N N 236 
PHE N    N  N N 237 
PHE CA   C  N S 238 
PHE C    C  N N 239 
PHE O    O  N N 240 
PHE CB   C  N N 241 
PHE CG   C  Y N 242 
PHE CD1  C  Y N 243 
PHE CD2  C  Y N 244 
PHE CE1  C  Y N 245 
PHE CE2  C  Y N 246 
PHE CZ   C  Y N 247 
PHE OXT  O  N N 248 
PHE H    H  N N 249 
PHE H2   H  N N 250 
PHE HA   H  N N 251 
PHE HB2  H  N N 252 
PHE HB3  H  N N 253 
PHE HD1  H  N N 254 
PHE HD2  H  N N 255 
PHE HE1  H  N N 256 
PHE HE2  H  N N 257 
PHE HZ   H  N N 258 
PHE HXT  H  N N 259 
PRO N    N  N N 260 
PRO CA   C  N S 261 
PRO C    C  N N 262 
PRO O    O  N N 263 
PRO CB   C  N N 264 
PRO CG   C  N N 265 
PRO CD   C  N N 266 
PRO OXT  O  N N 267 
PRO H    H  N N 268 
PRO HA   H  N N 269 
PRO HB2  H  N N 270 
PRO HB3  H  N N 271 
PRO HG2  H  N N 272 
PRO HG3  H  N N 273 
PRO HD2  H  N N 274 
PRO HD3  H  N N 275 
PRO HXT  H  N N 276 
SER N    N  N N 277 
SER CA   C  N S 278 
SER C    C  N N 279 
SER O    O  N N 280 
SER CB   C  N N 281 
SER OG   O  N N 282 
SER OXT  O  N N 283 
SER H    H  N N 284 
SER H2   H  N N 285 
SER HA   H  N N 286 
SER HB2  H  N N 287 
SER HB3  H  N N 288 
SER HG   H  N N 289 
SER HXT  H  N N 290 
SO4 S    S  N N 291 
SO4 O1   O  N N 292 
SO4 O2   O  N N 293 
SO4 O3   O  N N 294 
SO4 O4   O  N N 295 
THR N    N  N N 296 
THR CA   C  N S 297 
THR C    C  N N 298 
THR O    O  N N 299 
THR CB   C  N R 300 
THR OG1  O  N N 301 
THR CG2  C  N N 302 
THR OXT  O  N N 303 
THR H    H  N N 304 
THR H2   H  N N 305 
THR HA   H  N N 306 
THR HB   H  N N 307 
THR HG1  H  N N 308 
THR HG21 H  N N 309 
THR HG22 H  N N 310 
THR HG23 H  N N 311 
THR HXT  H  N N 312 
TRP N    N  N N 313 
TRP CA   C  N S 314 
TRP C    C  N N 315 
TRP O    O  N N 316 
TRP CB   C  N N 317 
TRP CG   C  Y N 318 
TRP CD1  C  Y N 319 
TRP CD2  C  Y N 320 
TRP NE1  N  Y N 321 
TRP CE2  C  Y N 322 
TRP CE3  C  Y N 323 
TRP CZ2  C  Y N 324 
TRP CZ3  C  Y N 325 
TRP CH2  C  Y N 326 
TRP OXT  O  N N 327 
TRP H    H  N N 328 
TRP H2   H  N N 329 
TRP HA   H  N N 330 
TRP HB2  H  N N 331 
TRP HB3  H  N N 332 
TRP HD1  H  N N 333 
TRP HE1  H  N N 334 
TRP HE3  H  N N 335 
TRP HZ2  H  N N 336 
TRP HZ3  H  N N 337 
TRP HH2  H  N N 338 
TRP HXT  H  N N 339 
TYR N    N  N N 340 
TYR CA   C  N S 341 
TYR C    C  N N 342 
TYR O    O  N N 343 
TYR CB   C  N N 344 
TYR CG   C  Y N 345 
TYR CD1  C  Y N 346 
TYR CD2  C  Y N 347 
TYR CE1  C  Y N 348 
TYR CE2  C  Y N 349 
TYR CZ   C  Y N 350 
TYR OH   O  N N 351 
TYR OXT  O  N N 352 
TYR H    H  N N 353 
TYR H2   H  N N 354 
TYR HA   H  N N 355 
TYR HB2  H  N N 356 
TYR HB3  H  N N 357 
TYR HD1  H  N N 358 
TYR HD2  H  N N 359 
TYR HE1  H  N N 360 
TYR HE2  H  N N 361 
TYR HH   H  N N 362 
TYR HXT  H  N N 363 
VAL N    N  N N 364 
VAL CA   C  N S 365 
VAL C    C  N N 366 
VAL O    O  N N 367 
VAL CB   C  N N 368 
VAL CG1  C  N N 369 
VAL CG2  C  N N 370 
VAL OXT  O  N N 371 
VAL H    H  N N 372 
VAL H2   H  N N 373 
VAL HA   H  N N 374 
VAL HB   H  N N 375 
VAL HG11 H  N N 376 
VAL HG12 H  N N 377 
VAL HG13 H  N N 378 
VAL HG21 H  N N 379 
VAL HG22 H  N N 380 
VAL HG23 H  N N 381 
VAL HXT  H  N N 382 
# 
loop_
_chem_comp_bond.comp_id 
_chem_comp_bond.atom_id_1 
_chem_comp_bond.atom_id_2 
_chem_comp_bond.value_order 
_chem_comp_bond.pdbx_aromatic_flag 
_chem_comp_bond.pdbx_stereo_config 
_chem_comp_bond.pdbx_ordinal 
ALA N   CA   sing N N 1   
ALA N   H    sing N N 2   
ALA N   H2   sing N N 3   
ALA CA  C    sing N N 4   
ALA CA  CB   sing N N 5   
ALA CA  HA   sing N N 6   
ALA C   O    doub N N 7   
ALA C   OXT  sing N N 8   
ALA CB  HB1  sing N N 9   
ALA CB  HB2  sing N N 10  
ALA CB  HB3  sing N N 11  
ALA OXT HXT  sing N N 12  
ARG N   CA   sing N N 13  
ARG N   H    sing N N 14  
ARG N   H2   sing N N 15  
ARG CA  C    sing N N 16  
ARG CA  CB   sing N N 17  
ARG CA  HA   sing N N 18  
ARG C   O    doub N N 19  
ARG C   OXT  sing N N 20  
ARG CB  CG   sing N N 21  
ARG CB  HB2  sing N N 22  
ARG CB  HB3  sing N N 23  
ARG CG  CD   sing N N 24  
ARG CG  HG2  sing N N 25  
ARG CG  HG3  sing N N 26  
ARG CD  NE   sing N N 27  
ARG CD  HD2  sing N N 28  
ARG CD  HD3  sing N N 29  
ARG NE  CZ   sing N N 30  
ARG NE  HE   sing N N 31  
ARG CZ  NH1  sing N N 32  
ARG CZ  NH2  doub N N 33  
ARG NH1 HH11 sing N N 34  
ARG NH1 HH12 sing N N 35  
ARG NH2 HH21 sing N N 36  
ARG NH2 HH22 sing N N 37  
ARG OXT HXT  sing N N 38  
ASN N   CA   sing N N 39  
ASN N   H    sing N N 40  
ASN N   H2   sing N N 41  
ASN CA  C    sing N N 42  
ASN CA  CB   sing N N 43  
ASN CA  HA   sing N N 44  
ASN C   O    doub N N 45  
ASN C   OXT  sing N N 46  
ASN CB  CG   sing N N 47  
ASN CB  HB2  sing N N 48  
ASN CB  HB3  sing N N 49  
ASN CG  OD1  doub N N 50  
ASN CG  ND2  sing N N 51  
ASN ND2 HD21 sing N N 52  
ASN ND2 HD22 sing N N 53  
ASN OXT HXT  sing N N 54  
ASP N   CA   sing N N 55  
ASP N   H    sing N N 56  
ASP N   H2   sing N N 57  
ASP CA  C    sing N N 58  
ASP CA  CB   sing N N 59  
ASP CA  HA   sing N N 60  
ASP C   O    doub N N 61  
ASP C   OXT  sing N N 62  
ASP CB  CG   sing N N 63  
ASP CB  HB2  sing N N 64  
ASP CB  HB3  sing N N 65  
ASP CG  OD1  doub N N 66  
ASP CG  OD2  sing N N 67  
ASP OD2 HD2  sing N N 68  
ASP OXT HXT  sing N N 69  
GLN N   CA   sing N N 70  
GLN N   H    sing N N 71  
GLN N   H2   sing N N 72  
GLN CA  C    sing N N 73  
GLN CA  CB   sing N N 74  
GLN CA  HA   sing N N 75  
GLN C   O    doub N N 76  
GLN C   OXT  sing N N 77  
GLN CB  CG   sing N N 78  
GLN CB  HB2  sing N N 79  
GLN CB  HB3  sing N N 80  
GLN CG  CD   sing N N 81  
GLN CG  HG2  sing N N 82  
GLN CG  HG3  sing N N 83  
GLN CD  OE1  doub N N 84  
GLN CD  NE2  sing N N 85  
GLN NE2 HE21 sing N N 86  
GLN NE2 HE22 sing N N 87  
GLN OXT HXT  sing N N 88  
GLU N   CA   sing N N 89  
GLU N   H    sing N N 90  
GLU N   H2   sing N N 91  
GLU CA  C    sing N N 92  
GLU CA  CB   sing N N 93  
GLU CA  HA   sing N N 94  
GLU C   O    doub N N 95  
GLU C   OXT  sing N N 96  
GLU CB  CG   sing N N 97  
GLU CB  HB2  sing N N 98  
GLU CB  HB3  sing N N 99  
GLU CG  CD   sing N N 100 
GLU CG  HG2  sing N N 101 
GLU CG  HG3  sing N N 102 
GLU CD  OE1  doub N N 103 
GLU CD  OE2  sing N N 104 
GLU OE2 HE2  sing N N 105 
GLU OXT HXT  sing N N 106 
GLY N   CA   sing N N 107 
GLY N   H    sing N N 108 
GLY N   H2   sing N N 109 
GLY CA  C    sing N N 110 
GLY CA  HA2  sing N N 111 
GLY CA  HA3  sing N N 112 
GLY C   O    doub N N 113 
GLY C   OXT  sing N N 114 
GLY OXT HXT  sing N N 115 
HIS N   CA   sing N N 116 
HIS N   H    sing N N 117 
HIS N   H2   sing N N 118 
HIS CA  C    sing N N 119 
HIS CA  CB   sing N N 120 
HIS CA  HA   sing N N 121 
HIS C   O    doub N N 122 
HIS C   OXT  sing N N 123 
HIS CB  CG   sing N N 124 
HIS CB  HB2  sing N N 125 
HIS CB  HB3  sing N N 126 
HIS CG  ND1  sing Y N 127 
HIS CG  CD2  doub Y N 128 
HIS ND1 CE1  doub Y N 129 
HIS ND1 HD1  sing N N 130 
HIS CD2 NE2  sing Y N 131 
HIS CD2 HD2  sing N N 132 
HIS CE1 NE2  sing Y N 133 
HIS CE1 HE1  sing N N 134 
HIS NE2 HE2  sing N N 135 
HIS OXT HXT  sing N N 136 
HOH O   H1   sing N N 137 
HOH O   H2   sing N N 138 
ILE N   CA   sing N N 139 
ILE N   H    sing N N 140 
ILE N   H2   sing N N 141 
ILE CA  C    sing N N 142 
ILE CA  CB   sing N N 143 
ILE CA  HA   sing N N 144 
ILE C   O    doub N N 145 
ILE C   OXT  sing N N 146 
ILE CB  CG1  sing N N 147 
ILE CB  CG2  sing N N 148 
ILE CB  HB   sing N N 149 
ILE CG1 CD1  sing N N 150 
ILE CG1 HG12 sing N N 151 
ILE CG1 HG13 sing N N 152 
ILE CG2 HG21 sing N N 153 
ILE CG2 HG22 sing N N 154 
ILE CG2 HG23 sing N N 155 
ILE CD1 HD11 sing N N 156 
ILE CD1 HD12 sing N N 157 
ILE CD1 HD13 sing N N 158 
ILE OXT HXT  sing N N 159 
LEU N   CA   sing N N 160 
LEU N   H    sing N N 161 
LEU N   H2   sing N N 162 
LEU CA  C    sing N N 163 
LEU CA  CB   sing N N 164 
LEU CA  HA   sing N N 165 
LEU C   O    doub N N 166 
LEU C   OXT  sing N N 167 
LEU CB  CG   sing N N 168 
LEU CB  HB2  sing N N 169 
LEU CB  HB3  sing N N 170 
LEU CG  CD1  sing N N 171 
LEU CG  CD2  sing N N 172 
LEU CG  HG   sing N N 173 
LEU CD1 HD11 sing N N 174 
LEU CD1 HD12 sing N N 175 
LEU CD1 HD13 sing N N 176 
LEU CD2 HD21 sing N N 177 
LEU CD2 HD22 sing N N 178 
LEU CD2 HD23 sing N N 179 
LEU OXT HXT  sing N N 180 
LYS N   CA   sing N N 181 
LYS N   H    sing N N 182 
LYS N   H2   sing N N 183 
LYS CA  C    sing N N 184 
LYS CA  CB   sing N N 185 
LYS CA  HA   sing N N 186 
LYS C   O    doub N N 187 
LYS C   OXT  sing N N 188 
LYS CB  CG   sing N N 189 
LYS CB  HB2  sing N N 190 
LYS CB  HB3  sing N N 191 
LYS CG  CD   sing N N 192 
LYS CG  HG2  sing N N 193 
LYS CG  HG3  sing N N 194 
LYS CD  CE   sing N N 195 
LYS CD  HD2  sing N N 196 
LYS CD  HD3  sing N N 197 
LYS CE  NZ   sing N N 198 
LYS CE  HE2  sing N N 199 
LYS CE  HE3  sing N N 200 
LYS NZ  HZ1  sing N N 201 
LYS NZ  HZ2  sing N N 202 
LYS NZ  HZ3  sing N N 203 
LYS OXT HXT  sing N N 204 
MET N   CA   sing N N 205 
MET N   H    sing N N 206 
MET N   H2   sing N N 207 
MET CA  C    sing N N 208 
MET CA  CB   sing N N 209 
MET CA  HA   sing N N 210 
MET C   O    doub N N 211 
MET C   OXT  sing N N 212 
MET CB  CG   sing N N 213 
MET CB  HB2  sing N N 214 
MET CB  HB3  sing N N 215 
MET CG  SD   sing N N 216 
MET CG  HG2  sing N N 217 
MET CG  HG3  sing N N 218 
MET SD  CE   sing N N 219 
MET CE  HE1  sing N N 220 
MET CE  HE2  sing N N 221 
MET CE  HE3  sing N N 222 
MET OXT HXT  sing N N 223 
PHE N   CA   sing N N 224 
PHE N   H    sing N N 225 
PHE N   H2   sing N N 226 
PHE CA  C    sing N N 227 
PHE CA  CB   sing N N 228 
PHE CA  HA   sing N N 229 
PHE C   O    doub N N 230 
PHE C   OXT  sing N N 231 
PHE CB  CG   sing N N 232 
PHE CB  HB2  sing N N 233 
PHE CB  HB3  sing N N 234 
PHE CG  CD1  doub Y N 235 
PHE CG  CD2  sing Y N 236 
PHE CD1 CE1  sing Y N 237 
PHE CD1 HD1  sing N N 238 
PHE CD2 CE2  doub Y N 239 
PHE CD2 HD2  sing N N 240 
PHE CE1 CZ   doub Y N 241 
PHE CE1 HE1  sing N N 242 
PHE CE2 CZ   sing Y N 243 
PHE CE2 HE2  sing N N 244 
PHE CZ  HZ   sing N N 245 
PHE OXT HXT  sing N N 246 
PRO N   CA   sing N N 247 
PRO N   CD   sing N N 248 
PRO N   H    sing N N 249 
PRO CA  C    sing N N 250 
PRO CA  CB   sing N N 251 
PRO CA  HA   sing N N 252 
PRO C   O    doub N N 253 
PRO C   OXT  sing N N 254 
PRO CB  CG   sing N N 255 
PRO CB  HB2  sing N N 256 
PRO CB  HB3  sing N N 257 
PRO CG  CD   sing N N 258 
PRO CG  HG2  sing N N 259 
PRO CG  HG3  sing N N 260 
PRO CD  HD2  sing N N 261 
PRO CD  HD3  sing N N 262 
PRO OXT HXT  sing N N 263 
SER N   CA   sing N N 264 
SER N   H    sing N N 265 
SER N   H2   sing N N 266 
SER CA  C    sing N N 267 
SER CA  CB   sing N N 268 
SER CA  HA   sing N N 269 
SER C   O    doub N N 270 
SER C   OXT  sing N N 271 
SER CB  OG   sing N N 272 
SER CB  HB2  sing N N 273 
SER CB  HB3  sing N N 274 
SER OG  HG   sing N N 275 
SER OXT HXT  sing N N 276 
SO4 S   O1   doub N N 277 
SO4 S   O2   doub N N 278 
SO4 S   O3   sing N N 279 
SO4 S   O4   sing N N 280 
THR N   CA   sing N N 281 
THR N   H    sing N N 282 
THR N   H2   sing N N 283 
THR CA  C    sing N N 284 
THR CA  CB   sing N N 285 
THR CA  HA   sing N N 286 
THR C   O    doub N N 287 
THR C   OXT  sing N N 288 
THR CB  OG1  sing N N 289 
THR CB  CG2  sing N N 290 
THR CB  HB   sing N N 291 
THR OG1 HG1  sing N N 292 
THR CG2 HG21 sing N N 293 
THR CG2 HG22 sing N N 294 
THR CG2 HG23 sing N N 295 
THR OXT HXT  sing N N 296 
TRP N   CA   sing N N 297 
TRP N   H    sing N N 298 
TRP N   H2   sing N N 299 
TRP CA  C    sing N N 300 
TRP CA  CB   sing N N 301 
TRP CA  HA   sing N N 302 
TRP C   O    doub N N 303 
TRP C   OXT  sing N N 304 
TRP CB  CG   sing N N 305 
TRP CB  HB2  sing N N 306 
TRP CB  HB3  sing N N 307 
TRP CG  CD1  doub Y N 308 
TRP CG  CD2  sing Y N 309 
TRP CD1 NE1  sing Y N 310 
TRP CD1 HD1  sing N N 311 
TRP CD2 CE2  doub Y N 312 
TRP CD2 CE3  sing Y N 313 
TRP NE1 CE2  sing Y N 314 
TRP NE1 HE1  sing N N 315 
TRP CE2 CZ2  sing Y N 316 
TRP CE3 CZ3  doub Y N 317 
TRP CE3 HE3  sing N N 318 
TRP CZ2 CH2  doub Y N 319 
TRP CZ2 HZ2  sing N N 320 
TRP CZ3 CH2  sing Y N 321 
TRP CZ3 HZ3  sing N N 322 
TRP CH2 HH2  sing N N 323 
TRP OXT HXT  sing N N 324 
TYR N   CA   sing N N 325 
TYR N   H    sing N N 326 
TYR N   H2   sing N N 327 
TYR CA  C    sing N N 328 
TYR CA  CB   sing N N 329 
TYR CA  HA   sing N N 330 
TYR C   O    doub N N 331 
TYR C   OXT  sing N N 332 
TYR CB  CG   sing N N 333 
TYR CB  HB2  sing N N 334 
TYR CB  HB3  sing N N 335 
TYR CG  CD1  doub Y N 336 
TYR CG  CD2  sing Y N 337 
TYR CD1 CE1  sing Y N 338 
TYR CD1 HD1  sing N N 339 
TYR CD2 CE2  doub Y N 340 
TYR CD2 HD2  sing N N 341 
TYR CE1 CZ   doub Y N 342 
TYR CE1 HE1  sing N N 343 
TYR CE2 CZ   sing Y N 344 
TYR CE2 HE2  sing N N 345 
TYR CZ  OH   sing N N 346 
TYR OH  HH   sing N N 347 
TYR OXT HXT  sing N N 348 
VAL N   CA   sing N N 349 
VAL N   H    sing N N 350 
VAL N   H2   sing N N 351 
VAL CA  C    sing N N 352 
VAL CA  CB   sing N N 353 
VAL CA  HA   sing N N 354 
VAL C   O    doub N N 355 
VAL C   OXT  sing N N 356 
VAL CB  CG1  sing N N 357 
VAL CB  CG2  sing N N 358 
VAL CB  HB   sing N N 359 
VAL CG1 HG11 sing N N 360 
VAL CG1 HG12 sing N N 361 
VAL CG1 HG13 sing N N 362 
VAL CG2 HG21 sing N N 363 
VAL CG2 HG22 sing N N 364 
VAL CG2 HG23 sing N N 365 
VAL OXT HXT  sing N N 366 
# 
loop_
_pdbx_entity_nonpoly.entity_id 
_pdbx_entity_nonpoly.name 
_pdbx_entity_nonpoly.comp_id 
2 'MANGANESE (II) ION' MN  
3 'SULFATE ION'        SO4 
4 water                HOH 
# 
_pdbx_initial_refinement_model.id               1 
_pdbx_initial_refinement_model.entity_id_list   ? 
_pdbx_initial_refinement_model.type             'experimental model' 
_pdbx_initial_refinement_model.source_name      PDB 
_pdbx_initial_refinement_model.accession_code   1ON1 
_pdbx_initial_refinement_model.details          'PDB ENTRY 1ON1' 
# 
